data_2CR3
#
_entry.id   2CR3
#
_entity_poly.entity_id   1
_entity_poly.type   'polypeptide(L)'
_entity_poly.pdbx_seq_one_letter_code
;GSSGSSGVEVESFLVHPGDLLQLRCRLRDDVQSINWLRDGVQLAESNRTRITGEEVEVQDSVPADSGLYACVTSSPSGSD
TTYFSVNVSDALPSGPSSG
;
_entity_poly.pdbx_strand_id   A
#
# COMPACT_ATOMS: atom_id res chain seq x y z
N GLY A 1 7.20 -23.96 -8.99
CA GLY A 1 6.95 -22.72 -9.69
C GLY A 1 7.39 -22.77 -11.14
N SER A 2 6.41 -22.87 -12.04
CA SER A 2 6.71 -22.93 -13.48
C SER A 2 7.35 -21.64 -13.95
N SER A 3 8.01 -21.70 -15.12
CA SER A 3 8.67 -20.53 -15.68
C SER A 3 7.69 -19.37 -15.83
N GLY A 4 8.22 -18.16 -15.84
CA GLY A 4 7.38 -16.98 -15.97
C GLY A 4 7.70 -15.92 -14.95
N SER A 5 7.19 -14.71 -15.17
CA SER A 5 7.43 -13.60 -14.25
C SER A 5 6.12 -12.99 -13.79
N SER A 6 5.01 -13.67 -14.08
CA SER A 6 3.69 -13.20 -13.70
C SER A 6 3.11 -14.06 -12.58
N GLY A 7 3.17 -13.54 -11.35
CA GLY A 7 2.65 -14.28 -10.21
C GLY A 7 1.64 -13.47 -9.42
N VAL A 8 1.97 -12.21 -9.16
CA VAL A 8 1.09 -11.33 -8.40
C VAL A 8 1.07 -9.91 -8.99
N GLU A 9 0.15 -9.09 -8.52
CA GLU A 9 0.02 -7.73 -9.01
C GLU A 9 0.54 -6.73 -7.97
N VAL A 10 1.64 -6.06 -8.31
CA VAL A 10 2.23 -5.08 -7.41
C VAL A 10 1.94 -3.65 -7.86
N GLU A 11 0.86 -3.09 -7.35
CA GLU A 11 0.46 -1.73 -7.71
C GLU A 11 1.54 -0.72 -7.32
N SER A 12 2.13 -0.08 -8.32
CA SER A 12 3.18 0.91 -8.07
C SER A 12 2.58 2.27 -7.75
N PHE A 13 3.31 3.05 -6.95
CA PHE A 13 2.85 4.38 -6.57
C PHE A 13 4.03 5.36 -6.47
N LEU A 14 3.72 6.64 -6.50
CA LEU A 14 4.76 7.68 -6.42
C LEU A 14 4.21 8.94 -5.76
N VAL A 15 4.90 9.40 -4.72
CA VAL A 15 4.49 10.60 -4.00
C VAL A 15 5.69 11.35 -3.46
N HIS A 16 5.43 12.41 -2.69
CA HIS A 16 6.49 13.22 -2.11
C HIS A 16 6.21 13.51 -0.63
N PRO A 17 7.21 14.06 0.06
CA PRO A 17 7.10 14.40 1.49
C PRO A 17 6.15 15.56 1.73
N GLY A 18 4.89 15.25 2.01
CA GLY A 18 3.90 16.27 2.26
C GLY A 18 2.58 16.01 1.57
N ASP A 19 2.56 14.97 0.73
CA ASP A 19 1.36 14.60 0.00
C ASP A 19 0.51 13.62 0.80
N LEU A 20 -0.55 13.12 0.17
CA LEU A 20 -1.44 12.17 0.83
C LEU A 20 -1.32 10.78 0.20
N LEU A 21 -0.71 9.86 0.94
CA LEU A 21 -0.52 8.49 0.46
C LEU A 21 -1.80 7.68 0.65
N GLN A 22 -2.53 7.49 -0.44
CA GLN A 22 -3.77 6.73 -0.39
C GLN A 22 -3.62 5.39 -1.11
N LEU A 23 -4.08 4.32 -0.48
CA LEU A 23 -3.99 2.98 -1.06
C LEU A 23 -5.35 2.29 -1.05
N ARG A 24 -5.48 1.23 -1.84
CA ARG A 24 -6.73 0.49 -1.92
C ARG A 24 -6.46 -1.01 -1.98
N CYS A 25 -7.29 -1.79 -1.30
CA CYS A 25 -7.15 -3.24 -1.28
C CYS A 25 -8.31 -3.91 -2.00
N ARG A 26 -7.98 -4.75 -2.99
CA ARG A 26 -9.00 -5.45 -3.75
C ARG A 26 -9.70 -6.51 -2.89
N LEU A 27 -10.97 -6.28 -2.61
CA LEU A 27 -11.75 -7.21 -1.80
C LEU A 27 -12.67 -8.05 -2.67
N ARG A 28 -13.30 -9.05 -2.06
CA ARG A 28 -14.21 -9.94 -2.78
C ARG A 28 -15.58 -9.97 -2.12
N ASP A 29 -16.47 -10.81 -2.64
CA ASP A 29 -17.81 -10.94 -2.10
C ASP A 29 -17.83 -11.91 -0.92
N ASP A 30 -16.75 -12.64 -0.75
CA ASP A 30 -16.64 -13.62 0.34
C ASP A 30 -15.78 -13.05 1.48
N VAL A 31 -14.82 -12.22 1.12
CA VAL A 31 -13.92 -11.62 2.11
C VAL A 31 -14.66 -11.33 3.41
N GLN A 32 -13.97 -11.51 4.53
CA GLN A 32 -14.56 -11.26 5.84
C GLN A 32 -13.77 -10.21 6.61
N SER A 33 -12.45 -10.21 6.43
CA SER A 33 -11.58 -9.25 7.10
C SER A 33 -10.42 -8.83 6.20
N ILE A 34 -9.57 -7.95 6.71
CA ILE A 34 -8.43 -7.47 5.95
C ILE A 34 -7.22 -7.26 6.86
N ASN A 35 -6.03 -7.59 6.34
CA ASN A 35 -4.80 -7.43 7.09
C ASN A 35 -3.79 -6.58 6.34
N TRP A 36 -3.51 -5.38 6.86
CA TRP A 36 -2.57 -4.47 6.22
C TRP A 36 -1.15 -4.75 6.68
N LEU A 37 -0.23 -4.85 5.73
CA LEU A 37 1.17 -5.13 6.05
C LEU A 37 2.09 -4.14 5.32
N ARG A 38 3.35 -4.08 5.76
CA ARG A 38 4.33 -3.19 5.15
C ARG A 38 5.74 -3.73 5.32
N ASP A 39 6.39 -4.07 4.21
CA ASP A 39 7.73 -4.60 4.25
C ASP A 39 7.80 -5.90 5.05
N GLY A 40 6.67 -6.59 5.12
CA GLY A 40 6.62 -7.84 5.86
C GLY A 40 6.34 -7.64 7.34
N VAL A 41 5.40 -6.74 7.64
CA VAL A 41 5.05 -6.45 9.02
C VAL A 41 3.67 -5.80 9.11
N GLN A 42 2.97 -6.07 10.21
CA GLN A 42 1.64 -5.52 10.42
C GLN A 42 1.67 -3.99 10.35
N LEU A 43 0.82 -3.42 9.51
CA LEU A 43 0.75 -1.97 9.37
C LEU A 43 -0.04 -1.34 10.50
N ALA A 44 0.28 -0.10 10.83
CA ALA A 44 -0.41 0.63 11.89
C ALA A 44 -0.82 2.02 11.44
N GLU A 45 -1.82 2.59 12.11
CA GLU A 45 -2.31 3.92 11.77
C GLU A 45 -1.78 4.96 12.76
N SER A 46 -1.84 6.22 12.36
CA SER A 46 -1.37 7.31 13.21
C SER A 46 -1.97 8.64 12.77
N ASN A 47 -1.61 9.72 13.47
CA ASN A 47 -2.11 11.04 13.15
C ASN A 47 -2.18 11.25 11.65
N ARG A 48 -1.22 10.69 10.93
CA ARG A 48 -1.17 10.82 9.48
C ARG A 48 -1.76 9.58 8.80
N THR A 49 -1.23 8.41 9.15
CA THR A 49 -1.69 7.15 8.58
C THR A 49 -3.10 6.83 9.05
N ARG A 50 -3.91 6.30 8.14
CA ARG A 50 -5.30 5.94 8.46
C ARG A 50 -5.72 4.68 7.70
N ILE A 51 -5.97 3.61 8.44
CA ILE A 51 -6.40 2.36 7.84
C ILE A 51 -7.89 2.14 7.98
N THR A 52 -8.63 2.36 6.89
CA THR A 52 -10.07 2.20 6.91
C THR A 52 -10.47 0.77 6.57
N GLY A 53 -9.52 -0.16 6.74
CA GLY A 53 -9.79 -1.55 6.45
C GLY A 53 -9.20 -2.00 5.13
N GLU A 54 -9.74 -1.46 4.03
CA GLU A 54 -9.26 -1.80 2.71
C GLU A 54 -8.66 -0.58 2.00
N GLU A 55 -8.63 0.55 2.72
CA GLU A 55 -8.09 1.78 2.16
C GLU A 55 -7.22 2.50 3.19
N VAL A 56 -5.97 2.75 2.84
CA VAL A 56 -5.04 3.45 3.74
C VAL A 56 -4.84 4.89 3.31
N GLU A 57 -4.56 5.75 4.28
CA GLU A 57 -4.35 7.17 4.01
C GLU A 57 -3.33 7.76 4.99
N VAL A 58 -2.24 8.28 4.45
CA VAL A 58 -1.18 8.88 5.27
C VAL A 58 -0.94 10.33 4.88
N GLN A 59 -1.42 11.25 5.70
CA GLN A 59 -1.25 12.68 5.43
C GLN A 59 0.21 13.10 5.61
N ASP A 60 0.66 14.02 4.77
CA ASP A 60 2.04 14.50 4.83
C ASP A 60 3.02 13.34 4.74
N SER A 61 2.75 12.40 3.85
CA SER A 61 3.60 11.24 3.67
C SER A 61 5.08 11.64 3.72
N VAL A 62 5.95 10.65 3.91
CA VAL A 62 7.39 10.90 3.98
C VAL A 62 8.17 9.75 3.34
N PRO A 63 9.44 10.03 3.00
CA PRO A 63 10.32 9.05 2.37
C PRO A 63 10.73 7.94 3.35
N ALA A 64 10.17 7.99 4.55
CA ALA A 64 10.47 6.99 5.57
C ALA A 64 9.32 6.00 5.72
N ASP A 65 8.15 6.39 5.23
CA ASP A 65 6.97 5.53 5.32
C ASP A 65 6.86 4.64 4.08
N SER A 66 7.53 5.03 3.01
CA SER A 66 7.50 4.28 1.76
C SER A 66 7.81 2.81 2.01
N GLY A 67 7.53 1.97 1.02
CA GLY A 67 7.79 0.55 1.15
C GLY A 67 6.85 -0.29 0.30
N LEU A 68 6.71 -1.56 0.67
CA LEU A 68 5.84 -2.47 -0.06
C LEU A 68 4.67 -2.94 0.81
N TYR A 69 3.52 -2.29 0.63
CA TYR A 69 2.34 -2.63 1.41
C TYR A 69 1.66 -3.87 0.85
N ALA A 70 1.13 -4.71 1.74
CA ALA A 70 0.46 -5.94 1.33
C ALA A 70 -0.80 -6.16 2.16
N CYS A 71 -1.94 -6.17 1.47
CA CYS A 71 -3.23 -6.36 2.14
C CYS A 71 -3.70 -7.80 1.97
N VAL A 72 -4.00 -8.45 3.09
CA VAL A 72 -4.47 -9.84 3.07
C VAL A 72 -5.89 -9.94 3.62
N THR A 73 -6.81 -10.42 2.78
CA THR A 73 -8.20 -10.57 3.19
C THR A 73 -8.50 -12.01 3.57
N SER A 74 -9.09 -12.20 4.76
CA SER A 74 -9.43 -13.53 5.23
C SER A 74 -10.82 -13.93 4.75
N SER A 75 -10.88 -15.01 3.97
CA SER A 75 -12.15 -15.50 3.43
C SER A 75 -12.32 -16.99 3.73
N PRO A 76 -13.58 -17.44 3.80
CA PRO A 76 -13.91 -18.84 4.08
C PRO A 76 -13.54 -19.75 2.92
N SER A 77 -12.94 -19.18 1.88
CA SER A 77 -12.55 -19.95 0.70
C SER A 77 -11.04 -19.86 0.47
N GLY A 78 -10.39 -19.01 1.27
CA GLY A 78 -8.95 -18.84 1.14
C GLY A 78 -8.47 -17.52 1.69
N SER A 79 -7.46 -16.94 1.05
CA SER A 79 -6.91 -15.67 1.48
C SER A 79 -6.15 -14.98 0.35
N ASP A 80 -6.68 -13.85 -0.12
CA ASP A 80 -6.05 -13.11 -1.21
C ASP A 80 -5.01 -12.15 -0.67
N THR A 81 -4.19 -11.60 -1.57
CA THR A 81 -3.15 -10.66 -1.17
C THR A 81 -2.90 -9.63 -2.27
N THR A 82 -2.73 -8.37 -1.87
CA THR A 82 -2.49 -7.29 -2.82
C THR A 82 -1.30 -6.45 -2.39
N TYR A 83 -0.28 -6.39 -3.25
CA TYR A 83 0.93 -5.63 -2.95
C TYR A 83 0.82 -4.22 -3.53
N PHE A 84 1.57 -3.29 -2.94
CA PHE A 84 1.57 -1.90 -3.39
C PHE A 84 2.93 -1.25 -3.18
N SER A 85 3.63 -1.01 -4.29
CA SER A 85 4.95 -0.40 -4.23
C SER A 85 4.85 1.11 -4.14
N VAL A 86 5.05 1.65 -2.94
CA VAL A 86 4.97 3.09 -2.73
C VAL A 86 6.37 3.72 -2.72
N ASN A 87 6.43 4.99 -3.08
CA ASN A 87 7.70 5.70 -3.11
C ASN A 87 7.50 7.20 -2.84
N VAL A 88 7.87 7.62 -1.63
CA VAL A 88 7.73 9.02 -1.23
C VAL A 88 9.05 9.75 -1.35
N SER A 89 9.08 10.78 -2.20
CA SER A 89 10.29 11.58 -2.40
C SER A 89 9.95 12.92 -3.04
N ASP A 90 10.68 13.96 -2.65
CA ASP A 90 10.46 15.29 -3.18
C ASP A 90 10.67 15.32 -4.69
N ALA A 91 11.28 14.25 -5.22
CA ALA A 91 11.54 14.15 -6.64
C ALA A 91 10.28 13.81 -7.41
N LEU A 92 9.77 14.79 -8.16
CA LEU A 92 8.56 14.60 -8.95
C LEU A 92 8.68 15.27 -10.31
N PRO A 93 7.97 14.73 -11.31
CA PRO A 93 7.98 15.25 -12.68
C PRO A 93 7.28 16.61 -12.78
N SER A 94 6.61 17.01 -11.70
CA SER A 94 5.90 18.27 -11.67
C SER A 94 6.62 19.28 -10.78
N GLY A 95 6.94 20.45 -11.33
CA GLY A 95 7.62 21.47 -10.57
C GLY A 95 7.16 22.86 -10.94
N PRO A 96 6.00 23.27 -10.41
CA PRO A 96 5.43 24.60 -10.67
C PRO A 96 6.23 25.72 -10.02
N SER A 97 7.00 25.37 -9.01
CA SER A 97 7.82 26.34 -8.29
C SER A 97 9.28 26.24 -8.71
N SER A 98 9.81 27.33 -9.24
CA SER A 98 11.20 27.36 -9.69
C SER A 98 11.63 28.79 -10.04
N GLY A 99 12.91 29.08 -9.81
CA GLY A 99 13.43 30.40 -10.11
C GLY A 99 14.94 30.45 -10.17
N GLY A 1 -2.18 -19.17 -1.07
CA GLY A 1 -1.57 -20.38 -1.57
C GLY A 1 -1.47 -20.39 -3.09
N SER A 2 -0.45 -21.09 -3.60
CA SER A 2 -0.24 -21.17 -5.04
C SER A 2 -0.24 -22.62 -5.51
N SER A 3 -1.42 -23.09 -5.91
CA SER A 3 -1.57 -24.46 -6.38
C SER A 3 -1.04 -24.61 -7.79
N GLY A 4 -1.59 -23.83 -8.72
CA GLY A 4 -1.16 -23.89 -10.10
C GLY A 4 -1.07 -22.52 -10.75
N SER A 5 -0.49 -21.57 -10.02
CA SER A 5 -0.35 -20.21 -10.52
C SER A 5 0.68 -19.44 -9.71
N SER A 6 1.73 -18.96 -10.39
CA SER A 6 2.80 -18.21 -9.74
C SER A 6 2.88 -16.80 -10.29
N GLY A 7 2.65 -15.81 -9.42
CA GLY A 7 2.70 -14.43 -9.85
C GLY A 7 1.64 -13.58 -9.18
N VAL A 8 2.05 -12.42 -8.67
CA VAL A 8 1.12 -11.52 -8.00
C VAL A 8 1.18 -10.12 -8.60
N GLU A 9 0.18 -9.30 -8.30
CA GLU A 9 0.12 -7.94 -8.81
C GLU A 9 0.63 -6.94 -7.77
N VAL A 10 1.65 -6.17 -8.13
CA VAL A 10 2.22 -5.19 -7.23
C VAL A 10 1.96 -3.77 -7.74
N GLU A 11 0.86 -3.18 -7.29
CA GLU A 11 0.50 -1.83 -7.70
C GLU A 11 1.58 -0.83 -7.29
N SER A 12 2.13 -0.14 -8.27
CA SER A 12 3.17 0.85 -8.03
C SER A 12 2.58 2.21 -7.70
N PHE A 13 3.32 3.01 -6.93
CA PHE A 13 2.85 4.34 -6.55
C PHE A 13 4.03 5.30 -6.41
N LEU A 14 3.76 6.59 -6.55
CA LEU A 14 4.79 7.62 -6.44
C LEU A 14 4.23 8.88 -5.79
N VAL A 15 4.92 9.36 -4.76
CA VAL A 15 4.50 10.56 -4.05
C VAL A 15 5.70 11.32 -3.50
N HIS A 16 5.42 12.39 -2.75
CA HIS A 16 6.48 13.20 -2.17
C HIS A 16 6.20 13.49 -0.69
N PRO A 17 7.19 14.06 0.00
CA PRO A 17 7.07 14.38 1.43
C PRO A 17 6.11 15.55 1.67
N GLY A 18 4.86 15.21 1.97
CA GLY A 18 3.85 16.24 2.23
C GLY A 18 2.55 15.95 1.52
N ASP A 19 2.56 14.99 0.61
CA ASP A 19 1.37 14.63 -0.14
C ASP A 19 0.50 13.66 0.67
N LEU A 20 -0.56 13.15 0.04
CA LEU A 20 -1.46 12.21 0.69
C LEU A 20 -1.36 10.83 0.08
N LEU A 21 -0.79 9.89 0.83
CA LEU A 21 -0.62 8.52 0.36
C LEU A 21 -1.90 7.72 0.56
N GLN A 22 -2.63 7.48 -0.52
CA GLN A 22 -3.88 6.73 -0.46
C GLN A 22 -3.73 5.37 -1.15
N LEU A 23 -4.16 4.32 -0.46
CA LEU A 23 -4.07 2.96 -1.00
C LEU A 23 -5.43 2.27 -0.97
N ARG A 24 -5.52 1.14 -1.64
CA ARG A 24 -6.77 0.37 -1.70
C ARG A 24 -6.49 -1.12 -1.78
N CYS A 25 -7.34 -1.91 -1.14
CA CYS A 25 -7.19 -3.36 -1.13
C CYS A 25 -8.38 -4.03 -1.81
N ARG A 26 -8.11 -4.70 -2.93
CA ARG A 26 -9.15 -5.39 -3.68
C ARG A 26 -9.84 -6.44 -2.82
N LEU A 27 -11.10 -6.20 -2.48
CA LEU A 27 -11.86 -7.13 -1.65
C LEU A 27 -12.77 -8.00 -2.51
N ARG A 28 -13.46 -8.94 -1.88
CA ARG A 28 -14.37 -9.83 -2.59
C ARG A 28 -15.72 -9.91 -1.87
N ASP A 29 -16.65 -10.64 -2.47
CA ASP A 29 -17.98 -10.80 -1.89
C ASP A 29 -17.95 -11.80 -0.74
N ASP A 30 -16.84 -12.51 -0.61
CA ASP A 30 -16.69 -13.50 0.45
C ASP A 30 -15.81 -12.97 1.57
N VAL A 31 -14.86 -12.11 1.22
CA VAL A 31 -13.94 -11.53 2.19
C VAL A 31 -14.63 -11.32 3.53
N GLN A 32 -13.91 -11.57 4.61
CA GLN A 32 -14.45 -11.40 5.95
C GLN A 32 -13.66 -10.35 6.74
N SER A 33 -12.36 -10.29 6.48
CA SER A 33 -11.49 -9.34 7.17
C SER A 33 -10.34 -8.90 6.27
N ILE A 34 -9.51 -8.00 6.77
CA ILE A 34 -8.36 -7.51 6.01
C ILE A 34 -7.14 -7.33 6.91
N ASN A 35 -5.98 -7.67 6.39
CA ASN A 35 -4.73 -7.55 7.14
C ASN A 35 -3.72 -6.70 6.39
N TRP A 36 -3.50 -5.47 6.87
CA TRP A 36 -2.57 -4.55 6.25
C TRP A 36 -1.15 -4.83 6.71
N LEU A 37 -0.21 -4.84 5.78
CA LEU A 37 1.19 -5.09 6.08
C LEU A 37 2.10 -4.12 5.34
N ARG A 38 3.33 -3.98 5.82
CA ARG A 38 4.30 -3.09 5.20
C ARG A 38 5.73 -3.62 5.39
N ASP A 39 6.35 -4.00 4.27
CA ASP A 39 7.71 -4.52 4.32
C ASP A 39 7.77 -5.81 5.12
N GLY A 40 6.65 -6.52 5.18
CA GLY A 40 6.60 -7.77 5.92
C GLY A 40 6.34 -7.56 7.40
N VAL A 41 5.43 -6.65 7.71
CA VAL A 41 5.10 -6.35 9.10
C VAL A 41 3.73 -5.68 9.21
N GLN A 42 3.00 -6.02 10.26
CA GLN A 42 1.67 -5.46 10.48
C GLN A 42 1.71 -3.93 10.39
N LEU A 43 0.82 -3.36 9.58
CA LEU A 43 0.75 -1.92 9.40
C LEU A 43 0.02 -1.27 10.56
N ALA A 44 0.42 -0.04 10.90
CA ALA A 44 -0.20 0.69 12.00
C ALA A 44 -0.65 2.07 11.53
N GLU A 45 -1.67 2.61 12.21
CA GLU A 45 -2.19 3.92 11.87
C GLU A 45 -1.66 4.99 12.82
N SER A 46 -1.63 6.24 12.35
CA SER A 46 -1.13 7.35 13.16
C SER A 46 -1.82 8.65 12.76
N ASN A 47 -1.44 9.75 13.41
CA ASN A 47 -2.01 11.05 13.13
C ASN A 47 -2.15 11.27 11.63
N ARG A 48 -1.21 10.72 10.86
CA ARG A 48 -1.24 10.86 9.42
C ARG A 48 -1.83 9.61 8.76
N THR A 49 -1.25 8.46 9.07
CA THR A 49 -1.73 7.20 8.51
C THR A 49 -3.13 6.87 9.00
N ARG A 50 -3.97 6.37 8.11
CA ARG A 50 -5.34 6.01 8.46
C ARG A 50 -5.79 4.76 7.69
N ILE A 51 -5.92 3.66 8.42
CA ILE A 51 -6.34 2.40 7.82
C ILE A 51 -7.84 2.16 8.02
N THR A 52 -8.61 2.35 6.96
CA THR A 52 -10.05 2.15 7.01
C THR A 52 -10.43 0.73 6.65
N GLY A 53 -9.51 -0.20 6.87
CA GLY A 53 -9.76 -1.59 6.56
C GLY A 53 -9.17 -2.02 5.23
N GLU A 54 -9.71 -1.48 4.14
CA GLU A 54 -9.23 -1.80 2.80
C GLU A 54 -8.71 -0.56 2.10
N GLU A 55 -8.62 0.55 2.84
CA GLU A 55 -8.13 1.80 2.29
C GLU A 55 -7.25 2.54 3.29
N VAL A 56 -5.99 2.74 2.93
CA VAL A 56 -5.04 3.43 3.79
C VAL A 56 -4.81 4.85 3.32
N GLU A 57 -4.71 5.78 4.27
CA GLU A 57 -4.48 7.19 3.95
C GLU A 57 -3.46 7.81 4.91
N VAL A 58 -2.34 8.25 4.36
CA VAL A 58 -1.29 8.88 5.17
C VAL A 58 -1.07 10.33 4.76
N GLN A 59 -1.48 11.25 5.62
CA GLN A 59 -1.31 12.68 5.34
C GLN A 59 0.14 13.10 5.50
N ASP A 60 0.59 14.01 4.65
CA ASP A 60 1.96 14.51 4.69
C ASP A 60 2.95 13.35 4.63
N SER A 61 2.68 12.39 3.75
CA SER A 61 3.55 11.23 3.60
C SER A 61 5.01 11.64 3.64
N VAL A 62 5.88 10.66 3.84
CA VAL A 62 7.32 10.91 3.91
C VAL A 62 8.11 9.76 3.29
N PRO A 63 9.37 10.04 2.95
CA PRO A 63 10.26 9.04 2.34
C PRO A 63 10.67 7.95 3.33
N ALA A 64 10.12 8.02 4.54
CA ALA A 64 10.42 7.04 5.57
C ALA A 64 9.27 6.05 5.74
N ASP A 65 8.09 6.43 5.26
CA ASP A 65 6.93 5.57 5.35
C ASP A 65 6.83 4.64 4.15
N SER A 66 7.45 5.05 3.05
CA SER A 66 7.43 4.25 1.82
C SER A 66 7.71 2.78 2.12
N GLY A 67 7.52 1.93 1.13
CA GLY A 67 7.75 0.51 1.31
C GLY A 67 6.83 -0.35 0.46
N LEU A 68 6.73 -1.63 0.80
CA LEU A 68 5.88 -2.55 0.06
C LEU A 68 4.68 -2.97 0.91
N TYR A 69 3.55 -2.32 0.68
CA TYR A 69 2.33 -2.62 1.43
C TYR A 69 1.67 -3.89 0.89
N ALA A 70 1.19 -4.72 1.80
CA ALA A 70 0.53 -5.97 1.41
C ALA A 70 -0.74 -6.19 2.22
N CYS A 71 -1.88 -6.22 1.54
CA CYS A 71 -3.16 -6.42 2.20
C CYS A 71 -3.64 -7.87 2.04
N VAL A 72 -3.93 -8.51 3.16
CA VAL A 72 -4.38 -9.90 3.15
C VAL A 72 -5.81 -10.01 3.67
N THR A 73 -6.72 -10.44 2.80
CA THR A 73 -8.13 -10.58 3.18
C THR A 73 -8.46 -12.03 3.51
N SER A 74 -9.06 -12.25 4.67
CA SER A 74 -9.43 -13.58 5.11
C SER A 74 -10.82 -13.96 4.61
N SER A 75 -10.88 -14.96 3.72
CA SER A 75 -12.14 -15.41 3.16
C SER A 75 -12.27 -16.93 3.26
N PRO A 76 -13.52 -17.41 3.33
CA PRO A 76 -13.81 -18.85 3.43
C PRO A 76 -13.48 -19.60 2.13
N SER A 77 -13.00 -18.86 1.14
CA SER A 77 -12.64 -19.45 -0.14
C SER A 77 -11.14 -19.41 -0.37
N GLY A 78 -10.44 -18.64 0.47
CA GLY A 78 -9.00 -18.53 0.35
C GLY A 78 -8.51 -17.11 0.58
N SER A 79 -7.53 -16.95 1.47
CA SER A 79 -6.98 -15.64 1.78
C SER A 79 -6.13 -15.12 0.63
N ASP A 80 -6.48 -13.94 0.13
CA ASP A 80 -5.76 -13.33 -0.98
C ASP A 80 -4.70 -12.36 -0.45
N THR A 81 -4.00 -11.72 -1.38
CA THR A 81 -2.94 -10.77 -1.02
C THR A 81 -2.71 -9.76 -2.12
N THR A 82 -2.63 -8.48 -1.75
CA THR A 82 -2.40 -7.41 -2.72
C THR A 82 -1.22 -6.54 -2.31
N TYR A 83 -0.20 -6.50 -3.17
CA TYR A 83 0.99 -5.70 -2.89
C TYR A 83 0.85 -4.30 -3.49
N PHE A 84 1.59 -3.35 -2.91
CA PHE A 84 1.56 -1.98 -3.38
C PHE A 84 2.91 -1.29 -3.19
N SER A 85 3.63 -1.10 -4.29
CA SER A 85 4.94 -0.48 -4.25
C SER A 85 4.81 1.04 -4.17
N VAL A 86 5.08 1.58 -2.98
CA VAL A 86 5.00 3.02 -2.78
C VAL A 86 6.39 3.66 -2.74
N ASN A 87 6.46 4.93 -3.12
CA ASN A 87 7.73 5.66 -3.13
C ASN A 87 7.51 7.14 -2.87
N VAL A 88 7.89 7.57 -1.66
CA VAL A 88 7.73 8.97 -1.28
C VAL A 88 9.06 9.72 -1.39
N SER A 89 9.08 10.75 -2.23
CA SER A 89 10.29 11.54 -2.43
C SER A 89 9.95 12.88 -3.07
N ASP A 90 10.68 13.92 -2.67
CA ASP A 90 10.46 15.26 -3.21
C ASP A 90 10.75 15.30 -4.71
N ALA A 91 11.39 14.25 -5.20
CA ALA A 91 11.73 14.17 -6.62
C ALA A 91 10.54 13.64 -7.43
N LEU A 92 10.09 14.42 -8.39
CA LEU A 92 8.97 14.04 -9.23
C LEU A 92 9.23 14.41 -10.69
N PRO A 93 8.63 13.64 -11.61
CA PRO A 93 8.78 13.87 -13.06
C PRO A 93 8.08 15.14 -13.51
N SER A 94 7.50 15.86 -12.57
CA SER A 94 6.78 17.10 -12.88
C SER A 94 7.72 18.11 -13.54
N GLY A 95 7.17 19.26 -13.91
CA GLY A 95 7.96 20.30 -14.54
C GLY A 95 7.24 21.63 -14.60
N PRO A 96 7.31 22.39 -13.49
CA PRO A 96 6.68 23.70 -13.39
C PRO A 96 7.35 24.74 -14.27
N SER A 97 6.80 25.95 -14.27
CA SER A 97 7.34 27.04 -15.08
C SER A 97 7.74 28.23 -14.20
N SER A 98 6.74 28.88 -13.62
CA SER A 98 6.99 30.03 -12.75
C SER A 98 8.24 29.82 -11.90
N GLY A 99 8.30 28.68 -11.23
CA GLY A 99 9.45 28.38 -10.39
C GLY A 99 9.83 29.53 -9.48
N GLY A 1 9.65 -17.65 9.06
CA GLY A 1 10.65 -17.90 8.05
C GLY A 1 10.47 -17.04 6.82
N SER A 2 11.54 -16.87 6.04
CA SER A 2 11.49 -16.05 4.84
C SER A 2 10.78 -16.80 3.71
N SER A 3 10.12 -16.06 2.83
CA SER A 3 9.40 -16.64 1.72
C SER A 3 9.63 -15.84 0.43
N GLY A 4 9.93 -16.55 -0.65
CA GLY A 4 10.16 -15.89 -1.92
C GLY A 4 9.06 -16.13 -2.92
N SER A 5 8.00 -15.32 -2.84
CA SER A 5 6.86 -15.46 -3.75
C SER A 5 7.05 -14.59 -4.99
N SER A 6 6.76 -15.16 -6.15
CA SER A 6 6.90 -14.43 -7.41
C SER A 6 5.70 -14.69 -8.31
N GLY A 7 5.34 -13.68 -9.10
CA GLY A 7 4.21 -13.82 -10.00
C GLY A 7 2.92 -13.27 -9.42
N VAL A 8 2.97 -12.01 -8.97
CA VAL A 8 1.81 -11.37 -8.39
C VAL A 8 1.67 -9.92 -8.87
N GLU A 9 0.53 -9.31 -8.57
CA GLU A 9 0.28 -7.93 -8.97
C GLU A 9 0.79 -6.96 -7.91
N VAL A 10 1.76 -6.13 -8.30
CA VAL A 10 2.34 -5.15 -7.38
C VAL A 10 2.01 -3.72 -7.83
N GLU A 11 0.92 -3.18 -7.32
CA GLU A 11 0.51 -1.83 -7.67
C GLU A 11 1.59 -0.81 -7.30
N SER A 12 2.18 -0.20 -8.33
CA SER A 12 3.24 0.79 -8.12
C SER A 12 2.64 2.16 -7.83
N PHE A 13 3.33 2.93 -6.99
CA PHE A 13 2.87 4.27 -6.64
C PHE A 13 4.04 5.24 -6.54
N LEU A 14 3.74 6.53 -6.49
CA LEU A 14 4.77 7.56 -6.40
C LEU A 14 4.20 8.84 -5.77
N VAL A 15 4.89 9.33 -4.74
CA VAL A 15 4.46 10.55 -4.06
C VAL A 15 5.65 11.32 -3.51
N HIS A 16 5.38 12.39 -2.77
CA HIS A 16 6.43 13.21 -2.19
C HIS A 16 6.14 13.49 -0.71
N PRO A 17 7.14 14.05 -0.01
CA PRO A 17 7.00 14.39 1.41
C PRO A 17 6.05 15.55 1.66
N GLY A 18 4.81 15.21 1.99
CA GLY A 18 3.81 16.24 2.25
C GLY A 18 2.49 15.97 1.55
N ASP A 19 2.51 15.00 0.63
CA ASP A 19 1.31 14.63 -0.11
C ASP A 19 0.44 13.66 0.69
N LEU A 20 -0.62 13.16 0.06
CA LEU A 20 -1.53 12.23 0.72
C LEU A 20 -1.42 10.84 0.10
N LEU A 21 -0.81 9.91 0.83
CA LEU A 21 -0.65 8.54 0.34
C LEU A 21 -1.93 7.74 0.55
N GLN A 22 -2.62 7.46 -0.55
CA GLN A 22 -3.86 6.70 -0.50
C GLN A 22 -3.70 5.34 -1.19
N LEU A 23 -4.13 4.29 -0.51
CA LEU A 23 -4.03 2.93 -1.05
C LEU A 23 -5.39 2.25 -1.05
N ARG A 24 -5.47 1.11 -1.73
CA ARG A 24 -6.72 0.34 -1.79
C ARG A 24 -6.44 -1.15 -1.86
N CYS A 25 -7.28 -1.93 -1.19
CA CYS A 25 -7.13 -3.38 -1.16
C CYS A 25 -8.31 -4.07 -1.86
N ARG A 26 -8.02 -4.75 -2.97
CA ARG A 26 -9.06 -5.44 -3.72
C ARG A 26 -9.78 -6.46 -2.84
N LEU A 27 -11.05 -6.18 -2.54
CA LEU A 27 -11.85 -7.06 -1.71
C LEU A 27 -12.75 -7.95 -2.56
N ARG A 28 -13.46 -8.87 -1.91
CA ARG A 28 -14.35 -9.78 -2.62
C ARG A 28 -15.71 -9.84 -1.94
N ASP A 29 -16.59 -10.69 -2.46
CA ASP A 29 -17.93 -10.84 -1.91
C ASP A 29 -17.93 -11.80 -0.73
N ASP A 30 -16.81 -12.50 -0.54
CA ASP A 30 -16.68 -13.46 0.54
C ASP A 30 -15.80 -12.90 1.65
N VAL A 31 -14.86 -12.03 1.28
CA VAL A 31 -13.95 -11.43 2.25
C VAL A 31 -14.64 -11.21 3.59
N GLN A 32 -13.92 -11.46 4.67
CA GLN A 32 -14.47 -11.30 6.02
C GLN A 32 -13.66 -10.26 6.80
N SER A 33 -12.38 -10.15 6.48
CA SER A 33 -11.51 -9.20 7.16
C SER A 33 -10.35 -8.79 6.26
N ILE A 34 -9.50 -7.90 6.77
CA ILE A 34 -8.34 -7.43 6.01
C ILE A 34 -7.13 -7.22 6.92
N ASN A 35 -5.96 -7.60 6.43
CA ASN A 35 -4.73 -7.45 7.19
C ASN A 35 -3.70 -6.63 6.42
N TRP A 36 -3.49 -5.39 6.85
CA TRP A 36 -2.53 -4.51 6.20
C TRP A 36 -1.11 -4.81 6.66
N LEU A 37 -0.19 -4.88 5.71
CA LEU A 37 1.22 -5.15 6.03
C LEU A 37 2.14 -4.18 5.29
N ARG A 38 3.38 -4.09 5.77
CA ARG A 38 4.36 -3.20 5.16
C ARG A 38 5.78 -3.73 5.37
N ASP A 39 6.43 -4.11 4.27
CA ASP A 39 7.79 -4.64 4.33
C ASP A 39 7.83 -5.94 5.13
N GLY A 40 6.71 -6.64 5.17
CA GLY A 40 6.65 -7.89 5.91
C GLY A 40 6.35 -7.69 7.38
N VAL A 41 5.40 -6.80 7.67
CA VAL A 41 5.04 -6.51 9.05
C VAL A 41 3.66 -5.86 9.13
N GLN A 42 2.95 -6.12 10.22
CA GLN A 42 1.62 -5.55 10.41
C GLN A 42 1.67 -4.03 10.37
N LEU A 43 0.83 -3.44 9.52
CA LEU A 43 0.79 -1.99 9.38
C LEU A 43 0.02 -1.36 10.54
N ALA A 44 0.34 -0.11 10.85
CA ALA A 44 -0.33 0.60 11.94
C ALA A 44 -0.78 1.99 11.49
N GLU A 45 -1.74 2.55 12.21
CA GLU A 45 -2.26 3.88 11.88
C GLU A 45 -1.71 4.93 12.83
N SER A 46 -1.81 6.19 12.43
CA SER A 46 -1.31 7.29 13.25
C SER A 46 -1.96 8.62 12.83
N ASN A 47 -1.53 9.70 13.46
CA ASN A 47 -2.06 11.02 13.15
C ASN A 47 -2.16 11.24 11.65
N ARG A 48 -1.19 10.72 10.91
CA ARG A 48 -1.17 10.85 9.46
C ARG A 48 -1.75 9.61 8.79
N THR A 49 -1.23 8.44 9.16
CA THR A 49 -1.71 7.18 8.60
C THR A 49 -3.13 6.88 9.06
N ARG A 50 -3.94 6.37 8.15
CA ARG A 50 -5.33 6.03 8.46
C ARG A 50 -5.77 4.78 7.71
N ILE A 51 -6.03 3.70 8.45
CA ILE A 51 -6.46 2.44 7.85
C ILE A 51 -7.95 2.20 8.08
N THR A 52 -8.73 2.30 7.01
CA THR A 52 -10.17 2.09 7.08
C THR A 52 -10.53 0.63 6.84
N GLY A 53 -9.51 -0.22 6.75
CA GLY A 53 -9.75 -1.63 6.52
C GLY A 53 -9.21 -2.09 5.17
N GLU A 54 -9.68 -1.46 4.10
CA GLU A 54 -9.25 -1.82 2.75
C GLU A 54 -8.65 -0.60 2.04
N GLU A 55 -8.66 0.55 2.72
CA GLU A 55 -8.11 1.78 2.15
C GLU A 55 -7.25 2.50 3.18
N VAL A 56 -5.99 2.74 2.82
CA VAL A 56 -5.07 3.43 3.71
C VAL A 56 -4.87 4.89 3.27
N GLU A 57 -4.65 5.77 4.25
CA GLU A 57 -4.45 7.17 3.97
C GLU A 57 -3.44 7.78 4.93
N VAL A 58 -2.33 8.28 4.38
CA VAL A 58 -1.28 8.90 5.20
C VAL A 58 -1.06 10.35 4.80
N GLN A 59 -1.48 11.26 5.67
CA GLN A 59 -1.32 12.69 5.41
C GLN A 59 0.14 13.11 5.55
N ASP A 60 0.56 14.03 4.69
CA ASP A 60 1.94 14.52 4.72
C ASP A 60 2.93 13.36 4.65
N SER A 61 2.67 12.40 3.76
CA SER A 61 3.53 11.24 3.61
C SER A 61 5.00 11.65 3.66
N VAL A 62 5.88 10.66 3.85
CA VAL A 62 7.32 10.91 3.92
C VAL A 62 8.10 9.77 3.29
N PRO A 63 9.37 10.04 2.94
CA PRO A 63 10.26 9.05 2.34
C PRO A 63 10.66 7.96 3.31
N ALA A 64 10.12 8.02 4.53
CA ALA A 64 10.42 7.03 5.55
C ALA A 64 9.27 6.05 5.73
N ASP A 65 8.10 6.42 5.23
CA ASP A 65 6.91 5.57 5.32
C ASP A 65 6.81 4.65 4.11
N SER A 66 7.45 5.05 3.01
CA SER A 66 7.42 4.26 1.78
C SER A 66 7.74 2.80 2.07
N GLY A 67 7.65 1.96 1.04
CA GLY A 67 7.92 0.55 1.20
C GLY A 67 7.03 -0.32 0.34
N LEU A 68 6.80 -1.55 0.78
CA LEU A 68 5.95 -2.48 0.04
C LEU A 68 4.76 -2.93 0.89
N TYR A 69 3.62 -2.28 0.69
CA TYR A 69 2.41 -2.61 1.43
C TYR A 69 1.76 -3.87 0.87
N ALA A 70 1.23 -4.70 1.77
CA ALA A 70 0.58 -5.94 1.37
C ALA A 70 -0.68 -6.19 2.19
N CYS A 71 -1.83 -6.17 1.53
CA CYS A 71 -3.10 -6.40 2.20
C CYS A 71 -3.54 -7.85 2.06
N VAL A 72 -3.85 -8.48 3.20
CA VAL A 72 -4.29 -9.87 3.20
C VAL A 72 -5.70 -9.99 3.75
N THR A 73 -6.61 -10.47 2.89
CA THR A 73 -8.00 -10.65 3.28
C THR A 73 -8.29 -12.09 3.67
N SER A 74 -9.11 -12.27 4.71
CA SER A 74 -9.46 -13.60 5.19
C SER A 74 -10.85 -13.99 4.73
N SER A 75 -10.93 -14.93 3.79
CA SER A 75 -12.20 -15.39 3.27
C SER A 75 -12.32 -16.90 3.37
N PRO A 76 -13.56 -17.41 3.47
CA PRO A 76 -13.83 -18.84 3.57
C PRO A 76 -13.54 -19.58 2.27
N SER A 77 -13.07 -18.84 1.27
CA SER A 77 -12.75 -19.44 -0.02
C SER A 77 -11.25 -19.35 -0.31
N GLY A 78 -10.54 -18.59 0.52
CA GLY A 78 -9.11 -18.45 0.35
C GLY A 78 -8.64 -17.02 0.58
N SER A 79 -7.63 -16.87 1.43
CA SER A 79 -7.08 -15.55 1.74
C SER A 79 -6.19 -15.04 0.61
N ASP A 80 -6.55 -13.89 0.05
CA ASP A 80 -5.78 -13.30 -1.03
C ASP A 80 -4.74 -12.32 -0.50
N THR A 81 -3.96 -11.74 -1.41
CA THR A 81 -2.93 -10.78 -1.03
C THR A 81 -2.67 -9.77 -2.14
N THR A 82 -2.61 -8.49 -1.77
CA THR A 82 -2.37 -7.44 -2.74
C THR A 82 -1.20 -6.56 -2.31
N TYR A 83 -0.16 -6.52 -3.15
CA TYR A 83 1.02 -5.71 -2.86
C TYR A 83 0.89 -4.31 -3.45
N PHE A 84 1.64 -3.37 -2.90
CA PHE A 84 1.61 -1.99 -3.37
C PHE A 84 2.97 -1.32 -3.16
N SER A 85 3.68 -1.08 -4.26
CA SER A 85 4.99 -0.45 -4.21
C SER A 85 4.86 1.07 -4.09
N VAL A 86 5.12 1.60 -2.90
CA VAL A 86 5.04 3.04 -2.66
C VAL A 86 6.42 3.68 -2.66
N ASN A 87 6.48 4.96 -3.02
CA ASN A 87 7.73 5.68 -3.06
C ASN A 87 7.51 7.17 -2.81
N VAL A 88 7.86 7.63 -1.61
CA VAL A 88 7.70 9.02 -1.24
C VAL A 88 9.01 9.79 -1.37
N SER A 89 9.03 10.80 -2.22
CA SER A 89 10.23 11.60 -2.43
C SER A 89 9.88 12.93 -3.09
N ASP A 90 10.60 13.98 -2.70
CA ASP A 90 10.37 15.31 -3.25
C ASP A 90 10.60 15.32 -4.76
N ALA A 91 11.15 14.23 -5.27
CA ALA A 91 11.42 14.11 -6.70
C ALA A 91 10.20 13.64 -7.46
N LEU A 92 9.65 14.51 -8.30
CA LEU A 92 8.46 14.18 -9.08
C LEU A 92 8.62 14.66 -10.52
N PRO A 93 8.08 13.88 -11.47
CA PRO A 93 8.14 14.21 -12.89
C PRO A 93 7.26 15.39 -13.25
N SER A 94 7.89 16.53 -13.52
CA SER A 94 7.16 17.74 -13.88
C SER A 94 6.99 17.86 -15.39
N GLY A 95 5.87 18.43 -15.81
CA GLY A 95 5.61 18.60 -17.23
C GLY A 95 4.13 18.74 -17.53
N PRO A 96 3.49 17.62 -17.90
CA PRO A 96 2.05 17.60 -18.22
C PRO A 96 1.18 17.83 -17.00
N SER A 97 1.81 17.92 -15.83
CA SER A 97 1.09 18.13 -14.58
C SER A 97 1.91 18.98 -13.62
N SER A 98 1.22 19.68 -12.72
CA SER A 98 1.88 20.54 -11.74
C SER A 98 2.89 19.74 -10.92
N GLY A 99 4.14 20.20 -10.92
CA GLY A 99 5.18 19.53 -10.17
C GLY A 99 5.93 20.45 -9.24
N GLY A 1 6.54 -20.01 6.26
CA GLY A 1 7.43 -20.84 5.46
C GLY A 1 8.43 -20.03 4.66
N SER A 2 8.90 -20.60 3.56
CA SER A 2 9.86 -19.92 2.69
C SER A 2 9.15 -18.99 1.72
N SER A 3 8.98 -17.74 2.11
CA SER A 3 8.31 -16.75 1.27
C SER A 3 8.79 -16.87 -0.17
N GLY A 4 7.83 -16.87 -1.10
CA GLY A 4 8.17 -16.97 -2.51
C GLY A 4 7.20 -16.21 -3.39
N SER A 5 7.74 -15.46 -4.36
CA SER A 5 6.91 -14.68 -5.27
C SER A 5 6.73 -15.41 -6.59
N SER A 6 5.56 -16.00 -6.79
CA SER A 6 5.26 -16.74 -8.01
C SER A 6 4.76 -15.79 -9.10
N GLY A 7 3.78 -14.96 -8.75
CA GLY A 7 3.22 -14.02 -9.71
C GLY A 7 2.04 -13.27 -9.14
N VAL A 8 2.31 -12.14 -8.48
CA VAL A 8 1.26 -11.32 -7.90
C VAL A 8 1.26 -9.92 -8.49
N GLU A 9 0.18 -9.18 -8.26
CA GLU A 9 0.05 -7.83 -8.77
C GLU A 9 0.57 -6.81 -7.77
N VAL A 10 1.66 -6.15 -8.11
CA VAL A 10 2.26 -5.14 -7.24
C VAL A 10 1.94 -3.73 -7.73
N GLU A 11 0.86 -3.17 -7.23
CA GLU A 11 0.44 -1.82 -7.61
C GLU A 11 1.51 -0.79 -7.23
N SER A 12 2.20 -0.26 -8.24
CA SER A 12 3.25 0.72 -8.00
C SER A 12 2.66 2.11 -7.77
N PHE A 13 3.34 2.92 -6.97
CA PHE A 13 2.88 4.27 -6.67
C PHE A 13 4.05 5.24 -6.62
N LEU A 14 3.73 6.53 -6.52
CA LEU A 14 4.76 7.57 -6.46
C LEU A 14 4.20 8.85 -5.84
N VAL A 15 4.88 9.33 -4.79
CA VAL A 15 4.46 10.54 -4.11
C VAL A 15 5.66 11.30 -3.56
N HIS A 16 5.39 12.38 -2.82
CA HIS A 16 6.45 13.19 -2.24
C HIS A 16 6.16 13.47 -0.76
N PRO A 17 7.17 14.03 -0.07
CA PRO A 17 7.05 14.36 1.35
C PRO A 17 6.09 15.53 1.61
N GLY A 18 4.83 15.21 1.86
CA GLY A 18 3.84 16.24 2.12
C GLY A 18 2.53 15.95 1.43
N ASP A 19 2.52 14.94 0.56
CA ASP A 19 1.32 14.58 -0.18
C ASP A 19 0.46 13.61 0.64
N LEU A 20 -0.61 13.11 0.02
CA LEU A 20 -1.51 12.18 0.69
C LEU A 20 -1.38 10.78 0.08
N LEU A 21 -0.78 9.87 0.84
CA LEU A 21 -0.59 8.50 0.37
C LEU A 21 -1.87 7.69 0.55
N GLN A 22 -2.61 7.50 -0.53
CA GLN A 22 -3.85 6.75 -0.49
C GLN A 22 -3.69 5.40 -1.19
N LEU A 23 -4.15 4.34 -0.54
CA LEU A 23 -4.07 2.99 -1.11
C LEU A 23 -5.44 2.33 -1.13
N ARG A 24 -5.50 1.14 -1.73
CA ARG A 24 -6.75 0.40 -1.83
C ARG A 24 -6.49 -1.11 -1.88
N CYS A 25 -7.34 -1.87 -1.21
CA CYS A 25 -7.19 -3.32 -1.17
C CYS A 25 -8.37 -4.00 -1.87
N ARG A 26 -8.09 -4.68 -2.98
CA ARG A 26 -9.14 -5.37 -3.73
C ARG A 26 -9.79 -6.47 -2.90
N LEU A 27 -11.03 -6.23 -2.48
CA LEU A 27 -11.76 -7.20 -1.67
C LEU A 27 -12.69 -8.04 -2.54
N ARG A 28 -13.45 -8.91 -1.89
CA ARG A 28 -14.39 -9.77 -2.61
C ARG A 28 -15.73 -9.84 -1.89
N ASP A 29 -16.65 -10.63 -2.41
CA ASP A 29 -17.97 -10.79 -1.81
C ASP A 29 -17.95 -11.80 -0.67
N ASP A 30 -16.83 -12.52 -0.56
CA ASP A 30 -16.68 -13.52 0.49
C ASP A 30 -15.79 -13.00 1.61
N VAL A 31 -14.81 -12.16 1.26
CA VAL A 31 -13.90 -11.59 2.24
C VAL A 31 -14.58 -11.38 3.58
N GLN A 32 -13.85 -11.63 4.66
CA GLN A 32 -14.38 -11.46 6.00
C GLN A 32 -13.64 -10.37 6.76
N SER A 33 -12.34 -10.27 6.52
CA SER A 33 -11.51 -9.27 7.19
C SER A 33 -10.34 -8.86 6.30
N ILE A 34 -9.54 -7.92 6.79
CA ILE A 34 -8.38 -7.44 6.04
C ILE A 34 -7.19 -7.23 6.97
N ASN A 35 -6.00 -7.60 6.48
CA ASN A 35 -4.78 -7.44 7.26
C ASN A 35 -3.74 -6.64 6.49
N TRP A 36 -3.55 -5.39 6.88
CA TRP A 36 -2.59 -4.51 6.23
C TRP A 36 -1.17 -4.82 6.70
N LEU A 37 -0.23 -4.85 5.75
CA LEU A 37 1.17 -5.12 6.08
C LEU A 37 2.09 -4.15 5.36
N ARG A 38 3.33 -4.05 5.83
CA ARG A 38 4.31 -3.16 5.23
C ARG A 38 5.73 -3.69 5.44
N ASP A 39 6.38 -4.07 4.34
CA ASP A 39 7.73 -4.60 4.40
C ASP A 39 7.78 -5.90 5.20
N GLY A 40 6.65 -6.60 5.25
CA GLY A 40 6.58 -7.85 5.99
C GLY A 40 6.29 -7.63 7.47
N VAL A 41 5.35 -6.74 7.76
CA VAL A 41 4.99 -6.44 9.14
C VAL A 41 3.61 -5.78 9.20
N GLN A 42 2.89 -6.04 10.29
CA GLN A 42 1.57 -5.46 10.48
C GLN A 42 1.61 -3.94 10.40
N LEU A 43 0.75 -3.37 9.57
CA LEU A 43 0.71 -1.92 9.40
C LEU A 43 -0.08 -1.27 10.53
N ALA A 44 0.34 -0.06 10.91
CA ALA A 44 -0.33 0.66 11.99
C ALA A 44 -0.72 2.07 11.53
N GLU A 45 -1.76 2.61 12.15
CA GLU A 45 -2.24 3.95 11.82
C GLU A 45 -1.69 4.98 12.79
N SER A 46 -1.66 6.24 12.36
CA SER A 46 -1.16 7.33 13.19
C SER A 46 -1.79 8.66 12.78
N ASN A 47 -1.42 9.72 13.49
CA ASN A 47 -1.94 11.05 13.21
C ASN A 47 -2.08 11.27 11.71
N ARG A 48 -1.14 10.71 10.94
CA ARG A 48 -1.15 10.86 9.49
C ARG A 48 -1.72 9.60 8.83
N THR A 49 -1.15 8.45 9.17
CA THR A 49 -1.61 7.18 8.60
C THR A 49 -3.03 6.85 9.05
N ARG A 50 -3.84 6.35 8.13
CA ARG A 50 -5.22 6.00 8.44
C ARG A 50 -5.64 4.75 7.68
N ILE A 51 -5.90 3.67 8.41
CA ILE A 51 -6.32 2.41 7.81
C ILE A 51 -7.81 2.17 8.01
N THR A 52 -8.59 2.40 6.96
CA THR A 52 -10.03 2.20 7.03
C THR A 52 -10.40 0.74 6.78
N GLY A 53 -9.39 -0.13 6.83
CA GLY A 53 -9.63 -1.55 6.61
C GLY A 53 -9.12 -2.02 5.27
N GLU A 54 -9.68 -1.46 4.20
CA GLU A 54 -9.27 -1.84 2.84
C GLU A 54 -8.65 -0.65 2.11
N GLU A 55 -8.61 0.49 2.78
CA GLU A 55 -8.04 1.70 2.20
C GLU A 55 -7.16 2.43 3.21
N VAL A 56 -5.92 2.71 2.82
CA VAL A 56 -4.98 3.39 3.68
C VAL A 56 -4.79 4.85 3.26
N GLU A 57 -4.60 5.73 4.23
CA GLU A 57 -4.40 7.14 3.95
C GLU A 57 -3.40 7.77 4.91
N VAL A 58 -2.30 8.28 4.38
CA VAL A 58 -1.26 8.90 5.19
C VAL A 58 -1.04 10.35 4.78
N GLN A 59 -1.40 11.27 5.66
CA GLN A 59 -1.25 12.69 5.38
C GLN A 59 0.21 13.11 5.53
N ASP A 60 0.64 14.04 4.68
CA ASP A 60 2.02 14.52 4.71
C ASP A 60 3.00 13.36 4.63
N SER A 61 2.74 12.41 3.75
CA SER A 61 3.59 11.24 3.58
C SER A 61 5.07 11.64 3.64
N VAL A 62 5.93 10.65 3.82
CA VAL A 62 7.37 10.90 3.90
C VAL A 62 8.15 9.75 3.27
N PRO A 63 9.42 10.03 2.91
CA PRO A 63 10.30 9.04 2.29
C PRO A 63 10.71 7.94 3.28
N ALA A 64 10.17 8.00 4.49
CA ALA A 64 10.47 7.01 5.52
C ALA A 64 9.31 6.04 5.71
N ASP A 65 8.13 6.46 5.26
CA ASP A 65 6.93 5.63 5.40
C ASP A 65 6.78 4.71 4.19
N SER A 66 7.43 5.07 3.09
CA SER A 66 7.35 4.28 1.86
C SER A 66 7.64 2.80 2.15
N GLY A 67 7.53 1.97 1.12
CA GLY A 67 7.79 0.56 1.27
C GLY A 67 6.88 -0.30 0.42
N LEU A 68 6.69 -1.54 0.81
CA LEU A 68 5.83 -2.46 0.08
C LEU A 68 4.64 -2.91 0.92
N TYR A 69 3.51 -2.23 0.75
CA TYR A 69 2.31 -2.55 1.50
C TYR A 69 1.63 -3.79 0.94
N ALA A 70 1.16 -4.66 1.83
CA ALA A 70 0.49 -5.88 1.42
C ALA A 70 -0.77 -6.13 2.25
N CYS A 71 -1.92 -6.15 1.59
CA CYS A 71 -3.19 -6.37 2.27
C CYS A 71 -3.63 -7.82 2.14
N VAL A 72 -3.91 -8.46 3.27
CA VAL A 72 -4.35 -9.85 3.27
C VAL A 72 -5.78 -9.97 3.77
N THR A 73 -6.67 -10.46 2.90
CA THR A 73 -8.07 -10.63 3.25
C THR A 73 -8.40 -12.09 3.51
N SER A 74 -9.04 -12.36 4.64
CA SER A 74 -9.41 -13.72 5.01
C SER A 74 -10.80 -14.07 4.47
N SER A 75 -10.87 -15.12 3.67
CA SER A 75 -12.14 -15.55 3.09
C SER A 75 -12.28 -17.07 3.17
N PRO A 76 -13.53 -17.55 3.21
CA PRO A 76 -13.83 -18.98 3.28
C PRO A 76 -13.50 -19.71 1.97
N SER A 77 -13.01 -18.96 0.99
CA SER A 77 -12.65 -19.53 -0.30
C SER A 77 -11.15 -19.44 -0.53
N GLY A 78 -10.45 -18.75 0.36
CA GLY A 78 -9.02 -18.60 0.23
C GLY A 78 -8.56 -17.19 0.48
N SER A 79 -7.58 -17.02 1.37
CA SER A 79 -7.05 -15.70 1.69
C SER A 79 -6.27 -15.12 0.52
N ASP A 80 -6.57 -13.88 0.16
CA ASP A 80 -5.89 -13.21 -0.94
C ASP A 80 -4.84 -12.24 -0.42
N THR A 81 -4.07 -11.65 -1.34
CA THR A 81 -3.02 -10.71 -0.98
C THR A 81 -2.78 -9.70 -2.09
N THR A 82 -2.66 -8.43 -1.71
CA THR A 82 -2.44 -7.36 -2.68
C THR A 82 -1.27 -6.48 -2.25
N TYR A 83 -0.23 -6.45 -3.08
CA TYR A 83 0.96 -5.65 -2.78
C TYR A 83 0.81 -4.24 -3.36
N PHE A 84 1.59 -3.31 -2.82
CA PHE A 84 1.54 -1.92 -3.28
C PHE A 84 2.89 -1.24 -3.09
N SER A 85 3.61 -1.02 -4.18
CA SER A 85 4.92 -0.39 -4.13
C SER A 85 4.79 1.13 -4.03
N VAL A 86 5.09 1.65 -2.84
CA VAL A 86 5.00 3.09 -2.60
C VAL A 86 6.39 3.72 -2.61
N ASN A 87 6.45 4.99 -3.00
CA ASN A 87 7.72 5.72 -3.05
C ASN A 87 7.49 7.22 -2.81
N VAL A 88 7.84 7.69 -1.62
CA VAL A 88 7.69 9.09 -1.27
C VAL A 88 9.01 9.83 -1.38
N SER A 89 9.06 10.82 -2.28
CA SER A 89 10.26 11.60 -2.50
C SER A 89 9.94 12.91 -3.20
N ASP A 90 10.57 13.99 -2.76
CA ASP A 90 10.35 15.31 -3.35
C ASP A 90 10.53 15.26 -4.86
N ALA A 91 11.18 14.20 -5.34
CA ALA A 91 11.42 14.04 -6.76
C ALA A 91 10.20 13.46 -7.47
N LEU A 92 9.56 14.28 -8.30
CA LEU A 92 8.37 13.85 -9.03
C LEU A 92 8.46 14.27 -10.49
N PRO A 93 7.97 13.39 -11.39
CA PRO A 93 7.98 13.64 -12.83
C PRO A 93 7.01 14.74 -13.23
N SER A 94 7.55 15.83 -13.78
CA SER A 94 6.72 16.96 -14.20
C SER A 94 6.19 16.74 -15.61
N GLY A 95 4.97 16.21 -15.70
CA GLY A 95 4.36 15.96 -16.99
C GLY A 95 4.51 17.12 -17.94
N PRO A 96 3.51 18.01 -17.97
CA PRO A 96 3.51 19.19 -18.83
C PRO A 96 4.54 20.21 -18.40
N SER A 97 5.10 20.94 -19.38
CA SER A 97 6.10 21.96 -19.10
C SER A 97 5.48 23.35 -19.15
N SER A 98 5.92 24.22 -18.24
CA SER A 98 5.42 25.58 -18.17
C SER A 98 6.56 26.59 -18.19
N GLY A 99 6.47 27.57 -19.10
CA GLY A 99 7.50 28.57 -19.22
C GLY A 99 7.51 29.24 -20.57
N GLY A 1 11.07 -22.75 -5.18
CA GLY A 1 11.67 -21.57 -4.57
C GLY A 1 11.38 -20.30 -5.36
N SER A 2 10.39 -19.54 -4.91
CA SER A 2 10.01 -18.31 -5.58
C SER A 2 10.78 -17.12 -5.01
N SER A 3 11.14 -16.17 -5.88
CA SER A 3 11.88 -14.99 -5.46
C SER A 3 11.76 -13.88 -6.49
N GLY A 4 11.49 -12.66 -6.03
CA GLY A 4 11.35 -11.53 -6.93
C GLY A 4 10.09 -11.61 -7.76
N SER A 5 10.16 -12.32 -8.88
CA SER A 5 9.00 -12.46 -9.77
C SER A 5 8.17 -13.68 -9.38
N SER A 6 7.27 -13.50 -8.42
CA SER A 6 6.41 -14.58 -7.95
C SER A 6 5.21 -14.74 -8.87
N GLY A 7 4.53 -13.64 -9.16
CA GLY A 7 3.36 -13.68 -10.02
C GLY A 7 2.15 -13.02 -9.40
N VAL A 8 2.26 -11.74 -9.08
CA VAL A 8 1.17 -10.99 -8.47
C VAL A 8 1.09 -9.58 -9.05
N GLU A 9 0.04 -8.85 -8.64
CA GLU A 9 -0.16 -7.49 -9.12
C GLU A 9 0.38 -6.48 -8.11
N VAL A 10 1.60 -6.01 -8.35
CA VAL A 10 2.22 -5.04 -7.46
C VAL A 10 1.92 -3.61 -7.90
N GLU A 11 0.86 -3.04 -7.36
CA GLU A 11 0.47 -1.68 -7.70
C GLU A 11 1.55 -0.68 -7.32
N SER A 12 2.19 -0.09 -8.33
CA SER A 12 3.26 0.87 -8.10
C SER A 12 2.69 2.25 -7.76
N PHE A 13 3.41 3.01 -6.95
CA PHE A 13 2.98 4.35 -6.56
C PHE A 13 4.17 5.29 -6.43
N LEU A 14 3.90 6.59 -6.45
CA LEU A 14 4.95 7.60 -6.34
C LEU A 14 4.41 8.88 -5.71
N VAL A 15 5.07 9.36 -4.67
CA VAL A 15 4.66 10.58 -3.99
C VAL A 15 5.87 11.33 -3.42
N HIS A 16 5.60 12.40 -2.68
CA HIS A 16 6.65 13.20 -2.08
C HIS A 16 6.37 13.45 -0.60
N PRO A 17 7.37 14.00 0.10
CA PRO A 17 7.25 14.31 1.53
C PRO A 17 6.29 15.46 1.80
N GLY A 18 5.03 15.13 2.06
CA GLY A 18 4.04 16.14 2.33
C GLY A 18 2.73 15.89 1.60
N ASP A 19 2.75 14.91 0.70
CA ASP A 19 1.55 14.57 -0.08
C ASP A 19 0.65 13.63 0.70
N LEU A 20 -0.41 13.15 0.05
CA LEU A 20 -1.35 12.24 0.67
C LEU A 20 -1.25 10.84 0.06
N LEU A 21 -0.67 9.92 0.81
CA LEU A 21 -0.51 8.54 0.34
C LEU A 21 -1.81 7.75 0.52
N GLN A 22 -2.52 7.52 -0.58
CA GLN A 22 -3.77 6.77 -0.55
C GLN A 22 -3.62 5.43 -1.27
N LEU A 23 -4.18 4.39 -0.65
CA LEU A 23 -4.11 3.05 -1.23
C LEU A 23 -5.48 2.38 -1.21
N ARG A 24 -5.57 1.20 -1.83
CA ARG A 24 -6.82 0.46 -1.88
C ARG A 24 -6.56 -1.04 -1.92
N CYS A 25 -7.45 -1.81 -1.29
CA CYS A 25 -7.32 -3.26 -1.27
C CYS A 25 -8.50 -3.92 -1.95
N ARG A 26 -8.21 -4.77 -2.93
CA ARG A 26 -9.25 -5.48 -3.67
C ARG A 26 -9.94 -6.52 -2.78
N LEU A 27 -11.20 -6.26 -2.45
CA LEU A 27 -11.97 -7.18 -1.61
C LEU A 27 -12.85 -8.09 -2.46
N ARG A 28 -13.46 -9.08 -1.81
CA ARG A 28 -14.33 -10.02 -2.51
C ARG A 28 -15.70 -10.06 -1.85
N ASP A 29 -16.58 -10.91 -2.39
CA ASP A 29 -17.93 -11.05 -1.85
C ASP A 29 -17.96 -12.05 -0.70
N ASP A 30 -16.81 -12.64 -0.41
CA ASP A 30 -16.70 -13.62 0.67
C ASP A 30 -15.77 -13.11 1.77
N VAL A 31 -14.86 -12.22 1.40
CA VAL A 31 -13.90 -11.67 2.36
C VAL A 31 -14.56 -11.41 3.71
N GLN A 32 -13.83 -11.70 4.77
CA GLN A 32 -14.34 -11.51 6.13
C GLN A 32 -13.61 -10.37 6.83
N SER A 33 -12.30 -10.26 6.59
CA SER A 33 -11.50 -9.22 7.19
C SER A 33 -10.31 -8.85 6.29
N ILE A 34 -9.54 -7.86 6.72
CA ILE A 34 -8.38 -7.42 5.95
C ILE A 34 -7.18 -7.19 6.86
N ASN A 35 -6.00 -7.57 6.38
CA ASN A 35 -4.76 -7.42 7.15
C ASN A 35 -3.75 -6.59 6.37
N TRP A 36 -3.59 -5.33 6.77
CA TRP A 36 -2.64 -4.43 6.11
C TRP A 36 -1.21 -4.72 6.57
N LEU A 37 -0.29 -4.77 5.62
CA LEU A 37 1.11 -5.04 5.93
C LEU A 37 2.02 -4.05 5.21
N ARG A 38 3.26 -3.95 5.67
CA ARG A 38 4.23 -3.04 5.08
C ARG A 38 5.66 -3.55 5.27
N ASP A 39 6.32 -3.89 4.17
CA ASP A 39 7.68 -4.40 4.22
C ASP A 39 7.74 -5.72 4.98
N GLY A 40 6.63 -6.45 4.99
CA GLY A 40 6.59 -7.71 5.69
C GLY A 40 6.33 -7.56 7.17
N VAL A 41 5.38 -6.69 7.51
CA VAL A 41 5.03 -6.44 8.91
C VAL A 41 3.67 -5.75 9.02
N GLN A 42 2.93 -6.10 10.06
CA GLN A 42 1.61 -5.52 10.29
C GLN A 42 1.68 -3.99 10.24
N LEU A 43 0.78 -3.40 9.45
CA LEU A 43 0.74 -1.95 9.31
C LEU A 43 0.03 -1.31 10.49
N ALA A 44 0.39 -0.06 10.79
CA ALA A 44 -0.22 0.67 11.89
C ALA A 44 -0.68 2.05 11.45
N GLU A 45 -1.67 2.59 12.16
CA GLU A 45 -2.20 3.91 11.83
C GLU A 45 -1.64 4.97 12.78
N SER A 46 -1.69 6.23 12.34
CA SER A 46 -1.17 7.33 13.14
C SER A 46 -1.87 8.64 12.77
N ASN A 47 -1.48 9.72 13.43
CA ASN A 47 -2.07 11.03 13.17
C ASN A 47 -2.21 11.28 11.67
N ARG A 48 -1.28 10.72 10.90
CA ARG A 48 -1.30 10.88 9.45
C ARG A 48 -1.89 9.64 8.78
N THR A 49 -1.32 8.47 9.08
CA THR A 49 -1.78 7.22 8.51
C THR A 49 -3.20 6.90 8.96
N ARG A 50 -3.98 6.33 8.06
CA ARG A 50 -5.37 5.97 8.36
C ARG A 50 -5.77 4.70 7.62
N ILE A 51 -5.96 3.61 8.36
CA ILE A 51 -6.36 2.34 7.78
C ILE A 51 -7.86 2.10 7.95
N THR A 52 -8.61 2.31 6.89
CA THR A 52 -10.06 2.11 6.92
C THR A 52 -10.41 0.65 6.66
N GLY A 53 -9.42 -0.23 6.75
CA GLY A 53 -9.65 -1.63 6.52
C GLY A 53 -9.19 -2.09 5.16
N GLU A 54 -9.74 -1.48 4.11
CA GLU A 54 -9.37 -1.82 2.75
C GLU A 54 -8.79 -0.62 2.02
N GLU A 55 -8.66 0.49 2.73
CA GLU A 55 -8.12 1.72 2.15
C GLU A 55 -7.21 2.42 3.15
N VAL A 56 -5.97 2.70 2.72
CA VAL A 56 -5.00 3.38 3.58
C VAL A 56 -4.78 4.81 3.12
N GLU A 57 -4.74 5.74 4.08
CA GLU A 57 -4.54 7.14 3.76
C GLU A 57 -3.56 7.77 4.76
N VAL A 58 -2.42 8.23 4.26
CA VAL A 58 -1.40 8.85 5.10
C VAL A 58 -1.15 10.29 4.66
N GLN A 59 -1.43 11.23 5.56
CA GLN A 59 -1.23 12.64 5.29
C GLN A 59 0.24 13.03 5.42
N ASP A 60 0.65 14.07 4.71
CA ASP A 60 2.02 14.53 4.74
C ASP A 60 2.99 13.37 4.63
N SER A 61 2.69 12.43 3.75
CA SER A 61 3.53 11.25 3.55
C SER A 61 5.01 11.63 3.62
N VAL A 62 5.85 10.64 3.90
CA VAL A 62 7.29 10.86 4.01
C VAL A 62 8.07 9.69 3.42
N PRO A 63 9.35 9.93 3.11
CA PRO A 63 10.23 8.91 2.54
C PRO A 63 10.58 7.81 3.55
N ALA A 64 10.02 7.92 4.75
CA ALA A 64 10.26 6.95 5.81
C ALA A 64 9.10 5.97 5.93
N ASP A 65 7.93 6.40 5.46
CA ASP A 65 6.74 5.55 5.52
C ASP A 65 6.62 4.68 4.27
N SER A 66 7.27 5.11 3.19
CA SER A 66 7.24 4.37 1.94
C SER A 66 7.61 2.90 2.15
N GLY A 67 7.48 2.11 1.10
CA GLY A 67 7.81 0.69 1.20
C GLY A 67 6.91 -0.17 0.33
N LEU A 68 6.72 -1.41 0.74
CA LEU A 68 5.88 -2.35 -0.01
C LEU A 68 4.71 -2.82 0.84
N TYR A 69 3.55 -2.21 0.63
CA TYR A 69 2.35 -2.57 1.38
C TYR A 69 1.72 -3.83 0.82
N ALA A 70 1.10 -4.62 1.69
CA ALA A 70 0.45 -5.85 1.28
C ALA A 70 -0.79 -6.13 2.13
N CYS A 71 -1.95 -6.08 1.49
CA CYS A 71 -3.21 -6.32 2.18
C CYS A 71 -3.65 -7.78 2.04
N VAL A 72 -3.90 -8.42 3.16
CA VAL A 72 -4.33 -9.83 3.16
C VAL A 72 -5.75 -9.97 3.68
N THR A 73 -6.64 -10.45 2.83
CA THR A 73 -8.04 -10.64 3.19
C THR A 73 -8.33 -12.09 3.53
N SER A 74 -8.99 -12.31 4.66
CA SER A 74 -9.33 -13.66 5.11
C SER A 74 -10.73 -14.05 4.65
N SER A 75 -10.82 -15.13 3.88
CA SER A 75 -12.10 -15.60 3.37
C SER A 75 -12.27 -17.09 3.63
N PRO A 76 -13.53 -17.54 3.75
CA PRO A 76 -13.85 -18.94 3.99
C PRO A 76 -13.55 -19.83 2.79
N SER A 77 -13.01 -19.22 1.74
CA SER A 77 -12.67 -19.96 0.53
C SER A 77 -11.18 -19.83 0.21
N GLY A 78 -10.48 -19.05 1.02
CA GLY A 78 -9.05 -18.86 0.81
C GLY A 78 -8.55 -17.54 1.37
N SER A 79 -7.51 -17.00 0.77
CA SER A 79 -6.93 -15.74 1.22
C SER A 79 -6.19 -15.03 0.09
N ASP A 80 -6.60 -13.81 -0.21
CA ASP A 80 -5.99 -13.02 -1.28
C ASP A 80 -4.93 -12.07 -0.71
N THR A 81 -4.10 -11.53 -1.59
CA THR A 81 -3.04 -10.60 -1.18
C THR A 81 -2.77 -9.57 -2.26
N THR A 82 -2.81 -8.29 -1.88
CA THR A 82 -2.57 -7.21 -2.83
C THR A 82 -1.38 -6.36 -2.39
N TYR A 83 -0.35 -6.31 -3.23
CA TYR A 83 0.86 -5.54 -2.93
C TYR A 83 0.74 -4.12 -3.48
N PHE A 84 1.53 -3.21 -2.93
CA PHE A 84 1.53 -1.82 -3.37
C PHE A 84 2.89 -1.18 -3.16
N SER A 85 3.61 -0.96 -4.26
CA SER A 85 4.93 -0.36 -4.20
C SER A 85 4.83 1.16 -4.06
N VAL A 86 5.07 1.66 -2.85
CA VAL A 86 5.00 3.09 -2.59
C VAL A 86 6.40 3.70 -2.52
N ASN A 87 6.52 4.95 -2.97
CA ASN A 87 7.80 5.65 -2.95
C ASN A 87 7.61 7.14 -2.72
N VAL A 88 7.95 7.59 -1.51
CA VAL A 88 7.81 9.00 -1.16
C VAL A 88 9.15 9.71 -1.23
N SER A 89 9.23 10.73 -2.09
CA SER A 89 10.46 11.49 -2.26
C SER A 89 10.18 12.81 -2.97
N ASP A 90 10.81 13.88 -2.50
CA ASP A 90 10.63 15.20 -3.09
C ASP A 90 10.90 15.17 -4.59
N ALA A 91 11.73 14.22 -5.02
CA ALA A 91 12.07 14.09 -6.42
C ALA A 91 11.01 13.28 -7.17
N LEU A 92 10.45 13.88 -8.21
CA LEU A 92 9.41 13.21 -9.00
C LEU A 92 9.78 13.22 -10.48
N PRO A 93 9.31 12.19 -11.21
CA PRO A 93 9.58 12.07 -12.64
C PRO A 93 8.84 13.12 -13.47
N SER A 94 7.97 13.88 -12.82
CA SER A 94 7.21 14.92 -13.50
C SER A 94 8.14 15.96 -14.11
N GLY A 95 8.66 15.65 -15.29
CA GLY A 95 9.56 16.57 -15.96
C GLY A 95 11.02 16.32 -15.62
N PRO A 96 11.91 17.17 -16.16
CA PRO A 96 13.35 17.04 -15.93
C PRO A 96 13.74 17.41 -14.49
N SER A 97 14.88 16.90 -14.04
CA SER A 97 15.36 17.16 -12.69
C SER A 97 15.44 18.67 -12.43
N SER A 98 14.43 19.20 -11.76
CA SER A 98 14.39 20.63 -11.45
C SER A 98 14.73 20.87 -9.99
N GLY A 99 14.13 20.08 -9.11
CA GLY A 99 14.39 20.22 -7.68
C GLY A 99 13.19 20.79 -6.93
N GLY A 1 18.28 -11.07 1.26
CA GLY A 1 17.07 -11.85 1.10
C GLY A 1 16.27 -11.42 -0.12
N SER A 2 15.96 -12.36 -1.00
CA SER A 2 15.20 -12.07 -2.21
C SER A 2 14.01 -13.01 -2.34
N SER A 3 13.02 -12.60 -3.12
CA SER A 3 11.81 -13.39 -3.32
C SER A 3 12.16 -14.76 -3.92
N GLY A 4 11.15 -15.60 -4.08
CA GLY A 4 11.37 -16.92 -4.63
C GLY A 4 10.40 -17.26 -5.75
N SER A 5 9.12 -16.97 -5.52
CA SER A 5 8.09 -17.25 -6.52
C SER A 5 7.64 -15.95 -7.20
N SER A 6 7.18 -16.07 -8.44
CA SER A 6 6.71 -14.92 -9.19
C SER A 6 5.28 -15.13 -9.69
N GLY A 7 4.71 -14.08 -10.28
CA GLY A 7 3.35 -14.17 -10.78
C GLY A 7 2.34 -13.56 -9.83
N VAL A 8 2.40 -12.24 -9.68
CA VAL A 8 1.48 -11.53 -8.79
C VAL A 8 1.26 -10.10 -9.25
N GLU A 9 0.29 -9.43 -8.64
CA GLU A 9 -0.01 -8.05 -8.99
C GLU A 9 0.50 -7.08 -7.92
N VAL A 10 1.42 -6.20 -8.32
CA VAL A 10 1.99 -5.23 -7.41
C VAL A 10 1.72 -3.81 -7.87
N GLU A 11 0.65 -3.21 -7.35
CA GLU A 11 0.28 -1.85 -7.73
C GLU A 11 1.39 -0.87 -7.35
N SER A 12 1.93 -0.18 -8.35
CA SER A 12 2.99 0.78 -8.13
C SER A 12 2.43 2.17 -7.83
N PHE A 13 3.15 2.93 -7.01
CA PHE A 13 2.71 4.28 -6.64
C PHE A 13 3.90 5.22 -6.58
N LEU A 14 3.61 6.52 -6.47
CA LEU A 14 4.65 7.53 -6.39
C LEU A 14 4.12 8.81 -5.73
N VAL A 15 4.86 9.32 -4.76
CA VAL A 15 4.47 10.53 -4.05
C VAL A 15 5.68 11.28 -3.51
N HIS A 16 5.43 12.35 -2.77
CA HIS A 16 6.51 13.15 -2.20
C HIS A 16 6.24 13.44 -0.72
N PRO A 17 7.26 13.99 -0.04
CA PRO A 17 7.16 14.32 1.39
C PRO A 17 6.22 15.50 1.64
N GLY A 18 4.97 15.19 1.98
CA GLY A 18 4.00 16.23 2.25
C GLY A 18 2.68 15.96 1.55
N ASP A 19 2.66 14.98 0.65
CA ASP A 19 1.44 14.64 -0.08
C ASP A 19 0.57 13.70 0.73
N LEU A 20 -0.50 13.22 0.10
CA LEU A 20 -1.42 12.30 0.77
C LEU A 20 -1.35 10.91 0.15
N LEU A 21 -0.73 9.97 0.88
CA LEU A 21 -0.59 8.60 0.40
C LEU A 21 -1.89 7.82 0.61
N GLN A 22 -2.58 7.53 -0.49
CA GLN A 22 -3.83 6.80 -0.44
C GLN A 22 -3.69 5.45 -1.13
N LEU A 23 -4.04 4.38 -0.42
CA LEU A 23 -3.96 3.03 -0.97
C LEU A 23 -5.31 2.34 -0.90
N ARG A 24 -5.47 1.28 -1.70
CA ARG A 24 -6.73 0.53 -1.73
C ARG A 24 -6.45 -0.97 -1.77
N CYS A 25 -7.18 -1.73 -0.96
CA CYS A 25 -7.02 -3.17 -0.90
C CYS A 25 -8.05 -3.88 -1.77
N ARG A 26 -7.65 -4.99 -2.37
CA ARG A 26 -8.55 -5.76 -3.24
C ARG A 26 -9.44 -6.68 -2.41
N LEU A 27 -10.74 -6.42 -2.42
CA LEU A 27 -11.70 -7.22 -1.68
C LEU A 27 -12.56 -8.06 -2.63
N ARG A 28 -13.33 -8.98 -2.06
CA ARG A 28 -14.20 -9.84 -2.86
C ARG A 28 -15.58 -9.95 -2.22
N ASP A 29 -16.43 -10.79 -2.80
CA ASP A 29 -17.78 -10.99 -2.29
C ASP A 29 -17.79 -11.98 -1.14
N ASP A 30 -16.65 -12.63 -0.91
CA ASP A 30 -16.53 -13.61 0.15
C ASP A 30 -15.69 -13.05 1.30
N VAL A 31 -14.76 -12.16 0.98
CA VAL A 31 -13.90 -11.55 1.98
C VAL A 31 -14.63 -11.38 3.31
N GLN A 32 -13.92 -11.60 4.41
CA GLN A 32 -14.50 -11.47 5.73
C GLN A 32 -13.77 -10.41 6.56
N SER A 33 -12.47 -10.29 6.33
CA SER A 33 -11.65 -9.32 7.04
C SER A 33 -10.48 -8.86 6.19
N ILE A 34 -9.66 -7.97 6.74
CA ILE A 34 -8.50 -7.44 6.03
C ILE A 34 -7.32 -7.25 6.96
N ASN A 35 -6.12 -7.53 6.46
CA ASN A 35 -4.91 -7.38 7.26
C ASN A 35 -3.84 -6.60 6.49
N TRP A 36 -3.67 -5.34 6.85
CA TRP A 36 -2.69 -4.48 6.20
C TRP A 36 -1.27 -4.82 6.67
N LEU A 37 -0.32 -4.77 5.76
CA LEU A 37 1.07 -5.07 6.08
C LEU A 37 2.02 -4.15 5.31
N ARG A 38 3.23 -4.03 5.81
CA ARG A 38 4.24 -3.18 5.17
C ARG A 38 5.64 -3.75 5.36
N ASP A 39 6.30 -4.10 4.26
CA ASP A 39 7.64 -4.66 4.32
C ASP A 39 7.67 -5.96 5.11
N GLY A 40 6.51 -6.63 5.16
CA GLY A 40 6.42 -7.89 5.88
C GLY A 40 6.17 -7.68 7.36
N VAL A 41 5.19 -6.84 7.68
CA VAL A 41 4.84 -6.56 9.06
C VAL A 41 3.50 -5.84 9.16
N GLN A 42 2.78 -6.09 10.26
CA GLN A 42 1.48 -5.46 10.47
C GLN A 42 1.58 -3.94 10.39
N LEU A 43 0.73 -3.33 9.58
CA LEU A 43 0.73 -1.89 9.42
C LEU A 43 0.05 -1.20 10.59
N ALA A 44 0.50 0.00 10.92
CA ALA A 44 -0.08 0.76 12.03
C ALA A 44 -0.53 2.14 11.57
N GLU A 45 -1.59 2.65 12.21
CA GLU A 45 -2.12 3.97 11.85
C GLU A 45 -1.61 5.03 12.83
N SER A 46 -1.67 6.29 12.40
CA SER A 46 -1.23 7.40 13.23
C SER A 46 -1.83 8.71 12.75
N ASN A 47 -1.57 9.78 13.50
CA ASN A 47 -2.09 11.10 13.17
C ASN A 47 -2.14 11.29 11.65
N ARG A 48 -1.18 10.71 10.96
CA ARG A 48 -1.11 10.82 9.50
C ARG A 48 -1.73 9.60 8.83
N THR A 49 -1.17 8.42 9.11
CA THR A 49 -1.68 7.19 8.53
C THR A 49 -3.09 6.89 9.02
N ARG A 50 -3.92 6.38 8.12
CA ARG A 50 -5.31 6.05 8.46
C ARG A 50 -5.77 4.80 7.72
N ILE A 51 -5.92 3.71 8.45
CA ILE A 51 -6.35 2.45 7.87
C ILE A 51 -7.84 2.21 8.11
N THR A 52 -8.64 2.43 7.08
CA THR A 52 -10.09 2.24 7.17
C THR A 52 -10.48 0.80 6.86
N GLY A 53 -9.52 -0.11 6.99
CA GLY A 53 -9.78 -1.51 6.71
C GLY A 53 -9.27 -1.93 5.34
N GLU A 54 -9.88 -1.40 4.29
CA GLU A 54 -9.47 -1.73 2.94
C GLU A 54 -8.91 -0.51 2.22
N GLU A 55 -8.66 0.55 2.97
CA GLU A 55 -8.13 1.78 2.41
C GLU A 55 -7.20 2.48 3.41
N VAL A 56 -6.00 2.83 2.95
CA VAL A 56 -5.03 3.50 3.80
C VAL A 56 -4.80 4.94 3.35
N GLU A 57 -4.67 5.84 4.32
CA GLU A 57 -4.46 7.25 4.02
C GLU A 57 -3.43 7.85 4.97
N VAL A 58 -2.32 8.32 4.42
CA VAL A 58 -1.26 8.93 5.22
C VAL A 58 -1.01 10.36 4.81
N GLN A 59 -1.38 11.29 5.70
CA GLN A 59 -1.20 12.72 5.42
C GLN A 59 0.25 13.13 5.59
N ASP A 60 0.73 13.99 4.70
CA ASP A 60 2.10 14.46 4.75
C ASP A 60 3.08 13.30 4.65
N SER A 61 2.79 12.37 3.73
CA SER A 61 3.64 11.20 3.54
C SER A 61 5.12 11.59 3.60
N VAL A 62 5.98 10.59 3.78
CA VAL A 62 7.42 10.82 3.86
C VAL A 62 8.19 9.67 3.21
N PRO A 63 9.45 9.95 2.87
CA PRO A 63 10.34 8.95 2.23
C PRO A 63 10.73 7.83 3.19
N ALA A 64 10.18 7.88 4.41
CA ALA A 64 10.47 6.87 5.42
C ALA A 64 9.30 5.89 5.57
N ASP A 65 8.10 6.37 5.26
CA ASP A 65 6.91 5.53 5.36
C ASP A 65 6.77 4.63 4.14
N SER A 66 7.30 5.09 3.01
CA SER A 66 7.23 4.32 1.76
C SER A 66 7.62 2.86 2.01
N GLY A 67 7.45 2.04 0.97
CA GLY A 67 7.79 0.63 1.09
C GLY A 67 6.88 -0.26 0.25
N LEU A 68 6.67 -1.47 0.71
CA LEU A 68 5.82 -2.42 -0.01
C LEU A 68 4.65 -2.87 0.86
N TYR A 69 3.49 -2.23 0.66
CA TYR A 69 2.29 -2.56 1.42
C TYR A 69 1.64 -3.83 0.88
N ALA A 70 1.06 -4.61 1.78
CA ALA A 70 0.39 -5.85 1.40
C ALA A 70 -0.86 -6.08 2.25
N CYS A 71 -2.01 -6.08 1.59
CA CYS A 71 -3.28 -6.29 2.29
C CYS A 71 -3.74 -7.74 2.16
N VAL A 72 -4.02 -8.37 3.30
CA VAL A 72 -4.47 -9.76 3.31
C VAL A 72 -5.90 -9.87 3.82
N THR A 73 -6.79 -10.36 2.95
CA THR A 73 -8.19 -10.52 3.30
C THR A 73 -8.52 -11.97 3.61
N SER A 74 -9.19 -12.20 4.74
CA SER A 74 -9.56 -13.55 5.14
C SER A 74 -10.90 -13.96 4.51
N SER A 75 -10.84 -14.97 3.65
CA SER A 75 -12.04 -15.46 2.97
C SER A 75 -12.15 -16.97 3.09
N PRO A 76 -13.39 -17.48 3.04
CA PRO A 76 -13.67 -18.91 3.15
C PRO A 76 -13.20 -19.68 1.92
N SER A 77 -12.60 -18.96 0.98
CA SER A 77 -12.10 -19.58 -0.25
C SER A 77 -10.58 -19.51 -0.32
N GLY A 78 -9.99 -18.73 0.57
CA GLY A 78 -8.55 -18.59 0.59
C GLY A 78 -8.11 -17.15 0.81
N SER A 79 -7.26 -16.94 1.81
CA SER A 79 -6.77 -15.61 2.13
C SER A 79 -5.98 -15.03 0.96
N ASP A 80 -6.48 -13.93 0.39
CA ASP A 80 -5.82 -13.28 -0.73
C ASP A 80 -4.74 -12.34 -0.24
N THR A 81 -4.11 -11.63 -1.18
CA THR A 81 -3.04 -10.69 -0.85
C THR A 81 -2.83 -9.69 -1.97
N THR A 82 -2.81 -8.40 -1.63
CA THR A 82 -2.61 -7.34 -2.60
C THR A 82 -1.42 -6.46 -2.22
N TYR A 83 -0.40 -6.48 -3.07
CA TYR A 83 0.80 -5.68 -2.82
C TYR A 83 0.65 -4.28 -3.42
N PHE A 84 1.45 -3.34 -2.90
CA PHE A 84 1.41 -1.96 -3.37
C PHE A 84 2.75 -1.29 -3.21
N SER A 85 3.46 -1.10 -4.32
CA SER A 85 4.77 -0.47 -4.30
C SER A 85 4.65 1.05 -4.17
N VAL A 86 5.03 1.57 -3.01
CA VAL A 86 4.96 3.00 -2.75
C VAL A 86 6.35 3.63 -2.76
N ASN A 87 6.42 4.90 -3.13
CA ASN A 87 7.69 5.62 -3.18
C ASN A 87 7.49 7.11 -2.90
N VAL A 88 7.85 7.54 -1.71
CA VAL A 88 7.73 8.94 -1.31
C VAL A 88 9.05 9.68 -1.44
N SER A 89 9.09 10.68 -2.31
CA SER A 89 10.30 11.46 -2.52
C SER A 89 9.97 12.81 -3.15
N ASP A 90 10.70 13.84 -2.75
CA ASP A 90 10.49 15.18 -3.27
C ASP A 90 10.79 15.23 -4.77
N ALA A 91 11.50 14.22 -5.26
CA ALA A 91 11.84 14.14 -6.68
C ALA A 91 10.62 13.81 -7.52
N LEU A 92 10.14 14.78 -8.29
CA LEU A 92 8.98 14.60 -9.14
C LEU A 92 9.20 15.24 -10.52
N PRO A 93 8.53 14.69 -11.54
CA PRO A 93 8.64 15.18 -12.91
C PRO A 93 7.97 16.54 -13.08
N SER A 94 7.32 17.02 -12.02
CA SER A 94 6.64 18.31 -12.06
C SER A 94 7.62 19.45 -11.78
N GLY A 95 8.82 19.34 -12.33
CA GLY A 95 9.83 20.36 -12.13
C GLY A 95 11.03 20.18 -13.03
N PRO A 96 10.86 20.53 -14.32
CA PRO A 96 11.92 20.41 -15.32
C PRO A 96 13.04 21.42 -15.10
N SER A 97 12.92 22.20 -14.02
CA SER A 97 13.92 23.21 -13.70
C SER A 97 14.05 23.39 -12.20
N SER A 98 15.05 24.16 -11.78
CA SER A 98 15.28 24.41 -10.36
C SER A 98 14.74 25.77 -9.95
N GLY A 99 15.09 26.80 -10.72
CA GLY A 99 14.63 28.14 -10.43
C GLY A 99 15.68 28.98 -9.74
N GLY A 1 1.00 -23.48 -10.66
CA GLY A 1 1.57 -22.53 -11.60
C GLY A 1 2.31 -23.21 -12.72
N SER A 2 1.83 -23.03 -13.95
CA SER A 2 2.46 -23.63 -15.12
C SER A 2 3.87 -23.10 -15.31
N SER A 3 4.85 -23.98 -15.12
CA SER A 3 6.25 -23.61 -15.26
C SER A 3 6.60 -22.43 -14.35
N GLY A 4 6.03 -22.45 -13.14
CA GLY A 4 6.29 -21.38 -12.19
C GLY A 4 5.61 -20.08 -12.59
N SER A 5 6.29 -18.96 -12.34
CA SER A 5 5.75 -17.65 -12.66
C SER A 5 4.47 -17.39 -11.88
N SER A 6 4.46 -17.78 -10.62
CA SER A 6 3.29 -17.60 -9.76
C SER A 6 3.44 -16.34 -8.91
N GLY A 7 3.57 -15.19 -9.57
CA GLY A 7 3.72 -13.94 -8.86
C GLY A 7 2.39 -13.28 -8.55
N VAL A 8 2.43 -12.02 -8.14
CA VAL A 8 1.21 -11.28 -7.82
C VAL A 8 1.25 -9.88 -8.41
N GLU A 9 0.14 -9.15 -8.25
CA GLU A 9 0.04 -7.79 -8.78
C GLU A 9 0.59 -6.79 -7.77
N VAL A 10 1.64 -6.07 -8.16
CA VAL A 10 2.25 -5.07 -7.31
C VAL A 10 1.94 -3.65 -7.79
N GLU A 11 0.86 -3.08 -7.28
CA GLU A 11 0.46 -1.74 -7.67
C GLU A 11 1.54 -0.72 -7.29
N SER A 12 2.14 -0.10 -8.30
CA SER A 12 3.19 0.88 -8.08
C SER A 12 2.58 2.25 -7.76
N PHE A 13 3.32 3.04 -6.97
CA PHE A 13 2.85 4.37 -6.58
C PHE A 13 4.01 5.35 -6.52
N LEU A 14 3.69 6.63 -6.39
CA LEU A 14 4.72 7.67 -6.32
C LEU A 14 4.17 8.93 -5.66
N VAL A 15 4.92 9.47 -4.71
CA VAL A 15 4.52 10.68 -4.00
C VAL A 15 5.72 11.43 -3.45
N HIS A 16 5.46 12.49 -2.69
CA HIS A 16 6.52 13.29 -2.10
C HIS A 16 6.25 13.55 -0.62
N PRO A 17 7.26 14.10 0.09
CA PRO A 17 7.14 14.40 1.51
C PRO A 17 6.19 15.55 1.79
N GLY A 18 4.94 15.22 2.12
CA GLY A 18 3.95 16.25 2.41
C GLY A 18 2.62 15.96 1.74
N ASP A 19 2.63 15.06 0.77
CA ASP A 19 1.41 14.69 0.05
C ASP A 19 0.60 13.67 0.84
N LEU A 20 -0.47 13.19 0.23
CA LEU A 20 -1.34 12.20 0.86
C LEU A 20 -1.21 10.84 0.19
N LEU A 21 -0.69 9.86 0.92
CA LEU A 21 -0.51 8.52 0.39
C LEU A 21 -1.79 7.70 0.56
N GLN A 22 -2.50 7.48 -0.55
CA GLN A 22 -3.74 6.72 -0.53
C GLN A 22 -3.55 5.37 -1.22
N LEU A 23 -4.14 4.33 -0.63
CA LEU A 23 -4.04 2.99 -1.18
C LEU A 23 -5.39 2.29 -1.17
N ARG A 24 -5.52 1.23 -1.96
CA ARG A 24 -6.76 0.48 -2.03
C ARG A 24 -6.48 -1.02 -2.08
N CYS A 25 -7.31 -1.79 -1.37
CA CYS A 25 -7.16 -3.24 -1.32
C CYS A 25 -8.33 -3.94 -2.02
N ARG A 26 -8.00 -4.79 -2.98
CA ARG A 26 -9.01 -5.52 -3.72
C ARG A 26 -9.72 -6.55 -2.84
N LEU A 27 -11.00 -6.32 -2.57
CA LEU A 27 -11.78 -7.21 -1.73
C LEU A 27 -12.63 -8.14 -2.59
N ARG A 28 -13.21 -9.15 -1.94
CA ARG A 28 -14.06 -10.12 -2.64
C ARG A 28 -15.46 -10.13 -2.07
N ASP A 29 -16.30 -11.04 -2.56
CA ASP A 29 -17.67 -11.15 -2.09
C ASP A 29 -17.76 -12.03 -0.86
N ASP A 30 -16.69 -12.76 -0.57
CA ASP A 30 -16.64 -13.64 0.59
C ASP A 30 -15.75 -13.06 1.68
N VAL A 31 -14.82 -12.20 1.29
CA VAL A 31 -13.90 -11.58 2.23
C VAL A 31 -14.60 -11.27 3.55
N GLN A 32 -13.91 -11.51 4.65
CA GLN A 32 -14.47 -11.25 5.97
C GLN A 32 -13.71 -10.13 6.68
N SER A 33 -12.38 -10.15 6.54
CA SER A 33 -11.54 -9.13 7.16
C SER A 33 -10.36 -8.78 6.26
N ILE A 34 -9.55 -7.82 6.71
CA ILE A 34 -8.39 -7.38 5.95
C ILE A 34 -7.19 -7.16 6.86
N ASN A 35 -6.00 -7.52 6.36
CA ASN A 35 -4.78 -7.35 7.14
C ASN A 35 -3.76 -6.51 6.37
N TRP A 36 -3.53 -5.29 6.83
CA TRP A 36 -2.59 -4.39 6.18
C TRP A 36 -1.16 -4.68 6.65
N LEU A 37 -0.25 -4.82 5.70
CA LEU A 37 1.14 -5.09 6.01
C LEU A 37 2.07 -4.11 5.30
N ARG A 38 3.33 -4.08 5.72
CA ARG A 38 4.31 -3.18 5.12
C ARG A 38 5.73 -3.72 5.30
N ASP A 39 6.38 -4.06 4.19
CA ASP A 39 7.73 -4.60 4.24
C ASP A 39 7.77 -5.93 4.97
N GLY A 40 6.65 -6.62 4.99
CA GLY A 40 6.57 -7.91 5.67
C GLY A 40 6.30 -7.76 7.15
N VAL A 41 5.37 -6.88 7.51
CA VAL A 41 5.03 -6.65 8.90
C VAL A 41 3.67 -5.95 9.02
N GLN A 42 2.99 -6.18 10.14
CA GLN A 42 1.70 -5.58 10.38
C GLN A 42 1.77 -4.06 10.29
N LEU A 43 0.83 -3.46 9.57
CA LEU A 43 0.79 -2.02 9.40
C LEU A 43 -0.01 -1.36 10.52
N ALA A 44 0.38 -0.16 10.89
CA ALA A 44 -0.29 0.59 11.95
C ALA A 44 -0.67 1.99 11.49
N GLU A 45 -1.71 2.55 12.10
CA GLU A 45 -2.18 3.89 11.74
C GLU A 45 -1.63 4.92 12.71
N SER A 46 -1.74 6.19 12.33
CA SER A 46 -1.24 7.28 13.16
C SER A 46 -1.87 8.61 12.74
N ASN A 47 -1.58 9.66 13.51
CA ASN A 47 -2.12 10.99 13.22
C ASN A 47 -2.20 11.22 11.71
N ARG A 48 -1.27 10.63 10.97
CA ARG A 48 -1.24 10.77 9.52
C ARG A 48 -1.85 9.54 8.84
N THR A 49 -1.25 8.37 9.10
CA THR A 49 -1.73 7.14 8.52
C THR A 49 -3.15 6.81 8.97
N ARG A 50 -3.98 6.37 8.03
CA ARG A 50 -5.37 6.04 8.33
C ARG A 50 -5.79 4.77 7.59
N ILE A 51 -5.97 3.69 8.34
CA ILE A 51 -6.38 2.42 7.77
C ILE A 51 -7.87 2.18 7.95
N THR A 52 -8.63 2.38 6.88
CA THR A 52 -10.08 2.19 6.93
C THR A 52 -10.45 0.74 6.64
N GLY A 53 -9.45 -0.13 6.67
CA GLY A 53 -9.69 -1.55 6.42
C GLY A 53 -9.13 -1.99 5.08
N GLU A 54 -9.66 -1.44 4.00
CA GLU A 54 -9.20 -1.80 2.66
C GLU A 54 -8.64 -0.58 1.93
N GLU A 55 -8.59 0.55 2.64
CA GLU A 55 -8.08 1.79 2.06
C GLU A 55 -7.22 2.54 3.06
N VAL A 56 -5.95 2.75 2.71
CA VAL A 56 -5.01 3.45 3.57
C VAL A 56 -4.88 4.91 3.15
N GLU A 57 -4.62 5.78 4.13
CA GLU A 57 -4.47 7.21 3.86
C GLU A 57 -3.49 7.84 4.84
N VAL A 58 -2.31 8.21 4.33
CA VAL A 58 -1.29 8.82 5.17
C VAL A 58 -1.05 10.27 4.76
N GLN A 59 -1.45 11.20 5.62
CA GLN A 59 -1.28 12.62 5.35
C GLN A 59 0.17 13.04 5.54
N ASP A 60 0.62 13.98 4.71
CA ASP A 60 1.99 14.47 4.78
C ASP A 60 2.98 13.32 4.68
N SER A 61 2.70 12.37 3.79
CA SER A 61 3.56 11.21 3.60
C SER A 61 5.03 11.62 3.65
N VAL A 62 5.91 10.65 3.86
CA VAL A 62 7.34 10.89 3.93
C VAL A 62 8.14 9.74 3.33
N PRO A 63 9.40 10.02 2.98
CA PRO A 63 10.29 9.02 2.39
C PRO A 63 10.69 7.93 3.39
N ALA A 64 10.14 8.01 4.59
CA ALA A 64 10.44 7.03 5.63
C ALA A 64 9.28 6.05 5.80
N ASP A 65 8.10 6.42 5.31
CA ASP A 65 6.93 5.57 5.41
C ASP A 65 6.81 4.67 4.19
N SER A 66 7.43 5.07 3.09
CA SER A 66 7.39 4.30 1.86
C SER A 66 7.71 2.83 2.13
N GLY A 67 7.59 2.01 1.10
CA GLY A 67 7.87 0.59 1.25
C GLY A 67 6.96 -0.27 0.39
N LEU A 68 6.79 -1.53 0.79
CA LEU A 68 5.94 -2.46 0.06
C LEU A 68 4.76 -2.90 0.92
N TYR A 69 3.60 -2.30 0.68
CA TYR A 69 2.39 -2.62 1.43
C TYR A 69 1.72 -3.88 0.86
N ALA A 70 1.13 -4.67 1.75
CA ALA A 70 0.45 -5.89 1.34
C ALA A 70 -0.80 -6.14 2.17
N CYS A 71 -1.95 -6.14 1.52
CA CYS A 71 -3.22 -6.36 2.19
C CYS A 71 -3.67 -7.80 2.06
N VAL A 72 -3.96 -8.44 3.19
CA VAL A 72 -4.41 -9.83 3.19
C VAL A 72 -5.83 -9.94 3.70
N THR A 73 -6.72 -10.46 2.86
CA THR A 73 -8.12 -10.63 3.22
C THR A 73 -8.43 -12.08 3.57
N SER A 74 -9.06 -12.29 4.71
CA SER A 74 -9.41 -13.63 5.16
C SER A 74 -10.83 -14.01 4.71
N SER A 75 -10.93 -15.06 3.91
CA SER A 75 -12.22 -15.51 3.42
C SER A 75 -12.44 -16.99 3.71
N PRO A 76 -13.71 -17.40 3.81
CA PRO A 76 -14.07 -18.79 4.09
C PRO A 76 -13.76 -19.72 2.92
N SER A 77 -13.18 -19.16 1.87
CA SER A 77 -12.84 -19.94 0.68
C SER A 77 -11.34 -19.86 0.39
N GLY A 78 -10.63 -19.05 1.19
CA GLY A 78 -9.20 -18.90 1.00
C GLY A 78 -8.69 -17.57 1.52
N SER A 79 -7.63 -17.06 0.91
CA SER A 79 -7.04 -15.80 1.32
C SER A 79 -6.28 -15.15 0.16
N ASP A 80 -6.62 -13.89 -0.12
CA ASP A 80 -5.97 -13.16 -1.20
C ASP A 80 -4.92 -12.19 -0.65
N THR A 81 -4.13 -11.60 -1.54
CA THR A 81 -3.10 -10.66 -1.15
C THR A 81 -2.85 -9.62 -2.25
N THR A 82 -2.77 -8.36 -1.85
CA THR A 82 -2.52 -7.28 -2.80
C THR A 82 -1.34 -6.42 -2.37
N TYR A 83 -0.32 -6.36 -3.22
CA TYR A 83 0.88 -5.57 -2.91
C TYR A 83 0.73 -4.14 -3.44
N PHE A 84 1.59 -3.25 -2.95
CA PHE A 84 1.56 -1.86 -3.37
C PHE A 84 2.92 -1.20 -3.16
N SER A 85 3.63 -0.95 -4.26
CA SER A 85 4.94 -0.32 -4.21
C SER A 85 4.82 1.19 -4.12
N VAL A 86 5.06 1.73 -2.91
CA VAL A 86 4.98 3.17 -2.69
C VAL A 86 6.38 3.80 -2.66
N ASN A 87 6.45 5.06 -3.06
CA ASN A 87 7.72 5.78 -3.09
C ASN A 87 7.51 7.27 -2.83
N VAL A 88 7.86 7.70 -1.62
CA VAL A 88 7.71 9.10 -1.24
C VAL A 88 9.03 9.84 -1.33
N SER A 89 9.09 10.85 -2.19
CA SER A 89 10.31 11.63 -2.37
C SER A 89 10.01 12.97 -3.04
N ASP A 90 10.68 14.03 -2.58
CA ASP A 90 10.48 15.36 -3.14
C ASP A 90 10.72 15.36 -4.65
N ALA A 91 11.39 14.32 -5.13
CA ALA A 91 11.68 14.20 -6.56
C ALA A 91 10.46 13.70 -7.33
N LEU A 92 9.83 14.60 -8.08
CA LEU A 92 8.65 14.25 -8.86
C LEU A 92 8.81 14.72 -10.31
N PRO A 93 8.21 13.97 -11.24
CA PRO A 93 8.27 14.30 -12.67
C PRO A 93 7.45 15.53 -13.02
N SER A 94 8.10 16.69 -13.05
CA SER A 94 7.44 17.95 -13.35
C SER A 94 8.43 18.98 -13.88
N GLY A 95 7.94 19.90 -14.71
CA GLY A 95 8.81 20.93 -15.26
C GLY A 95 8.02 22.01 -15.97
N PRO A 96 7.44 22.93 -15.19
CA PRO A 96 6.65 24.04 -15.73
C PRO A 96 7.51 25.07 -16.46
N SER A 97 8.73 25.27 -15.95
CA SER A 97 9.65 26.22 -16.56
C SER A 97 10.68 25.52 -17.43
N SER A 98 11.16 26.22 -18.45
CA SER A 98 12.15 25.64 -19.37
C SER A 98 13.32 26.60 -19.56
N GLY A 99 14.53 26.10 -19.35
CA GLY A 99 15.72 26.91 -19.50
C GLY A 99 16.02 27.23 -20.95
N GLY A 1 10.34 -16.31 5.87
CA GLY A 1 9.96 -15.95 4.51
C GLY A 1 9.23 -17.08 3.80
N SER A 2 9.89 -17.68 2.81
CA SER A 2 9.29 -18.77 2.05
C SER A 2 8.05 -18.29 1.30
N SER A 3 8.15 -17.10 0.71
CA SER A 3 7.04 -16.53 -0.04
C SER A 3 7.34 -16.51 -1.54
N GLY A 4 6.57 -17.28 -2.30
CA GLY A 4 6.76 -17.34 -3.73
C GLY A 4 5.51 -17.75 -4.47
N SER A 5 5.20 -17.04 -5.55
CA SER A 5 4.01 -17.32 -6.35
C SER A 5 4.35 -17.37 -7.84
N SER A 6 3.35 -17.68 -8.65
CA SER A 6 3.54 -17.75 -10.09
C SER A 6 3.02 -16.50 -10.78
N GLY A 7 3.30 -15.34 -10.18
CA GLY A 7 2.86 -14.09 -10.75
C GLY A 7 1.85 -13.37 -9.87
N VAL A 8 2.10 -12.09 -9.60
CA VAL A 8 1.20 -11.30 -8.76
C VAL A 8 1.08 -9.87 -9.29
N GLU A 9 0.21 -9.08 -8.66
CA GLU A 9 0.00 -7.70 -9.06
C GLU A 9 0.57 -6.75 -8.02
N VAL A 10 1.55 -5.94 -8.43
CA VAL A 10 2.17 -4.98 -7.53
C VAL A 10 1.87 -3.55 -7.96
N GLU A 11 0.81 -2.97 -7.41
CA GLU A 11 0.42 -1.61 -7.74
C GLU A 11 1.52 -0.61 -7.37
N SER A 12 2.11 0.00 -8.38
CA SER A 12 3.18 0.97 -8.16
C SER A 12 2.62 2.35 -7.84
N PHE A 13 3.34 3.09 -7.00
CA PHE A 13 2.91 4.43 -6.61
C PHE A 13 4.10 5.37 -6.48
N LEU A 14 3.83 6.67 -6.52
CA LEU A 14 4.88 7.67 -6.40
C LEU A 14 4.34 8.96 -5.77
N VAL A 15 4.97 9.38 -4.68
CA VAL A 15 4.56 10.59 -3.98
C VAL A 15 5.76 11.34 -3.40
N HIS A 16 5.49 12.40 -2.67
CA HIS A 16 6.56 13.20 -2.05
C HIS A 16 6.26 13.45 -0.58
N PRO A 17 7.26 13.97 0.15
CA PRO A 17 7.13 14.28 1.57
C PRO A 17 6.20 15.46 1.84
N GLY A 18 4.93 15.15 2.03
CA GLY A 18 3.95 16.20 2.29
C GLY A 18 2.63 15.94 1.59
N ASP A 19 2.61 14.95 0.71
CA ASP A 19 1.40 14.59 -0.03
C ASP A 19 0.54 13.62 0.76
N LEU A 20 -0.54 13.15 0.14
CA LEU A 20 -1.45 12.21 0.79
C LEU A 20 -1.33 10.82 0.15
N LEU A 21 -0.72 9.89 0.87
CA LEU A 21 -0.56 8.53 0.38
C LEU A 21 -1.84 7.74 0.53
N GLN A 22 -2.57 7.56 -0.57
CA GLN A 22 -3.82 6.82 -0.56
C GLN A 22 -3.66 5.47 -1.25
N LEU A 23 -4.16 4.42 -0.61
CA LEU A 23 -4.07 3.07 -1.16
C LEU A 23 -5.44 2.40 -1.16
N ARG A 24 -5.54 1.28 -1.87
CA ARG A 24 -6.79 0.53 -1.96
C ARG A 24 -6.52 -0.97 -1.98
N CYS A 25 -7.39 -1.72 -1.33
CA CYS A 25 -7.26 -3.17 -1.27
C CYS A 25 -8.43 -3.86 -1.98
N ARG A 26 -8.11 -4.71 -2.94
CA ARG A 26 -9.12 -5.43 -3.70
C ARG A 26 -9.81 -6.48 -2.82
N LEU A 27 -11.09 -6.27 -2.53
CA LEU A 27 -11.85 -7.20 -1.70
C LEU A 27 -12.70 -8.12 -2.57
N ARG A 28 -13.31 -9.12 -1.93
CA ARG A 28 -14.16 -10.07 -2.64
C ARG A 28 -15.55 -10.10 -2.04
N ASP A 29 -16.39 -11.02 -2.54
CA ASP A 29 -17.75 -11.15 -2.05
C ASP A 29 -17.80 -12.10 -0.85
N ASP A 30 -16.66 -12.71 -0.53
CA ASP A 30 -16.58 -13.63 0.59
C ASP A 30 -15.72 -13.06 1.71
N VAL A 31 -14.74 -12.24 1.34
CA VAL A 31 -13.85 -11.61 2.31
C VAL A 31 -14.58 -11.31 3.61
N GLN A 32 -13.92 -11.60 4.73
CA GLN A 32 -14.50 -11.36 6.04
C GLN A 32 -13.74 -10.29 6.80
N SER A 33 -12.43 -10.23 6.57
CA SER A 33 -11.57 -9.26 7.23
C SER A 33 -10.41 -8.87 6.33
N ILE A 34 -9.56 -7.96 6.82
CA ILE A 34 -8.41 -7.49 6.06
C ILE A 34 -7.18 -7.36 6.96
N ASN A 35 -6.01 -7.57 6.37
CA ASN A 35 -4.76 -7.47 7.12
C ASN A 35 -3.74 -6.62 6.36
N TRP A 36 -3.58 -5.38 6.78
CA TRP A 36 -2.63 -4.47 6.14
C TRP A 36 -1.21 -4.76 6.59
N LEU A 37 -0.29 -4.83 5.64
CA LEU A 37 1.11 -5.10 5.94
C LEU A 37 2.04 -4.14 5.19
N ARG A 38 3.27 -4.02 5.67
CA ARG A 38 4.25 -3.13 5.03
C ARG A 38 5.66 -3.65 5.25
N ASP A 39 6.33 -4.00 4.17
CA ASP A 39 7.71 -4.49 4.24
C ASP A 39 7.75 -5.82 4.99
N GLY A 40 6.64 -6.55 4.97
CA GLY A 40 6.58 -7.82 5.65
C GLY A 40 6.29 -7.68 7.14
N VAL A 41 5.34 -6.82 7.47
CA VAL A 41 4.98 -6.59 8.87
C VAL A 41 3.63 -5.91 8.98
N GLN A 42 2.94 -6.14 10.09
CA GLN A 42 1.64 -5.54 10.32
C GLN A 42 1.71 -4.02 10.23
N LEU A 43 0.73 -3.42 9.55
CA LEU A 43 0.70 -1.97 9.38
C LEU A 43 -0.04 -1.32 10.55
N ALA A 44 0.32 -0.08 10.85
CA ALA A 44 -0.30 0.67 11.94
C ALA A 44 -0.74 2.05 11.48
N GLU A 45 -1.81 2.56 12.08
CA GLU A 45 -2.33 3.88 11.73
C GLU A 45 -1.89 4.93 12.73
N SER A 46 -1.90 6.19 12.32
CA SER A 46 -1.49 7.29 13.19
C SER A 46 -2.07 8.61 12.70
N ASN A 47 -1.73 9.68 13.40
CA ASN A 47 -2.21 11.02 13.04
C ASN A 47 -2.23 11.19 11.53
N ARG A 48 -1.25 10.61 10.86
CA ARG A 48 -1.15 10.71 9.40
C ARG A 48 -1.75 9.48 8.74
N THR A 49 -1.18 8.31 9.03
CA THR A 49 -1.66 7.06 8.45
C THR A 49 -3.08 6.74 8.94
N ARG A 50 -3.93 6.28 8.02
CA ARG A 50 -5.30 5.93 8.36
C ARG A 50 -5.74 4.69 7.60
N ILE A 51 -5.93 3.59 8.33
CA ILE A 51 -6.36 2.34 7.73
C ILE A 51 -7.87 2.15 7.86
N THR A 52 -8.60 2.46 6.78
CA THR A 52 -10.05 2.33 6.78
C THR A 52 -10.46 0.89 6.48
N GLY A 53 -9.52 -0.04 6.65
CA GLY A 53 -9.82 -1.44 6.39
C GLY A 53 -9.27 -1.91 5.06
N GLU A 54 -9.87 -1.43 3.97
CA GLU A 54 -9.45 -1.81 2.63
C GLU A 54 -8.71 -0.66 1.95
N GLU A 55 -8.71 0.50 2.59
CA GLU A 55 -8.05 1.68 2.05
C GLU A 55 -7.17 2.35 3.10
N VAL A 56 -6.00 2.79 2.68
CA VAL A 56 -5.05 3.45 3.59
C VAL A 56 -4.81 4.89 3.17
N GLU A 57 -4.69 5.78 4.16
CA GLU A 57 -4.45 7.19 3.89
C GLU A 57 -3.44 7.76 4.88
N VAL A 58 -2.32 8.26 4.36
CA VAL A 58 -1.27 8.83 5.19
C VAL A 58 -1.00 10.29 4.81
N GLN A 59 -1.42 11.20 5.67
CA GLN A 59 -1.22 12.62 5.42
C GLN A 59 0.25 13.01 5.60
N ASP A 60 0.70 13.98 4.81
CA ASP A 60 2.08 14.45 4.88
C ASP A 60 3.05 13.27 4.80
N SER A 61 2.76 12.34 3.90
CA SER A 61 3.61 11.16 3.71
C SER A 61 5.08 11.53 3.78
N VAL A 62 5.94 10.54 3.97
CA VAL A 62 7.37 10.76 4.04
C VAL A 62 8.14 9.61 3.40
N PRO A 63 9.42 9.87 3.07
CA PRO A 63 10.29 8.86 2.45
C PRO A 63 10.66 7.74 3.41
N ALA A 64 10.14 7.82 4.62
CA ALA A 64 10.42 6.81 5.65
C ALA A 64 9.26 5.84 5.77
N ASP A 65 8.07 6.27 5.37
CA ASP A 65 6.88 5.44 5.46
C ASP A 65 6.75 4.56 4.22
N SER A 66 7.41 4.97 3.14
CA SER A 66 7.37 4.22 1.89
C SER A 66 7.67 2.74 2.13
N GLY A 67 7.55 1.94 1.07
CA GLY A 67 7.80 0.52 1.18
C GLY A 67 6.86 -0.31 0.34
N LEU A 68 6.79 -1.61 0.63
CA LEU A 68 5.92 -2.51 -0.10
C LEU A 68 4.75 -2.98 0.77
N TYR A 69 3.60 -2.34 0.60
CA TYR A 69 2.42 -2.69 1.37
C TYR A 69 1.76 -3.94 0.82
N ALA A 70 1.15 -4.72 1.72
CA ALA A 70 0.48 -5.96 1.33
C ALA A 70 -0.78 -6.19 2.15
N CYS A 71 -1.93 -6.10 1.50
CA CYS A 71 -3.20 -6.29 2.18
C CYS A 71 -3.70 -7.73 2.02
N VAL A 72 -3.96 -8.39 3.13
CA VAL A 72 -4.44 -9.77 3.11
C VAL A 72 -5.86 -9.87 3.66
N THR A 73 -6.77 -10.39 2.86
CA THR A 73 -8.15 -10.55 3.26
C THR A 73 -8.46 -11.99 3.65
N SER A 74 -9.06 -12.16 4.83
CA SER A 74 -9.39 -13.50 5.33
C SER A 74 -10.79 -13.91 4.85
N SER A 75 -10.82 -14.88 3.95
CA SER A 75 -12.08 -15.38 3.40
C SER A 75 -12.24 -16.87 3.66
N PRO A 76 -13.50 -17.33 3.69
CA PRO A 76 -13.81 -18.74 3.92
C PRO A 76 -13.40 -19.65 2.76
N SER A 77 -12.81 -19.04 1.74
CA SER A 77 -12.37 -19.77 0.56
C SER A 77 -10.84 -19.75 0.44
N GLY A 78 -10.22 -18.88 1.22
CA GLY A 78 -8.76 -18.77 1.19
C GLY A 78 -8.27 -17.48 1.80
N SER A 79 -7.34 -16.83 1.10
CA SER A 79 -6.77 -15.56 1.58
C SER A 79 -6.09 -14.80 0.44
N ASP A 80 -6.68 -13.68 0.05
CA ASP A 80 -6.14 -12.86 -1.02
C ASP A 80 -5.01 -11.98 -0.51
N THR A 81 -4.21 -11.47 -1.43
CA THR A 81 -3.09 -10.60 -1.08
C THR A 81 -2.80 -9.59 -2.19
N THR A 82 -2.81 -8.31 -1.83
CA THR A 82 -2.55 -7.25 -2.79
C THR A 82 -1.35 -6.42 -2.38
N TYR A 83 -0.35 -6.36 -3.25
CA TYR A 83 0.86 -5.59 -2.98
C TYR A 83 0.76 -4.17 -3.52
N PHE A 84 1.55 -3.27 -2.96
CA PHE A 84 1.55 -1.87 -3.39
C PHE A 84 2.92 -1.24 -3.20
N SER A 85 3.58 -0.94 -4.32
CA SER A 85 4.91 -0.34 -4.29
C SER A 85 4.81 1.17 -4.15
N VAL A 86 5.04 1.67 -2.93
CA VAL A 86 4.97 3.10 -2.66
C VAL A 86 6.37 3.72 -2.63
N ASN A 87 6.46 4.99 -3.00
CA ASN A 87 7.74 5.69 -3.00
C ASN A 87 7.55 7.18 -2.74
N VAL A 88 7.89 7.62 -1.53
CA VAL A 88 7.76 9.02 -1.16
C VAL A 88 9.10 9.75 -1.26
N SER A 89 9.14 10.77 -2.10
CA SER A 89 10.35 11.56 -2.30
C SER A 89 10.04 12.89 -2.98
N ASP A 90 10.69 13.94 -2.51
CA ASP A 90 10.49 15.28 -3.08
C ASP A 90 10.72 15.26 -4.59
N ALA A 91 11.61 14.39 -5.04
CA ALA A 91 11.92 14.28 -6.45
C ALA A 91 10.87 13.46 -7.19
N LEU A 92 10.28 14.04 -8.23
CA LEU A 92 9.25 13.37 -9.01
C LEU A 92 9.61 13.37 -10.50
N PRO A 93 9.06 12.40 -11.24
CA PRO A 93 9.30 12.26 -12.68
C PRO A 93 8.65 13.38 -13.48
N SER A 94 7.92 14.25 -12.79
CA SER A 94 7.24 15.37 -13.44
C SER A 94 8.24 16.44 -13.85
N GLY A 95 8.00 17.06 -15.01
CA GLY A 95 8.89 18.10 -15.50
C GLY A 95 9.68 17.65 -16.71
N PRO A 96 10.05 18.62 -17.57
CA PRO A 96 10.81 18.35 -18.79
C PRO A 96 12.25 17.95 -18.49
N SER A 97 12.92 18.72 -17.63
CA SER A 97 14.30 18.44 -17.27
C SER A 97 14.44 18.28 -15.75
N SER A 98 15.48 17.58 -15.34
CA SER A 98 15.72 17.35 -13.91
C SER A 98 16.73 18.36 -13.37
N GLY A 99 16.22 19.50 -12.91
CA GLY A 99 17.09 20.53 -12.37
C GLY A 99 16.83 21.88 -12.99
N GLY A 1 18.98 -24.19 -1.90
CA GLY A 1 18.64 -25.27 -2.79
C GLY A 1 18.07 -24.78 -4.11
N SER A 2 16.78 -24.48 -4.11
CA SER A 2 16.10 -24.00 -5.31
C SER A 2 14.90 -23.12 -4.95
N SER A 3 14.99 -21.84 -5.30
CA SER A 3 13.92 -20.89 -5.02
C SER A 3 12.85 -20.93 -6.10
N GLY A 4 11.69 -20.34 -5.81
CA GLY A 4 10.61 -20.32 -6.77
C GLY A 4 10.05 -18.92 -6.98
N SER A 5 10.10 -18.45 -8.22
CA SER A 5 9.60 -17.12 -8.56
C SER A 5 8.07 -17.11 -8.56
N SER A 6 7.50 -16.25 -7.72
CA SER A 6 6.05 -16.13 -7.62
C SER A 6 5.57 -14.82 -8.23
N GLY A 7 4.64 -14.93 -9.18
CA GLY A 7 4.11 -13.75 -9.83
C GLY A 7 2.85 -13.23 -9.16
N VAL A 8 2.78 -11.92 -8.99
CA VAL A 8 1.62 -11.29 -8.36
C VAL A 8 1.46 -9.84 -8.82
N GLU A 9 0.26 -9.29 -8.61
CA GLU A 9 -0.02 -7.92 -9.01
C GLU A 9 0.47 -6.94 -7.95
N VAL A 10 1.51 -6.18 -8.30
CA VAL A 10 2.08 -5.21 -7.39
C VAL A 10 1.82 -3.77 -7.86
N GLU A 11 0.76 -3.17 -7.33
CA GLU A 11 0.41 -1.80 -7.70
C GLU A 11 1.51 -0.83 -7.33
N SER A 12 2.06 -0.15 -8.34
CA SER A 12 3.13 0.82 -8.12
C SER A 12 2.56 2.21 -7.84
N PHE A 13 3.25 2.96 -7.00
CA PHE A 13 2.82 4.31 -6.65
C PHE A 13 4.01 5.26 -6.56
N LEU A 14 3.73 6.56 -6.50
CA LEU A 14 4.78 7.56 -6.42
C LEU A 14 4.24 8.86 -5.81
N VAL A 15 4.86 9.30 -4.72
CA VAL A 15 4.45 10.52 -4.04
C VAL A 15 5.66 11.28 -3.50
N HIS A 16 5.38 12.36 -2.77
CA HIS A 16 6.45 13.18 -2.21
C HIS A 16 6.18 13.47 -0.73
N PRO A 17 7.19 14.03 -0.05
CA PRO A 17 7.09 14.35 1.39
C PRO A 17 6.13 15.51 1.64
N GLY A 18 4.91 15.19 2.04
CA GLY A 18 3.92 16.22 2.31
C GLY A 18 2.61 15.97 1.61
N ASP A 19 2.60 14.98 0.72
CA ASP A 19 1.40 14.64 -0.03
C ASP A 19 0.51 13.68 0.76
N LEU A 20 -0.55 13.19 0.13
CA LEU A 20 -1.47 12.26 0.78
C LEU A 20 -1.38 10.88 0.13
N LEU A 21 -0.76 9.94 0.86
CA LEU A 21 -0.61 8.58 0.36
C LEU A 21 -1.90 7.79 0.54
N GLN A 22 -2.57 7.49 -0.58
CA GLN A 22 -3.81 6.74 -0.55
C GLN A 22 -3.65 5.39 -1.23
N LEU A 23 -4.17 4.34 -0.59
CA LEU A 23 -4.07 2.99 -1.13
C LEU A 23 -5.45 2.34 -1.19
N ARG A 24 -5.50 1.15 -1.78
CA ARG A 24 -6.75 0.41 -1.90
C ARG A 24 -6.51 -1.08 -1.97
N CYS A 25 -7.35 -1.86 -1.29
CA CYS A 25 -7.22 -3.31 -1.28
C CYS A 25 -8.44 -3.97 -1.91
N ARG A 26 -8.22 -4.68 -3.01
CA ARG A 26 -9.30 -5.36 -3.71
C ARG A 26 -9.96 -6.40 -2.81
N LEU A 27 -11.21 -6.17 -2.44
CA LEU A 27 -11.94 -7.08 -1.58
C LEU A 27 -12.82 -8.02 -2.41
N ARG A 28 -13.49 -8.96 -1.73
CA ARG A 28 -14.35 -9.91 -2.40
C ARG A 28 -15.69 -10.04 -1.68
N ASP A 29 -16.69 -10.58 -2.38
CA ASP A 29 -18.01 -10.75 -1.80
C ASP A 29 -17.99 -11.77 -0.68
N ASP A 30 -16.86 -12.47 -0.55
CA ASP A 30 -16.70 -13.48 0.50
C ASP A 30 -15.81 -12.97 1.63
N VAL A 31 -14.85 -12.12 1.27
CA VAL A 31 -13.93 -11.56 2.25
C VAL A 31 -14.62 -11.33 3.60
N GLN A 32 -13.90 -11.57 4.68
CA GLN A 32 -14.44 -11.40 6.02
C GLN A 32 -13.65 -10.33 6.79
N SER A 33 -12.38 -10.19 6.46
CA SER A 33 -11.53 -9.22 7.13
C SER A 33 -10.35 -8.84 6.24
N ILE A 34 -9.53 -7.91 6.72
CA ILE A 34 -8.37 -7.44 5.97
C ILE A 34 -7.17 -7.24 6.89
N ASN A 35 -5.98 -7.57 6.39
CA ASN A 35 -4.76 -7.42 7.17
C ASN A 35 -3.72 -6.62 6.40
N TRP A 36 -3.51 -5.38 6.82
CA TRP A 36 -2.55 -4.49 6.17
C TRP A 36 -1.14 -4.80 6.65
N LEU A 37 -0.20 -4.88 5.69
CA LEU A 37 1.20 -5.16 6.02
C LEU A 37 2.13 -4.18 5.31
N ARG A 38 3.33 -4.02 5.84
CA ARG A 38 4.31 -3.12 5.26
C ARG A 38 5.73 -3.66 5.46
N ASP A 39 6.38 -4.01 4.37
CA ASP A 39 7.74 -4.53 4.43
C ASP A 39 7.79 -5.84 5.21
N GLY A 40 6.67 -6.55 5.22
CA GLY A 40 6.59 -7.82 5.93
C GLY A 40 6.30 -7.64 7.41
N VAL A 41 5.26 -6.87 7.72
CA VAL A 41 4.88 -6.61 9.10
C VAL A 41 3.53 -5.90 9.17
N GLN A 42 2.79 -6.17 10.24
CA GLN A 42 1.47 -5.56 10.43
C GLN A 42 1.57 -4.04 10.41
N LEU A 43 0.74 -3.41 9.60
CA LEU A 43 0.73 -1.95 9.48
C LEU A 43 0.00 -1.32 10.66
N ALA A 44 0.31 -0.05 10.93
CA ALA A 44 -0.33 0.67 12.02
C ALA A 44 -0.76 2.07 11.57
N GLU A 45 -1.78 2.60 12.24
CA GLU A 45 -2.28 3.93 11.90
C GLU A 45 -1.70 4.98 12.85
N SER A 46 -1.76 6.25 12.43
CA SER A 46 -1.23 7.35 13.24
C SER A 46 -1.87 8.66 12.84
N ASN A 47 -1.46 9.74 13.49
CA ASN A 47 -1.99 11.07 13.21
C ASN A 47 -2.04 11.32 11.71
N ARG A 48 -1.21 10.60 10.95
CA ARG A 48 -1.17 10.75 9.51
C ARG A 48 -1.76 9.53 8.82
N THR A 49 -1.19 8.36 9.09
CA THR A 49 -1.66 7.12 8.49
C THR A 49 -3.07 6.78 8.97
N ARG A 50 -3.92 6.37 8.03
CA ARG A 50 -5.30 6.02 8.35
C ARG A 50 -5.72 4.75 7.61
N ILE A 51 -5.90 3.68 8.36
CA ILE A 51 -6.31 2.39 7.78
C ILE A 51 -7.81 2.16 7.97
N THR A 52 -8.56 2.36 6.89
CA THR A 52 -10.01 2.17 6.93
C THR A 52 -10.37 0.73 6.59
N GLY A 53 -9.41 -0.18 6.73
CA GLY A 53 -9.66 -1.58 6.43
C GLY A 53 -9.06 -2.00 5.10
N GLU A 54 -9.61 -1.47 4.01
CA GLU A 54 -9.12 -1.81 2.68
C GLU A 54 -8.55 -0.57 1.98
N GLU A 55 -8.61 0.57 2.66
CA GLU A 55 -8.10 1.81 2.12
C GLU A 55 -7.23 2.54 3.13
N VAL A 56 -5.96 2.75 2.77
CA VAL A 56 -5.02 3.44 3.65
C VAL A 56 -4.81 4.89 3.22
N GLU A 57 -4.72 5.78 4.19
CA GLU A 57 -4.52 7.20 3.91
C GLU A 57 -3.53 7.82 4.88
N VAL A 58 -2.38 8.25 4.36
CA VAL A 58 -1.35 8.86 5.19
C VAL A 58 -1.10 10.31 4.78
N GLN A 59 -1.43 11.23 5.68
CA GLN A 59 -1.25 12.65 5.42
C GLN A 59 0.21 13.06 5.60
N ASP A 60 0.65 14.03 4.80
CA ASP A 60 2.03 14.50 4.86
C ASP A 60 3.01 13.34 4.72
N SER A 61 2.69 12.41 3.83
CA SER A 61 3.55 11.25 3.60
C SER A 61 5.02 11.64 3.64
N VAL A 62 5.89 10.66 3.86
CA VAL A 62 7.33 10.90 3.92
C VAL A 62 8.10 9.74 3.31
N PRO A 63 9.37 10.00 2.96
CA PRO A 63 10.25 8.99 2.37
C PRO A 63 10.64 7.90 3.36
N ALA A 64 10.08 7.99 4.57
CA ALA A 64 10.38 7.00 5.61
C ALA A 64 9.23 6.01 5.76
N ASP A 65 8.05 6.40 5.28
CA ASP A 65 6.88 5.54 5.36
C ASP A 65 6.77 4.62 4.15
N SER A 66 7.38 5.06 3.04
CA SER A 66 7.35 4.27 1.81
C SER A 66 7.67 2.80 2.09
N GLY A 67 7.46 1.96 1.09
CA GLY A 67 7.74 0.54 1.25
C GLY A 67 6.81 -0.32 0.42
N LEU A 68 6.76 -1.61 0.73
CA LEU A 68 5.91 -2.55 0.02
C LEU A 68 4.71 -2.96 0.87
N TYR A 69 3.59 -2.28 0.68
CA TYR A 69 2.37 -2.58 1.44
C TYR A 69 1.68 -3.82 0.88
N ALA A 70 1.20 -4.68 1.77
CA ALA A 70 0.52 -5.90 1.37
C ALA A 70 -0.75 -6.12 2.19
N CYS A 71 -1.89 -6.19 1.50
CA CYS A 71 -3.17 -6.39 2.16
C CYS A 71 -3.62 -7.84 2.04
N VAL A 72 -3.89 -8.46 3.18
CA VAL A 72 -4.35 -9.85 3.21
C VAL A 72 -5.78 -9.97 3.73
N THR A 73 -6.67 -10.44 2.88
CA THR A 73 -8.07 -10.60 3.25
C THR A 73 -8.39 -12.04 3.59
N SER A 74 -9.00 -12.26 4.76
CA SER A 74 -9.36 -13.60 5.19
C SER A 74 -10.75 -13.98 4.69
N SER A 75 -10.79 -14.87 3.71
CA SER A 75 -12.05 -15.33 3.13
C SER A 75 -12.18 -16.85 3.24
N PRO A 76 -13.44 -17.32 3.30
CA PRO A 76 -13.73 -18.75 3.39
C PRO A 76 -13.39 -19.51 2.11
N SER A 77 -12.86 -18.79 1.13
CA SER A 77 -12.49 -19.39 -0.14
C SER A 77 -10.98 -19.34 -0.35
N GLY A 78 -10.29 -18.61 0.52
CA GLY A 78 -8.85 -18.50 0.42
C GLY A 78 -8.36 -17.08 0.68
N SER A 79 -7.36 -16.96 1.53
CA SER A 79 -6.80 -15.65 1.87
C SER A 79 -5.97 -15.10 0.72
N ASP A 80 -6.40 -13.97 0.17
CA ASP A 80 -5.70 -13.33 -0.93
C ASP A 80 -4.62 -12.38 -0.41
N THR A 81 -3.94 -11.71 -1.34
CA THR A 81 -2.89 -10.77 -0.99
C THR A 81 -2.63 -9.77 -2.11
N THR A 82 -2.61 -8.48 -1.76
CA THR A 82 -2.38 -7.42 -2.73
C THR A 82 -1.21 -6.55 -2.33
N TYR A 83 -0.17 -6.53 -3.16
CA TYR A 83 1.01 -5.73 -2.88
C TYR A 83 0.87 -4.33 -3.47
N PHE A 84 1.60 -3.38 -2.89
CA PHE A 84 1.55 -1.99 -3.36
C PHE A 84 2.91 -1.31 -3.17
N SER A 85 3.61 -1.08 -4.28
CA SER A 85 4.91 -0.43 -4.23
C SER A 85 4.77 1.08 -4.08
N VAL A 86 5.09 1.58 -2.90
CA VAL A 86 5.00 3.02 -2.62
C VAL A 86 6.38 3.65 -2.59
N ASN A 87 6.46 4.90 -3.04
CA ASN A 87 7.72 5.63 -3.07
C ASN A 87 7.50 7.12 -2.81
N VAL A 88 7.86 7.56 -1.61
CA VAL A 88 7.70 8.96 -1.24
C VAL A 88 9.01 9.72 -1.36
N SER A 89 9.03 10.75 -2.20
CA SER A 89 10.23 11.55 -2.40
C SER A 89 9.88 12.87 -3.10
N ASP A 90 10.60 13.93 -2.74
CA ASP A 90 10.38 15.24 -3.31
C ASP A 90 10.62 15.22 -4.82
N ALA A 91 11.30 14.19 -5.29
CA ALA A 91 11.59 14.05 -6.71
C ALA A 91 10.34 13.66 -7.49
N LEU A 92 9.87 14.59 -8.32
CA LEU A 92 8.68 14.35 -9.14
C LEU A 92 8.85 14.90 -10.55
N PRO A 93 8.16 14.29 -11.51
CA PRO A 93 8.22 14.70 -12.92
C PRO A 93 7.55 16.05 -13.16
N SER A 94 6.86 16.56 -12.13
CA SER A 94 6.18 17.83 -12.23
C SER A 94 7.18 18.97 -12.44
N GLY A 95 6.68 20.09 -12.95
CA GLY A 95 7.53 21.24 -13.20
C GLY A 95 7.43 21.75 -14.62
N PRO A 96 6.63 22.80 -14.81
CA PRO A 96 6.41 23.42 -16.13
C PRO A 96 7.66 24.15 -16.63
N SER A 97 7.53 24.78 -17.79
CA SER A 97 8.65 25.52 -18.38
C SER A 97 9.01 26.73 -17.53
N SER A 98 10.26 26.77 -17.09
CA SER A 98 10.73 27.89 -16.26
C SER A 98 11.43 28.94 -17.11
N GLY A 99 12.40 28.50 -17.91
CA GLY A 99 13.13 29.42 -18.76
C GLY A 99 12.22 30.18 -19.70
N GLY A 1 4.05 -26.37 -3.70
CA GLY A 1 2.96 -27.13 -4.28
C GLY A 1 3.28 -27.65 -5.67
N SER A 2 3.29 -26.74 -6.64
CA SER A 2 3.57 -27.10 -8.02
C SER A 2 4.60 -26.15 -8.64
N SER A 3 5.72 -26.71 -9.07
CA SER A 3 6.79 -25.91 -9.67
C SER A 3 6.23 -24.96 -10.72
N GLY A 4 6.97 -23.88 -11.00
CA GLY A 4 6.53 -22.92 -11.98
C GLY A 4 6.53 -21.50 -11.45
N SER A 5 5.99 -20.57 -12.23
CA SER A 5 5.94 -19.17 -11.83
C SER A 5 4.58 -18.83 -11.24
N SER A 6 4.55 -17.88 -10.31
CA SER A 6 3.33 -17.46 -9.67
C SER A 6 2.81 -16.15 -10.27
N GLY A 7 3.63 -15.10 -10.17
CA GLY A 7 3.25 -13.81 -10.71
C GLY A 7 2.11 -13.17 -9.93
N VAL A 8 2.27 -11.90 -9.58
CA VAL A 8 1.25 -11.17 -8.84
C VAL A 8 1.13 -9.74 -9.32
N GLU A 9 0.10 -9.04 -8.86
CA GLU A 9 -0.12 -7.65 -9.24
C GLU A 9 0.42 -6.70 -8.17
N VAL A 10 1.46 -5.96 -8.50
CA VAL A 10 2.07 -5.02 -7.57
C VAL A 10 1.78 -3.58 -7.99
N GLU A 11 0.72 -3.00 -7.41
CA GLU A 11 0.34 -1.63 -7.73
C GLU A 11 1.46 -0.66 -7.35
N SER A 12 2.00 0.01 -8.36
CA SER A 12 3.09 0.97 -8.15
C SER A 12 2.52 2.35 -7.81
N PHE A 13 3.24 3.08 -6.95
CA PHE A 13 2.82 4.41 -6.54
C PHE A 13 4.02 5.34 -6.40
N LEU A 14 3.75 6.65 -6.45
CA LEU A 14 4.81 7.64 -6.33
C LEU A 14 4.28 8.92 -5.68
N VAL A 15 4.98 9.38 -4.64
CA VAL A 15 4.58 10.60 -3.93
C VAL A 15 5.79 11.32 -3.37
N HIS A 16 5.54 12.39 -2.62
CA HIS A 16 6.61 13.18 -2.02
C HIS A 16 6.33 13.45 -0.54
N PRO A 17 7.33 13.98 0.16
CA PRO A 17 7.21 14.30 1.58
C PRO A 17 6.27 15.47 1.85
N GLY A 18 5.02 15.15 2.15
CA GLY A 18 4.03 16.18 2.42
C GLY A 18 2.73 15.95 1.67
N ASP A 19 2.73 14.97 0.79
CA ASP A 19 1.54 14.64 0.01
C ASP A 19 0.62 13.70 0.78
N LEU A 20 -0.45 13.26 0.13
CA LEU A 20 -1.40 12.34 0.75
C LEU A 20 -1.31 10.96 0.12
N LEU A 21 -0.77 10.00 0.86
CA LEU A 21 -0.64 8.64 0.38
C LEU A 21 -1.94 7.86 0.56
N GLN A 22 -2.60 7.56 -0.55
CA GLN A 22 -3.86 6.82 -0.51
C GLN A 22 -3.73 5.50 -1.26
N LEU A 23 -4.06 4.41 -0.58
CA LEU A 23 -3.99 3.07 -1.18
C LEU A 23 -5.36 2.42 -1.23
N ARG A 24 -5.43 1.25 -1.85
CA ARG A 24 -6.69 0.52 -1.96
C ARG A 24 -6.44 -0.98 -2.02
N CYS A 25 -7.33 -1.75 -1.38
CA CYS A 25 -7.20 -3.20 -1.36
C CYS A 25 -8.41 -3.86 -2.01
N ARG A 26 -8.15 -4.66 -3.04
CA ARG A 26 -9.21 -5.35 -3.76
C ARG A 26 -9.86 -6.43 -2.89
N LEU A 27 -11.13 -6.23 -2.57
CA LEU A 27 -11.86 -7.18 -1.72
C LEU A 27 -12.73 -8.10 -2.58
N ARG A 28 -13.23 -9.17 -1.97
CA ARG A 28 -14.08 -10.12 -2.68
C ARG A 28 -15.48 -10.17 -2.06
N ASP A 29 -16.33 -11.03 -2.60
CA ASP A 29 -17.70 -11.17 -2.11
C ASP A 29 -17.74 -12.09 -0.89
N ASP A 30 -16.63 -12.78 -0.64
CA ASP A 30 -16.54 -13.70 0.49
C ASP A 30 -15.68 -13.10 1.60
N VAL A 31 -14.70 -12.29 1.21
CA VAL A 31 -13.81 -11.66 2.18
C VAL A 31 -14.54 -11.31 3.46
N GLN A 32 -13.89 -11.57 4.60
CA GLN A 32 -14.49 -11.29 5.90
C GLN A 32 -13.73 -10.18 6.62
N SER A 33 -12.41 -10.18 6.46
CA SER A 33 -11.56 -9.17 7.09
C SER A 33 -10.39 -8.79 6.19
N ILE A 34 -9.57 -7.86 6.66
CA ILE A 34 -8.41 -7.41 5.89
C ILE A 34 -7.21 -7.17 6.80
N ASN A 35 -6.03 -7.53 6.31
CA ASN A 35 -4.80 -7.36 7.07
C ASN A 35 -3.79 -6.52 6.29
N TRP A 36 -3.54 -5.31 6.78
CA TRP A 36 -2.60 -4.40 6.14
C TRP A 36 -1.17 -4.68 6.61
N LEU A 37 -0.25 -4.76 5.66
CA LEU A 37 1.15 -5.01 5.98
C LEU A 37 2.07 -4.04 5.24
N ARG A 38 3.31 -3.96 5.68
CA ARG A 38 4.29 -3.08 5.06
C ARG A 38 5.71 -3.61 5.24
N ASP A 39 6.35 -3.94 4.13
CA ASP A 39 7.72 -4.45 4.17
C ASP A 39 7.78 -5.77 4.95
N GLY A 40 6.66 -6.50 4.96
CA GLY A 40 6.61 -7.76 5.68
C GLY A 40 6.36 -7.57 7.17
N VAL A 41 5.42 -6.71 7.50
CA VAL A 41 5.08 -6.44 8.90
C VAL A 41 3.72 -5.76 9.03
N GLN A 42 3.02 -6.06 10.10
CA GLN A 42 1.70 -5.48 10.34
C GLN A 42 1.76 -3.96 10.24
N LEU A 43 0.81 -3.37 9.53
CA LEU A 43 0.75 -1.92 9.36
C LEU A 43 -0.02 -1.28 10.51
N ALA A 44 0.37 -0.05 10.86
CA ALA A 44 -0.29 0.68 11.93
C ALA A 44 -0.69 2.08 11.48
N GLU A 45 -1.75 2.62 12.09
CA GLU A 45 -2.23 3.95 11.74
C GLU A 45 -1.71 4.98 12.74
N SER A 46 -1.62 6.23 12.29
CA SER A 46 -1.14 7.32 13.12
C SER A 46 -1.75 8.65 12.69
N ASN A 47 -1.48 9.69 13.47
CA ASN A 47 -2.00 11.03 13.17
C ASN A 47 -2.08 11.25 11.67
N ARG A 48 -1.15 10.66 10.93
CA ARG A 48 -1.12 10.80 9.48
C ARG A 48 -1.73 9.57 8.80
N THR A 49 -1.13 8.41 9.05
CA THR A 49 -1.62 7.17 8.46
C THR A 49 -3.03 6.84 8.95
N ARG A 50 -3.83 6.28 8.06
CA ARG A 50 -5.21 5.91 8.40
C ARG A 50 -5.64 4.66 7.65
N ILE A 51 -5.99 3.62 8.40
CA ILE A 51 -6.42 2.35 7.80
C ILE A 51 -7.92 2.15 7.99
N THR A 52 -8.67 2.36 6.92
CA THR A 52 -10.12 2.20 6.96
C THR A 52 -10.52 0.76 6.66
N GLY A 53 -9.54 -0.13 6.67
CA GLY A 53 -9.80 -1.53 6.39
C GLY A 53 -9.24 -1.98 5.05
N GLU A 54 -9.80 -1.45 3.97
CA GLU A 54 -9.34 -1.80 2.63
C GLU A 54 -8.74 -0.58 1.92
N GLU A 55 -8.70 0.55 2.63
CA GLU A 55 -8.17 1.78 2.07
C GLU A 55 -7.29 2.49 3.09
N VAL A 56 -6.04 2.75 2.71
CA VAL A 56 -5.09 3.43 3.59
C VAL A 56 -4.91 4.89 3.18
N GLU A 57 -4.74 5.75 4.17
CA GLU A 57 -4.56 7.18 3.90
C GLU A 57 -3.55 7.79 4.88
N VAL A 58 -2.45 8.30 4.35
CA VAL A 58 -1.40 8.90 5.16
C VAL A 58 -1.17 10.35 4.76
N GLN A 59 -1.44 11.28 5.67
CA GLN A 59 -1.24 12.69 5.39
C GLN A 59 0.23 13.08 5.53
N ASP A 60 0.66 14.04 4.73
CA ASP A 60 2.04 14.50 4.77
C ASP A 60 3.01 13.32 4.68
N SER A 61 2.72 12.39 3.79
CA SER A 61 3.55 11.21 3.61
C SER A 61 5.03 11.58 3.70
N VAL A 62 5.87 10.58 3.94
CA VAL A 62 7.31 10.79 4.05
C VAL A 62 8.09 9.64 3.42
N PRO A 63 9.37 9.89 3.12
CA PRO A 63 10.24 8.89 2.51
C PRO A 63 10.60 7.77 3.48
N ALA A 64 10.02 7.82 4.68
CA ALA A 64 10.28 6.81 5.70
C ALA A 64 9.10 5.84 5.80
N ASP A 65 7.92 6.30 5.40
CA ASP A 65 6.72 5.47 5.45
C ASP A 65 6.61 4.60 4.20
N SER A 66 7.28 5.02 3.13
CA SER A 66 7.25 4.27 1.88
C SER A 66 7.57 2.81 2.11
N GLY A 67 7.54 2.02 1.03
CA GLY A 67 7.83 0.60 1.13
C GLY A 67 6.89 -0.24 0.31
N LEU A 68 6.77 -1.51 0.67
CA LEU A 68 5.90 -2.44 -0.05
C LEU A 68 4.74 -2.89 0.83
N TYR A 69 3.57 -2.28 0.61
CA TYR A 69 2.38 -2.63 1.38
C TYR A 69 1.71 -3.89 0.83
N ALA A 70 1.16 -4.70 1.73
CA ALA A 70 0.48 -5.93 1.33
C ALA A 70 -0.79 -6.14 2.14
N CYS A 71 -1.93 -6.18 1.46
CA CYS A 71 -3.21 -6.38 2.13
C CYS A 71 -3.68 -7.82 1.97
N VAL A 72 -3.97 -8.46 3.10
CA VAL A 72 -4.44 -9.84 3.10
C VAL A 72 -5.85 -9.95 3.64
N THR A 73 -6.76 -10.46 2.80
CA THR A 73 -8.16 -10.61 3.20
C THR A 73 -8.46 -12.05 3.59
N SER A 74 -9.09 -12.22 4.74
CA SER A 74 -9.43 -13.56 5.23
C SER A 74 -10.82 -13.96 4.76
N SER A 75 -10.89 -15.04 3.98
CA SER A 75 -12.16 -15.53 3.46
C SER A 75 -12.34 -17.00 3.79
N PRO A 76 -13.61 -17.44 3.85
CA PRO A 76 -13.95 -18.83 4.16
C PRO A 76 -13.58 -19.79 3.02
N SER A 77 -12.97 -19.24 1.97
CA SER A 77 -12.57 -20.04 0.83
C SER A 77 -11.05 -19.97 0.63
N GLY A 78 -10.40 -19.10 1.38
CA GLY A 78 -8.96 -18.95 1.28
C GLY A 78 -8.47 -17.61 1.79
N SER A 79 -7.49 -17.03 1.10
CA SER A 79 -6.93 -15.74 1.51
C SER A 79 -6.15 -15.11 0.37
N ASP A 80 -6.61 -13.95 -0.08
CA ASP A 80 -5.94 -13.24 -1.17
C ASP A 80 -4.91 -12.25 -0.63
N THR A 81 -4.15 -11.65 -1.53
CA THR A 81 -3.12 -10.70 -1.15
C THR A 81 -2.88 -9.67 -2.26
N THR A 82 -2.71 -8.41 -1.87
CA THR A 82 -2.47 -7.34 -2.82
C THR A 82 -1.29 -6.48 -2.41
N TYR A 83 -0.28 -6.40 -3.27
CA TYR A 83 0.91 -5.61 -2.99
C TYR A 83 0.78 -4.20 -3.56
N PHE A 84 1.52 -3.26 -2.98
CA PHE A 84 1.49 -1.88 -3.43
C PHE A 84 2.85 -1.21 -3.22
N SER A 85 3.56 -0.98 -4.32
CA SER A 85 4.87 -0.35 -4.27
C SER A 85 4.74 1.16 -4.10
N VAL A 86 5.10 1.66 -2.92
CA VAL A 86 5.02 3.09 -2.64
C VAL A 86 6.41 3.72 -2.60
N ASN A 87 6.49 4.98 -2.99
CA ASN A 87 7.76 5.69 -3.01
C ASN A 87 7.56 7.18 -2.73
N VAL A 88 7.90 7.60 -1.52
CA VAL A 88 7.75 9.00 -1.13
C VAL A 88 9.09 9.74 -1.19
N SER A 89 9.17 10.71 -2.08
CA SER A 89 10.40 11.50 -2.25
C SER A 89 10.10 12.84 -2.89
N ASP A 90 10.81 13.87 -2.45
CA ASP A 90 10.62 15.21 -2.99
C ASP A 90 10.96 15.25 -4.47
N ALA A 91 11.81 14.34 -4.91
CA ALA A 91 12.21 14.26 -6.31
C ALA A 91 11.21 13.46 -7.13
N LEU A 92 10.64 14.10 -8.15
CA LEU A 92 9.67 13.44 -9.01
C LEU A 92 10.14 13.44 -10.46
N PRO A 93 9.69 12.44 -11.23
CA PRO A 93 10.06 12.29 -12.64
C PRO A 93 9.41 13.37 -13.51
N SER A 94 8.36 13.99 -13.00
CA SER A 94 7.65 15.04 -13.73
C SER A 94 8.64 15.92 -14.49
N GLY A 95 8.39 16.08 -15.79
CA GLY A 95 9.27 16.91 -16.61
C GLY A 95 9.52 18.27 -16.00
N PRO A 96 10.78 18.54 -15.64
CA PRO A 96 11.18 19.81 -15.05
C PRO A 96 11.12 20.97 -16.03
N SER A 97 11.57 22.14 -15.61
CA SER A 97 11.56 23.33 -16.45
C SER A 97 12.98 23.79 -16.76
N SER A 98 13.71 24.18 -15.73
CA SER A 98 15.08 24.65 -15.88
C SER A 98 16.03 23.48 -16.05
N GLY A 99 17.11 23.70 -16.80
CA GLY A 99 18.10 22.65 -17.03
C GLY A 99 19.29 22.77 -16.10
N GLY A 1 10.04 -8.48 4.89
CA GLY A 1 10.83 -9.49 5.57
C GLY A 1 11.58 -10.39 4.60
N SER A 2 11.02 -11.57 4.35
CA SER A 2 11.64 -12.53 3.45
C SER A 2 10.63 -13.06 2.44
N SER A 3 10.97 -12.98 1.15
CA SER A 3 10.10 -13.44 0.09
C SER A 3 10.91 -13.96 -1.10
N GLY A 4 10.41 -15.03 -1.72
CA GLY A 4 11.11 -15.60 -2.86
C GLY A 4 10.15 -16.13 -3.91
N SER A 5 9.37 -15.23 -4.51
CA SER A 5 8.41 -15.61 -5.52
C SER A 5 8.09 -14.43 -6.45
N SER A 6 8.31 -14.62 -7.74
CA SER A 6 8.05 -13.57 -8.71
C SER A 6 6.87 -13.94 -9.61
N GLY A 7 5.97 -12.99 -9.82
CA GLY A 7 4.80 -13.23 -10.66
C GLY A 7 3.50 -12.88 -9.96
N VAL A 8 3.41 -11.65 -9.47
CA VAL A 8 2.21 -11.19 -8.78
C VAL A 8 1.86 -9.76 -9.18
N GLU A 9 0.66 -9.33 -8.80
CA GLU A 9 0.20 -7.98 -9.13
C GLU A 9 0.65 -6.99 -8.05
N VAL A 10 1.71 -6.24 -8.34
CA VAL A 10 2.23 -5.26 -7.40
C VAL A 10 1.92 -3.83 -7.87
N GLU A 11 0.88 -3.25 -7.29
CA GLU A 11 0.48 -1.89 -7.64
C GLU A 11 1.57 -0.89 -7.28
N SER A 12 2.16 -0.27 -8.29
CA SER A 12 3.22 0.71 -8.08
C SER A 12 2.63 2.08 -7.77
N PHE A 13 3.35 2.86 -6.96
CA PHE A 13 2.89 4.19 -6.60
C PHE A 13 4.08 5.15 -6.49
N LEU A 14 3.78 6.45 -6.54
CA LEU A 14 4.82 7.48 -6.46
C LEU A 14 4.26 8.75 -5.84
N VAL A 15 4.95 9.25 -4.81
CA VAL A 15 4.53 10.47 -4.13
C VAL A 15 5.74 11.23 -3.58
N HIS A 16 5.46 12.31 -2.86
CA HIS A 16 6.52 13.12 -2.26
C HIS A 16 6.24 13.40 -0.79
N PRO A 17 7.23 13.95 -0.09
CA PRO A 17 7.12 14.27 1.34
C PRO A 17 6.17 15.43 1.59
N GLY A 18 4.91 15.12 1.88
CA GLY A 18 3.92 16.14 2.15
C GLY A 18 2.61 15.87 1.44
N ASP A 19 2.62 14.93 0.51
CA ASP A 19 1.41 14.57 -0.24
C ASP A 19 0.52 13.64 0.58
N LEU A 20 -0.54 13.15 -0.05
CA LEU A 20 -1.47 12.24 0.63
C LEU A 20 -1.39 10.85 0.03
N LEU A 21 -0.78 9.93 0.78
CA LEU A 21 -0.64 8.54 0.33
C LEU A 21 -1.94 7.77 0.51
N GLN A 22 -2.61 7.46 -0.59
CA GLN A 22 -3.86 6.73 -0.54
C GLN A 22 -3.72 5.37 -1.21
N LEU A 23 -4.25 4.33 -0.57
CA LEU A 23 -4.18 2.98 -1.10
C LEU A 23 -5.54 2.30 -1.05
N ARG A 24 -5.64 1.12 -1.66
CA ARG A 24 -6.89 0.37 -1.68
C ARG A 24 -6.61 -1.13 -1.80
N CYS A 25 -7.44 -1.92 -1.11
CA CYS A 25 -7.29 -3.37 -1.13
C CYS A 25 -8.46 -4.03 -1.85
N ARG A 26 -8.15 -4.86 -2.84
CA ARG A 26 -9.18 -5.55 -3.61
C ARG A 26 -9.95 -6.53 -2.74
N LEU A 27 -11.24 -6.26 -2.56
CA LEU A 27 -12.09 -7.12 -1.73
C LEU A 27 -13.10 -7.85 -2.59
N ARG A 28 -13.96 -8.64 -1.95
CA ARG A 28 -14.98 -9.40 -2.66
C ARG A 28 -16.19 -9.66 -1.76
N ASP A 29 -17.21 -10.31 -2.32
CA ASP A 29 -18.42 -10.62 -1.57
C ASP A 29 -18.19 -11.80 -0.63
N ASP A 30 -16.94 -12.23 -0.51
CA ASP A 30 -16.58 -13.34 0.36
C ASP A 30 -15.66 -12.89 1.49
N VAL A 31 -14.78 -11.95 1.18
CA VAL A 31 -13.84 -11.43 2.16
C VAL A 31 -14.50 -11.30 3.53
N GLN A 32 -13.75 -11.66 4.57
CA GLN A 32 -14.27 -11.59 5.94
C GLN A 32 -13.54 -10.52 6.74
N SER A 33 -12.23 -10.41 6.53
CA SER A 33 -11.42 -9.43 7.23
C SER A 33 -10.28 -8.94 6.34
N ILE A 34 -9.46 -8.03 6.89
CA ILE A 34 -8.34 -7.48 6.15
C ILE A 34 -7.12 -7.32 7.05
N ASN A 35 -5.94 -7.63 6.51
CA ASN A 35 -4.70 -7.52 7.26
C ASN A 35 -3.67 -6.69 6.49
N TRP A 36 -3.50 -5.44 6.91
CA TRP A 36 -2.54 -4.54 6.26
C TRP A 36 -1.12 -4.84 6.73
N LEU A 37 -0.18 -4.82 5.79
CA LEU A 37 1.21 -5.09 6.10
C LEU A 37 2.13 -4.10 5.39
N ARG A 38 3.38 -4.02 5.84
CA ARG A 38 4.35 -3.11 5.24
C ARG A 38 5.77 -3.64 5.42
N ASP A 39 6.42 -3.98 4.31
CA ASP A 39 7.78 -4.49 4.35
C ASP A 39 7.85 -5.79 5.15
N GLY A 40 6.73 -6.51 5.21
CA GLY A 40 6.68 -7.76 5.94
C GLY A 40 6.41 -7.55 7.41
N VAL A 41 5.42 -6.70 7.72
CA VAL A 41 5.07 -6.42 9.10
C VAL A 41 3.70 -5.77 9.20
N GLN A 42 2.98 -6.05 10.28
CA GLN A 42 1.65 -5.51 10.48
C GLN A 42 1.67 -3.98 10.39
N LEU A 43 0.79 -3.42 9.57
CA LEU A 43 0.71 -1.97 9.41
C LEU A 43 -0.12 -1.34 10.52
N ALA A 44 0.23 -0.11 10.88
CA ALA A 44 -0.47 0.61 11.93
C ALA A 44 -0.90 2.00 11.46
N GLU A 45 -1.77 2.63 12.22
CA GLU A 45 -2.26 3.97 11.88
C GLU A 45 -1.69 5.00 12.83
N SER A 46 -1.76 6.27 12.42
CA SER A 46 -1.24 7.37 13.23
C SER A 46 -1.86 8.70 12.81
N ASN A 47 -1.55 9.76 13.55
CA ASN A 47 -2.07 11.08 13.25
C ASN A 47 -2.12 11.33 11.74
N ARG A 48 -1.18 10.74 11.03
CA ARG A 48 -1.10 10.89 9.58
C ARG A 48 -1.72 9.69 8.88
N THR A 49 -1.21 8.50 9.19
CA THR A 49 -1.70 7.27 8.59
C THR A 49 -3.12 6.95 9.07
N ARG A 50 -3.96 6.50 8.14
CA ARG A 50 -5.34 6.16 8.47
C ARG A 50 -5.79 4.92 7.71
N ILE A 51 -5.96 3.82 8.44
CA ILE A 51 -6.38 2.56 7.83
C ILE A 51 -7.88 2.32 8.05
N THR A 52 -8.67 2.52 7.00
CA THR A 52 -10.11 2.32 7.07
C THR A 52 -10.48 0.86 6.82
N GLY A 53 -9.50 -0.02 6.93
CA GLY A 53 -9.74 -1.43 6.71
C GLY A 53 -9.18 -1.92 5.39
N GLU A 54 -9.72 -1.39 4.29
CA GLU A 54 -9.28 -1.78 2.97
C GLU A 54 -8.70 -0.58 2.21
N GLU A 55 -8.58 0.54 2.91
CA GLU A 55 -8.04 1.76 2.31
C GLU A 55 -7.13 2.49 3.28
N VAL A 56 -5.87 2.70 2.86
CA VAL A 56 -4.90 3.39 3.70
C VAL A 56 -4.71 4.83 3.25
N GLU A 57 -4.69 5.75 4.21
CA GLU A 57 -4.51 7.16 3.92
C GLU A 57 -3.52 7.80 4.88
N VAL A 58 -2.40 8.28 4.34
CA VAL A 58 -1.37 8.91 5.16
C VAL A 58 -1.16 10.37 4.75
N GLN A 59 -1.42 11.28 5.67
CA GLN A 59 -1.26 12.71 5.39
C GLN A 59 0.20 13.12 5.51
N ASP A 60 0.64 14.01 4.61
CA ASP A 60 2.02 14.49 4.62
C ASP A 60 2.99 13.32 4.54
N SER A 61 2.70 12.37 3.65
CA SER A 61 3.56 11.19 3.49
C SER A 61 5.04 11.59 3.56
N VAL A 62 5.89 10.59 3.77
CA VAL A 62 7.33 10.83 3.87
C VAL A 62 8.11 9.67 3.27
N PRO A 63 9.39 9.92 2.94
CA PRO A 63 10.27 8.91 2.36
C PRO A 63 10.64 7.81 3.36
N ALA A 64 10.06 7.89 4.54
CA ALA A 64 10.33 6.90 5.59
C ALA A 64 9.16 5.94 5.74
N ASP A 65 7.98 6.38 5.34
CA ASP A 65 6.78 5.56 5.43
C ASP A 65 6.64 4.66 4.21
N SER A 66 7.27 5.06 3.11
CA SER A 66 7.22 4.29 1.87
C SER A 66 7.55 2.82 2.13
N GLY A 67 7.47 2.01 1.08
CA GLY A 67 7.77 0.59 1.22
C GLY A 67 6.87 -0.27 0.37
N LEU A 68 6.69 -1.53 0.77
CA LEU A 68 5.84 -2.46 0.04
C LEU A 68 4.65 -2.90 0.88
N TYR A 69 3.52 -2.23 0.71
CA TYR A 69 2.31 -2.54 1.46
C TYR A 69 1.66 -3.81 0.91
N ALA A 70 1.17 -4.65 1.82
CA ALA A 70 0.52 -5.90 1.43
C ALA A 70 -0.75 -6.12 2.25
N CYS A 71 -1.89 -6.16 1.58
CA CYS A 71 -3.17 -6.37 2.25
C CYS A 71 -3.63 -7.82 2.10
N VAL A 72 -3.93 -8.45 3.23
CA VAL A 72 -4.37 -9.83 3.23
C VAL A 72 -5.80 -9.96 3.78
N THR A 73 -6.70 -10.45 2.95
CA THR A 73 -8.10 -10.62 3.35
C THR A 73 -8.42 -12.08 3.62
N SER A 74 -9.08 -12.34 4.74
CA SER A 74 -9.45 -13.70 5.11
C SER A 74 -10.79 -14.09 4.49
N SER A 75 -10.74 -15.05 3.57
CA SER A 75 -11.95 -15.52 2.89
C SER A 75 -12.07 -17.04 2.98
N PRO A 76 -13.31 -17.53 2.95
CA PRO A 76 -13.60 -18.96 3.03
C PRO A 76 -13.16 -19.71 1.77
N SER A 77 -12.65 -18.96 0.79
CA SER A 77 -12.20 -19.56 -0.46
C SER A 77 -10.68 -19.46 -0.60
N GLY A 78 -10.06 -18.69 0.30
CA GLY A 78 -8.62 -18.53 0.27
C GLY A 78 -8.20 -17.10 0.54
N SER A 79 -7.28 -16.92 1.49
CA SER A 79 -6.79 -15.60 1.85
C SER A 79 -5.98 -14.99 0.72
N ASP A 80 -6.48 -13.90 0.15
CA ASP A 80 -5.80 -13.22 -0.94
C ASP A 80 -4.74 -12.26 -0.42
N THR A 81 -3.98 -11.67 -1.33
CA THR A 81 -2.93 -10.73 -0.95
C THR A 81 -2.67 -9.72 -2.07
N THR A 82 -2.68 -8.44 -1.71
CA THR A 82 -2.44 -7.38 -2.67
C THR A 82 -1.26 -6.51 -2.26
N TYR A 83 -0.24 -6.45 -3.11
CA TYR A 83 0.94 -5.65 -2.83
C TYR A 83 0.80 -4.25 -3.42
N PHE A 84 1.56 -3.30 -2.86
CA PHE A 84 1.52 -1.92 -3.32
C PHE A 84 2.86 -1.24 -3.10
N SER A 85 3.61 -1.04 -4.18
CA SER A 85 4.92 -0.40 -4.10
C SER A 85 4.78 1.11 -4.00
N VAL A 86 5.07 1.65 -2.82
CA VAL A 86 4.98 3.09 -2.59
C VAL A 86 6.36 3.72 -2.52
N ASN A 87 6.48 4.93 -3.08
CA ASN A 87 7.75 5.64 -3.09
C ASN A 87 7.53 7.13 -2.84
N VAL A 88 7.86 7.58 -1.63
CA VAL A 88 7.71 8.98 -1.25
C VAL A 88 9.04 9.72 -1.35
N SER A 89 9.12 10.69 -2.25
CA SER A 89 10.33 11.48 -2.43
C SER A 89 10.03 12.79 -3.14
N ASP A 90 10.68 13.86 -2.69
CA ASP A 90 10.48 15.18 -3.28
C ASP A 90 10.78 15.15 -4.78
N ALA A 91 11.62 14.21 -5.19
CA ALA A 91 11.98 14.08 -6.60
C ALA A 91 11.03 13.13 -7.33
N LEU A 92 10.25 13.68 -8.26
CA LEU A 92 9.30 12.88 -9.03
C LEU A 92 9.76 12.73 -10.47
N PRO A 93 9.33 11.62 -11.11
CA PRO A 93 9.69 11.33 -12.49
C PRO A 93 9.02 12.28 -13.49
N SER A 94 8.25 13.22 -12.96
CA SER A 94 7.55 14.19 -13.80
C SER A 94 8.52 14.88 -14.75
N GLY A 95 7.98 15.57 -15.74
CA GLY A 95 8.81 16.26 -16.72
C GLY A 95 9.58 15.31 -17.61
N PRO A 96 10.48 15.87 -18.43
CA PRO A 96 11.31 15.08 -19.35
C PRO A 96 12.34 14.23 -18.62
N SER A 97 12.91 14.78 -17.56
CA SER A 97 13.92 14.08 -16.78
C SER A 97 14.87 13.31 -17.68
N SER A 98 15.28 13.95 -18.78
CA SER A 98 16.19 13.33 -19.73
C SER A 98 17.59 13.20 -19.14
N GLY A 99 17.90 12.02 -18.63
CA GLY A 99 19.21 11.78 -18.04
C GLY A 99 19.27 12.18 -16.58
N GLY A 1 -3.60 -25.57 -1.55
CA GLY A 1 -2.57 -26.59 -1.60
C GLY A 1 -2.10 -26.87 -3.02
N SER A 2 -1.53 -25.86 -3.66
CA SER A 2 -1.04 -25.99 -5.02
C SER A 2 0.40 -25.50 -5.14
N SER A 3 1.26 -26.34 -5.71
CA SER A 3 2.67 -25.99 -5.87
C SER A 3 2.99 -25.70 -7.33
N GLY A 4 3.44 -24.48 -7.60
CA GLY A 4 3.78 -24.10 -8.95
C GLY A 4 4.66 -22.87 -9.01
N SER A 5 4.50 -22.07 -10.06
CA SER A 5 5.30 -20.86 -10.23
C SER A 5 4.72 -19.71 -9.41
N SER A 6 5.40 -18.58 -9.43
CA SER A 6 4.96 -17.40 -8.69
C SER A 6 4.40 -16.33 -9.63
N GLY A 7 3.92 -15.24 -9.05
CA GLY A 7 3.37 -14.16 -9.85
C GLY A 7 2.23 -13.45 -9.15
N VAL A 8 2.36 -12.14 -8.99
CA VAL A 8 1.33 -11.34 -8.33
C VAL A 8 1.29 -9.92 -8.91
N GLU A 9 0.22 -9.20 -8.57
CA GLU A 9 0.07 -7.82 -9.05
C GLU A 9 0.58 -6.83 -8.03
N VAL A 10 1.68 -6.14 -8.36
CA VAL A 10 2.27 -5.16 -7.47
C VAL A 10 1.96 -3.73 -7.93
N GLU A 11 0.89 -3.17 -7.39
CA GLU A 11 0.48 -1.81 -7.75
C GLU A 11 1.57 -0.79 -7.36
N SER A 12 2.19 -0.19 -8.36
CA SER A 12 3.23 0.80 -8.13
C SER A 12 2.64 2.16 -7.84
N PHE A 13 3.35 2.96 -7.04
CA PHE A 13 2.90 4.29 -6.69
C PHE A 13 4.07 5.27 -6.65
N LEU A 14 3.76 6.55 -6.45
CA LEU A 14 4.78 7.59 -6.39
C LEU A 14 4.22 8.86 -5.76
N VAL A 15 4.89 9.32 -4.69
CA VAL A 15 4.47 10.52 -3.99
C VAL A 15 5.67 11.29 -3.44
N HIS A 16 5.40 12.35 -2.69
CA HIS A 16 6.46 13.16 -2.10
C HIS A 16 6.16 13.46 -0.64
N PRO A 17 7.15 14.03 0.07
CA PRO A 17 7.03 14.38 1.49
C PRO A 17 6.07 15.55 1.71
N GLY A 18 4.81 15.22 2.00
CA GLY A 18 3.81 16.26 2.23
C GLY A 18 2.51 15.98 1.50
N ASP A 19 2.51 14.95 0.67
CA ASP A 19 1.32 14.58 -0.09
C ASP A 19 0.45 13.62 0.71
N LEU A 20 -0.60 13.11 0.06
CA LEU A 20 -1.52 12.17 0.71
C LEU A 20 -1.38 10.78 0.09
N LEU A 21 -0.78 9.86 0.83
CA LEU A 21 -0.61 8.49 0.36
C LEU A 21 -1.89 7.68 0.53
N GLN A 22 -2.61 7.49 -0.56
CA GLN A 22 -3.86 6.73 -0.54
C GLN A 22 -3.69 5.38 -1.21
N LEU A 23 -4.08 4.31 -0.51
CA LEU A 23 -3.97 2.96 -1.05
C LEU A 23 -5.33 2.26 -1.04
N ARG A 24 -5.42 1.16 -1.78
CA ARG A 24 -6.66 0.39 -1.85
C ARG A 24 -6.38 -1.10 -1.88
N CYS A 25 -7.25 -1.88 -1.25
CA CYS A 25 -7.09 -3.33 -1.21
C CYS A 25 -8.30 -4.03 -1.84
N ARG A 26 -8.05 -4.73 -2.94
CA ARG A 26 -9.11 -5.45 -3.64
C ARG A 26 -9.76 -6.48 -2.72
N LEU A 27 -11.01 -6.21 -2.33
CA LEU A 27 -11.75 -7.13 -1.45
C LEU A 27 -12.68 -8.02 -2.26
N ARG A 28 -13.29 -9.00 -1.59
CA ARG A 28 -14.20 -9.92 -2.24
C ARG A 28 -15.53 -9.98 -1.49
N ASP A 29 -16.56 -10.47 -2.18
CA ASP A 29 -17.89 -10.58 -1.58
C ASP A 29 -17.89 -11.61 -0.45
N ASP A 30 -16.83 -12.40 -0.37
CA ASP A 30 -16.71 -13.42 0.65
C ASP A 30 -15.81 -12.94 1.78
N VAL A 31 -14.82 -12.11 1.44
CA VAL A 31 -13.88 -11.59 2.42
C VAL A 31 -14.57 -11.38 3.78
N GLN A 32 -13.83 -11.63 4.85
CA GLN A 32 -14.36 -11.47 6.20
C GLN A 32 -13.57 -10.44 6.98
N SER A 33 -12.29 -10.30 6.64
CA SER A 33 -11.42 -9.33 7.31
C SER A 33 -10.27 -8.92 6.41
N ILE A 34 -9.44 -8.00 6.90
CA ILE A 34 -8.29 -7.53 6.14
C ILE A 34 -7.06 -7.35 7.03
N ASN A 35 -5.89 -7.63 6.48
CA ASN A 35 -4.65 -7.49 7.23
C ASN A 35 -3.62 -6.68 6.44
N TRP A 36 -3.47 -5.42 6.82
CA TRP A 36 -2.53 -4.53 6.16
C TRP A 36 -1.09 -4.81 6.62
N LEU A 37 -0.16 -4.81 5.68
CA LEU A 37 1.24 -5.07 5.99
C LEU A 37 2.15 -4.09 5.26
N ARG A 38 3.38 -3.95 5.76
CA ARG A 38 4.35 -3.03 5.15
C ARG A 38 5.77 -3.52 5.37
N ASP A 39 6.45 -3.88 4.28
CA ASP A 39 7.82 -4.37 4.36
C ASP A 39 7.88 -5.70 5.11
N GLY A 40 6.77 -6.44 5.07
CA GLY A 40 6.72 -7.72 5.75
C GLY A 40 6.43 -7.59 7.24
N VAL A 41 5.46 -6.74 7.56
CA VAL A 41 5.09 -6.52 8.96
C VAL A 41 3.72 -5.85 9.06
N GLN A 42 3.03 -6.08 10.18
CA GLN A 42 1.72 -5.49 10.40
C GLN A 42 1.78 -3.97 10.33
N LEU A 43 0.86 -3.37 9.60
CA LEU A 43 0.80 -1.92 9.46
C LEU A 43 0.06 -1.28 10.63
N ALA A 44 0.35 -0.02 10.89
CA ALA A 44 -0.30 0.70 11.98
C ALA A 44 -0.78 2.07 11.52
N GLU A 45 -1.83 2.58 12.17
CA GLU A 45 -2.38 3.88 11.82
C GLU A 45 -1.88 4.96 12.78
N SER A 46 -1.93 6.21 12.34
CA SER A 46 -1.49 7.33 13.15
C SER A 46 -2.13 8.63 12.69
N ASN A 47 -1.77 9.73 13.34
CA ASN A 47 -2.31 11.04 12.99
C ASN A 47 -2.37 11.22 11.48
N ARG A 48 -1.38 10.68 10.78
CA ARG A 48 -1.32 10.78 9.33
C ARG A 48 -1.90 9.54 8.67
N THR A 49 -1.35 8.38 9.02
CA THR A 49 -1.81 7.11 8.46
C THR A 49 -3.22 6.79 8.93
N ARG A 50 -4.06 6.34 8.01
CA ARG A 50 -5.44 6.00 8.33
C ARG A 50 -5.88 4.75 7.57
N ILE A 51 -5.99 3.63 8.28
CA ILE A 51 -6.39 2.38 7.67
C ILE A 51 -7.89 2.14 7.85
N THR A 52 -8.65 2.32 6.77
CA THR A 52 -10.08 2.13 6.81
C THR A 52 -10.46 0.70 6.40
N GLY A 53 -9.57 -0.24 6.68
CA GLY A 53 -9.82 -1.63 6.34
C GLY A 53 -9.16 -2.04 5.04
N GLU A 54 -9.66 -1.51 3.94
CA GLU A 54 -9.11 -1.83 2.62
C GLU A 54 -8.58 -0.58 1.93
N GLU A 55 -8.57 0.53 2.67
CA GLU A 55 -8.09 1.80 2.13
C GLU A 55 -7.22 2.53 3.16
N VAL A 56 -5.95 2.74 2.82
CA VAL A 56 -5.03 3.42 3.71
C VAL A 56 -4.79 4.86 3.25
N GLU A 57 -4.69 5.76 4.22
CA GLU A 57 -4.46 7.18 3.91
C GLU A 57 -3.47 7.79 4.89
N VAL A 58 -2.33 8.23 4.36
CA VAL A 58 -1.30 8.84 5.18
C VAL A 58 -1.06 10.30 4.79
N GLN A 59 -1.47 11.22 5.65
CA GLN A 59 -1.31 12.64 5.39
C GLN A 59 0.14 13.06 5.58
N ASP A 60 0.60 13.97 4.73
CA ASP A 60 1.98 14.46 4.80
C ASP A 60 2.97 13.30 4.73
N SER A 61 2.71 12.36 3.83
CA SER A 61 3.57 11.20 3.66
C SER A 61 5.05 11.61 3.73
N VAL A 62 5.92 10.62 3.91
CA VAL A 62 7.35 10.87 3.98
C VAL A 62 8.15 9.75 3.33
N PRO A 63 9.41 10.04 2.99
CA PRO A 63 10.31 9.06 2.36
C PRO A 63 10.71 7.94 3.31
N ALA A 64 10.16 7.97 4.52
CA ALA A 64 10.47 6.96 5.53
C ALA A 64 9.31 5.98 5.69
N ASP A 65 8.12 6.41 5.28
CA ASP A 65 6.94 5.57 5.38
C ASP A 65 6.82 4.65 4.17
N SER A 66 7.48 5.02 3.08
CA SER A 66 7.44 4.24 1.85
C SER A 66 7.70 2.77 2.14
N GLY A 67 7.59 1.94 1.11
CA GLY A 67 7.82 0.51 1.27
C GLY A 67 6.89 -0.33 0.42
N LEU A 68 6.79 -1.61 0.74
CA LEU A 68 5.93 -2.52 -0.01
C LEU A 68 4.72 -2.95 0.84
N TYR A 69 3.61 -2.25 0.66
CA TYR A 69 2.39 -2.55 1.40
C TYR A 69 1.72 -3.81 0.85
N ALA A 70 1.25 -4.66 1.76
CA ALA A 70 0.59 -5.90 1.38
C ALA A 70 -0.66 -6.13 2.21
N CYS A 71 -1.82 -6.15 1.54
CA CYS A 71 -3.09 -6.36 2.22
C CYS A 71 -3.54 -7.81 2.09
N VAL A 72 -3.81 -8.45 3.22
CA VAL A 72 -4.26 -9.83 3.24
C VAL A 72 -5.69 -9.95 3.75
N THR A 73 -6.57 -10.47 2.90
CA THR A 73 -7.97 -10.64 3.25
C THR A 73 -8.30 -12.09 3.54
N SER A 74 -8.99 -12.34 4.65
CA SER A 74 -9.36 -13.69 5.04
C SER A 74 -10.77 -14.03 4.57
N SER A 75 -10.88 -15.05 3.76
CA SER A 75 -12.19 -15.48 3.22
C SER A 75 -12.35 -16.99 3.34
N PRO A 76 -13.62 -17.43 3.45
CA PRO A 76 -13.94 -18.86 3.57
C PRO A 76 -13.68 -19.62 2.27
N SER A 77 -13.29 -18.89 1.23
CA SER A 77 -13.01 -19.50 -0.07
C SER A 77 -11.52 -19.44 -0.39
N GLY A 78 -10.78 -18.65 0.39
CA GLY A 78 -9.35 -18.53 0.18
C GLY A 78 -8.87 -17.09 0.34
N SER A 79 -7.95 -16.88 1.28
CA SER A 79 -7.41 -15.55 1.54
C SER A 79 -6.57 -15.07 0.36
N ASP A 80 -6.60 -13.76 0.12
CA ASP A 80 -5.84 -13.16 -0.98
C ASP A 80 -4.80 -12.19 -0.45
N THR A 81 -3.96 -11.69 -1.35
CA THR A 81 -2.91 -10.75 -0.97
C THR A 81 -2.65 -9.74 -2.09
N THR A 82 -2.64 -8.46 -1.75
CA THR A 82 -2.41 -7.40 -2.73
C THR A 82 -1.21 -6.55 -2.32
N TYR A 83 -0.21 -6.48 -3.19
CA TYR A 83 0.98 -5.69 -2.92
C TYR A 83 0.86 -4.29 -3.51
N PHE A 84 1.59 -3.35 -2.93
CA PHE A 84 1.57 -1.97 -3.40
C PHE A 84 2.92 -1.29 -3.20
N SER A 85 3.62 -1.04 -4.31
CA SER A 85 4.93 -0.40 -4.24
C SER A 85 4.80 1.11 -4.11
N VAL A 86 5.10 1.63 -2.92
CA VAL A 86 5.01 3.06 -2.66
C VAL A 86 6.40 3.69 -2.61
N ASN A 87 6.48 4.95 -3.03
CA ASN A 87 7.75 5.68 -3.03
C ASN A 87 7.53 7.17 -2.79
N VAL A 88 7.91 7.62 -1.60
CA VAL A 88 7.76 9.03 -1.23
C VAL A 88 9.08 9.77 -1.35
N SER A 89 9.12 10.78 -2.22
CA SER A 89 10.32 11.57 -2.43
C SER A 89 9.97 12.95 -2.98
N ASP A 90 10.68 13.96 -2.50
CA ASP A 90 10.45 15.33 -2.95
C ASP A 90 11.08 15.56 -4.33
N ALA A 91 12.15 14.84 -4.62
CA ALA A 91 12.83 14.97 -5.90
C ALA A 91 12.25 14.00 -6.93
N LEU A 92 11.01 13.58 -6.71
CA LEU A 92 10.35 12.65 -7.61
C LEU A 92 10.54 13.07 -9.06
N PRO A 93 10.48 12.08 -9.97
CA PRO A 93 10.65 12.33 -11.41
C PRO A 93 9.48 13.09 -12.02
N SER A 94 8.51 13.42 -11.18
CA SER A 94 7.33 14.15 -11.63
C SER A 94 6.52 14.69 -10.44
N GLY A 95 6.09 15.94 -10.54
CA GLY A 95 5.32 16.55 -9.48
C GLY A 95 4.86 17.95 -9.83
N PRO A 96 3.92 18.48 -9.03
CA PRO A 96 3.38 19.83 -9.23
C PRO A 96 4.39 20.92 -8.93
N SER A 97 5.38 20.59 -8.10
CA SER A 97 6.42 21.55 -7.72
C SER A 97 7.67 21.35 -8.58
N SER A 98 8.59 22.31 -8.49
CA SER A 98 9.83 22.24 -9.25
C SER A 98 11.04 22.24 -8.32
N GLY A 99 11.85 21.19 -8.42
CA GLY A 99 13.04 21.08 -7.57
C GLY A 99 14.14 20.28 -8.23
N GLY A 1 21.14 -11.45 -5.04
CA GLY A 1 19.78 -10.98 -5.18
C GLY A 1 18.82 -11.69 -4.25
N SER A 2 17.52 -11.54 -4.52
CA SER A 2 16.50 -12.17 -3.69
C SER A 2 15.50 -12.93 -4.56
N SER A 3 15.13 -14.13 -4.12
CA SER A 3 14.17 -14.95 -4.87
C SER A 3 13.13 -15.55 -3.92
N GLY A 4 11.88 -15.53 -4.36
CA GLY A 4 10.80 -16.07 -3.55
C GLY A 4 9.44 -15.90 -4.21
N SER A 5 9.04 -14.65 -4.41
CA SER A 5 7.75 -14.36 -5.03
C SER A 5 7.58 -15.12 -6.33
N SER A 6 6.35 -15.20 -6.82
CA SER A 6 6.06 -15.90 -8.06
C SER A 6 5.27 -15.01 -9.02
N GLY A 7 5.69 -13.75 -9.12
CA GLY A 7 5.02 -12.81 -10.01
C GLY A 7 3.58 -12.54 -9.58
N VAL A 8 3.30 -11.30 -9.22
CA VAL A 8 1.96 -10.91 -8.80
C VAL A 8 1.67 -9.46 -9.14
N GLU A 9 0.40 -9.06 -9.04
CA GLU A 9 0.00 -7.70 -9.33
C GLU A 9 0.49 -6.74 -8.25
N VAL A 10 1.54 -5.99 -8.57
CA VAL A 10 2.11 -5.04 -7.62
C VAL A 10 1.80 -3.60 -8.04
N GLU A 11 0.76 -3.03 -7.45
CA GLU A 11 0.37 -1.66 -7.76
C GLU A 11 1.47 -0.68 -7.36
N SER A 12 2.07 -0.03 -8.36
CA SER A 12 3.14 0.93 -8.11
C SER A 12 2.56 2.30 -7.80
N PHE A 13 3.29 3.07 -7.00
CA PHE A 13 2.85 4.41 -6.61
C PHE A 13 4.05 5.37 -6.54
N LEU A 14 3.75 6.67 -6.46
CA LEU A 14 4.79 7.68 -6.37
C LEU A 14 4.26 8.96 -5.74
N VAL A 15 4.94 9.44 -4.70
CA VAL A 15 4.54 10.65 -4.01
C VAL A 15 5.74 11.40 -3.45
N HIS A 16 5.48 12.47 -2.71
CA HIS A 16 6.55 13.27 -2.11
C HIS A 16 6.28 13.51 -0.63
N PRO A 17 7.30 14.04 0.07
CA PRO A 17 7.20 14.33 1.50
C PRO A 17 6.25 15.49 1.80
N GLY A 18 4.98 15.17 2.04
CA GLY A 18 4.00 16.20 2.32
C GLY A 18 2.68 15.95 1.62
N ASP A 19 2.66 14.96 0.74
CA ASP A 19 1.45 14.63 -0.01
C ASP A 19 0.58 13.65 0.77
N LEU A 20 -0.50 13.21 0.15
CA LEU A 20 -1.43 12.27 0.78
C LEU A 20 -1.33 10.89 0.15
N LEU A 21 -0.75 9.95 0.89
CA LEU A 21 -0.60 8.58 0.41
C LEU A 21 -1.90 7.80 0.55
N GLN A 22 -2.55 7.53 -0.57
CA GLN A 22 -3.81 6.79 -0.58
C GLN A 22 -3.65 5.45 -1.29
N LEU A 23 -4.12 4.39 -0.65
CA LEU A 23 -4.03 3.05 -1.22
C LEU A 23 -5.39 2.37 -1.25
N ARG A 24 -5.46 1.19 -1.85
CA ARG A 24 -6.70 0.44 -1.95
C ARG A 24 -6.44 -1.06 -1.99
N CYS A 25 -7.31 -1.83 -1.34
CA CYS A 25 -7.16 -3.28 -1.31
C CYS A 25 -8.34 -3.96 -2.00
N ARG A 26 -8.02 -4.81 -2.96
CA ARG A 26 -9.05 -5.53 -3.72
C ARG A 26 -9.70 -6.60 -2.84
N LEU A 27 -10.99 -6.41 -2.57
CA LEU A 27 -11.74 -7.37 -1.75
C LEU A 27 -12.64 -8.23 -2.60
N ARG A 28 -13.38 -9.14 -1.96
CA ARG A 28 -14.28 -10.04 -2.68
C ARG A 28 -15.66 -10.05 -2.02
N ASP A 29 -16.55 -10.87 -2.55
CA ASP A 29 -17.91 -10.98 -2.02
C ASP A 29 -17.94 -11.93 -0.83
N ASP A 30 -16.82 -12.59 -0.57
CA ASP A 30 -16.73 -13.52 0.54
C ASP A 30 -15.84 -12.96 1.65
N VAL A 31 -14.85 -12.17 1.27
CA VAL A 31 -13.93 -11.57 2.23
C VAL A 31 -14.64 -11.26 3.54
N GLN A 32 -13.96 -11.54 4.65
CA GLN A 32 -14.53 -11.29 5.98
C GLN A 32 -13.77 -10.18 6.69
N SER A 33 -12.45 -10.18 6.54
CA SER A 33 -11.60 -9.17 7.17
C SER A 33 -10.42 -8.81 6.28
N ILE A 34 -9.60 -7.87 6.74
CA ILE A 34 -8.44 -7.43 5.99
C ILE A 34 -7.23 -7.24 6.89
N ASN A 35 -6.04 -7.51 6.36
CA ASN A 35 -4.82 -7.37 7.12
C ASN A 35 -3.80 -6.53 6.35
N TRP A 36 -3.55 -5.31 6.83
CA TRP A 36 -2.61 -4.42 6.18
C TRP A 36 -1.18 -4.71 6.66
N LEU A 37 -0.26 -4.80 5.71
CA LEU A 37 1.14 -5.07 6.03
C LEU A 37 2.07 -4.10 5.29
N ARG A 38 3.30 -4.00 5.76
CA ARG A 38 4.28 -3.11 5.15
C ARG A 38 5.71 -3.64 5.36
N ASP A 39 6.37 -3.96 4.26
CA ASP A 39 7.74 -4.48 4.32
C ASP A 39 7.78 -5.79 5.09
N GLY A 40 6.66 -6.51 5.10
CA GLY A 40 6.60 -7.78 5.79
C GLY A 40 6.33 -7.62 7.28
N VAL A 41 5.33 -6.79 7.61
CA VAL A 41 4.98 -6.55 9.01
C VAL A 41 3.63 -5.85 9.10
N GLN A 42 2.90 -6.14 10.17
CA GLN A 42 1.60 -5.55 10.40
C GLN A 42 1.67 -4.02 10.32
N LEU A 43 0.74 -3.43 9.57
CA LEU A 43 0.71 -1.97 9.41
C LEU A 43 -0.04 -1.32 10.56
N ALA A 44 0.37 -0.10 10.91
CA ALA A 44 -0.27 0.64 11.99
C ALA A 44 -0.69 2.03 11.53
N GLU A 45 -1.76 2.55 12.13
CA GLU A 45 -2.27 3.87 11.78
C GLU A 45 -1.80 4.91 12.79
N SER A 46 -1.88 6.18 12.40
CA SER A 46 -1.46 7.27 13.27
C SER A 46 -2.05 8.60 12.79
N ASN A 47 -1.73 9.67 13.52
CA ASN A 47 -2.23 11.00 13.16
C ASN A 47 -2.22 11.20 11.65
N ARG A 48 -1.24 10.61 10.99
CA ARG A 48 -1.11 10.71 9.54
C ARG A 48 -1.71 9.50 8.83
N THR A 49 -1.16 8.32 9.13
CA THR A 49 -1.63 7.09 8.53
C THR A 49 -3.04 6.75 9.01
N ARG A 50 -3.89 6.30 8.08
CA ARG A 50 -5.26 5.95 8.41
C ARG A 50 -5.70 4.70 7.65
N ILE A 51 -5.88 3.61 8.38
CA ILE A 51 -6.30 2.35 7.76
C ILE A 51 -7.81 2.14 7.91
N THR A 52 -8.55 2.39 6.83
CA THR A 52 -9.99 2.23 6.83
C THR A 52 -10.38 0.78 6.53
N GLY A 53 -9.42 -0.12 6.65
CA GLY A 53 -9.69 -1.52 6.38
C GLY A 53 -9.13 -1.97 5.05
N GLU A 54 -9.66 -1.40 3.96
CA GLU A 54 -9.21 -1.75 2.62
C GLU A 54 -8.61 -0.54 1.91
N GLU A 55 -8.59 0.59 2.61
CA GLU A 55 -8.04 1.82 2.05
C GLU A 55 -7.16 2.54 3.06
N VAL A 56 -5.90 2.73 2.71
CA VAL A 56 -4.94 3.40 3.59
C VAL A 56 -4.76 4.85 3.20
N GLU A 57 -4.69 5.73 4.19
CA GLU A 57 -4.52 7.16 3.95
C GLU A 57 -3.52 7.76 4.92
N VAL A 58 -2.40 8.25 4.39
CA VAL A 58 -1.36 8.85 5.21
C VAL A 58 -1.11 10.30 4.81
N GLN A 59 -1.39 11.23 5.72
CA GLN A 59 -1.19 12.65 5.45
C GLN A 59 0.27 13.03 5.62
N ASP A 60 0.71 14.01 4.84
CA ASP A 60 2.09 14.48 4.90
C ASP A 60 3.07 13.31 4.75
N SER A 61 2.72 12.38 3.87
CA SER A 61 3.57 11.21 3.64
C SER A 61 5.05 11.59 3.68
N VAL A 62 5.90 10.60 3.93
CA VAL A 62 7.33 10.83 4.00
C VAL A 62 8.10 9.68 3.37
N PRO A 63 9.38 9.92 3.03
CA PRO A 63 10.25 8.91 2.42
C PRO A 63 10.62 7.80 3.39
N ALA A 64 10.06 7.87 4.59
CA ALA A 64 10.33 6.86 5.61
C ALA A 64 9.18 5.87 5.74
N ASP A 65 7.98 6.33 5.36
CA ASP A 65 6.79 5.48 5.43
C ASP A 65 6.68 4.59 4.19
N SER A 66 7.30 5.03 3.11
CA SER A 66 7.27 4.28 1.85
C SER A 66 7.63 2.82 2.09
N GLY A 67 7.49 2.01 1.04
CA GLY A 67 7.80 0.59 1.15
C GLY A 67 6.89 -0.27 0.31
N LEU A 68 6.75 -1.53 0.69
CA LEU A 68 5.91 -2.47 -0.03
C LEU A 68 4.73 -2.91 0.82
N TYR A 69 3.58 -2.28 0.60
CA TYR A 69 2.37 -2.60 1.35
C TYR A 69 1.71 -3.87 0.81
N ALA A 70 1.18 -4.69 1.71
CA ALA A 70 0.53 -5.93 1.33
C ALA A 70 -0.75 -6.15 2.15
N CYS A 71 -1.89 -6.16 1.46
CA CYS A 71 -3.17 -6.35 2.13
C CYS A 71 -3.62 -7.81 2.01
N VAL A 72 -3.93 -8.43 3.14
CA VAL A 72 -4.37 -9.82 3.16
C VAL A 72 -5.79 -9.93 3.71
N THR A 73 -6.69 -10.51 2.92
CA THR A 73 -8.07 -10.68 3.33
C THR A 73 -8.36 -12.13 3.72
N SER A 74 -9.05 -12.30 4.84
CA SER A 74 -9.39 -13.65 5.32
C SER A 74 -10.80 -14.04 4.89
N SER A 75 -10.87 -14.92 3.89
CA SER A 75 -12.16 -15.38 3.38
C SER A 75 -12.35 -16.87 3.65
N PRO A 76 -13.62 -17.30 3.68
CA PRO A 76 -13.97 -18.71 3.94
C PRO A 76 -13.59 -19.61 2.78
N SER A 77 -13.00 -19.03 1.73
CA SER A 77 -12.59 -19.78 0.55
C SER A 77 -11.07 -19.78 0.42
N GLY A 78 -10.42 -18.92 1.17
CA GLY A 78 -8.97 -18.83 1.12
C GLY A 78 -8.45 -17.53 1.69
N SER A 79 -7.38 -17.01 1.07
CA SER A 79 -6.78 -15.76 1.53
C SER A 79 -6.02 -15.08 0.39
N ASP A 80 -6.54 -13.95 -0.07
CA ASP A 80 -5.91 -13.19 -1.14
C ASP A 80 -4.86 -12.23 -0.60
N THR A 81 -4.06 -11.67 -1.50
CA THR A 81 -3.02 -10.73 -1.11
C THR A 81 -2.74 -9.73 -2.22
N THR A 82 -2.70 -8.44 -1.86
CA THR A 82 -2.44 -7.39 -2.84
C THR A 82 -1.26 -6.52 -2.40
N TYR A 83 -0.26 -6.42 -3.27
CA TYR A 83 0.94 -5.63 -2.98
C TYR A 83 0.79 -4.22 -3.54
N PHE A 84 1.57 -3.30 -3.00
CA PHE A 84 1.55 -1.91 -3.45
C PHE A 84 2.90 -1.24 -3.25
N SER A 85 3.59 -0.97 -4.35
CA SER A 85 4.91 -0.34 -4.29
C SER A 85 4.78 1.18 -4.16
N VAL A 86 5.09 1.70 -2.98
CA VAL A 86 5.01 3.13 -2.73
C VAL A 86 6.41 3.76 -2.68
N ASN A 87 6.48 5.03 -3.08
CA ASN A 87 7.75 5.74 -3.08
C ASN A 87 7.54 7.23 -2.80
N VAL A 88 7.87 7.66 -1.59
CA VAL A 88 7.72 9.05 -1.20
C VAL A 88 9.05 9.79 -1.29
N SER A 89 9.09 10.82 -2.12
CA SER A 89 10.30 11.62 -2.30
C SER A 89 9.98 12.94 -2.99
N ASP A 90 10.69 14.00 -2.58
CA ASP A 90 10.48 15.32 -3.15
C ASP A 90 10.73 15.30 -4.66
N ALA A 91 11.42 14.26 -5.13
CA ALA A 91 11.71 14.13 -6.55
C ALA A 91 10.48 13.68 -7.33
N LEU A 92 9.92 14.60 -8.13
CA LEU A 92 8.74 14.30 -8.92
C LEU A 92 8.91 14.79 -10.36
N PRO A 93 8.24 14.11 -11.30
CA PRO A 93 8.29 14.47 -12.72
C PRO A 93 7.60 15.78 -13.02
N SER A 94 6.77 16.23 -12.09
CA SER A 94 6.03 17.47 -12.26
C SER A 94 6.97 18.68 -12.21
N GLY A 95 7.36 19.17 -13.38
CA GLY A 95 8.26 20.31 -13.44
C GLY A 95 7.92 21.37 -12.42
N PRO A 96 8.95 21.94 -11.78
CA PRO A 96 8.79 22.97 -10.76
C PRO A 96 8.31 24.30 -11.35
N SER A 97 8.34 24.39 -12.68
CA SER A 97 7.91 25.59 -13.37
C SER A 97 6.64 25.34 -14.18
N SER A 98 5.84 26.38 -14.36
CA SER A 98 4.60 26.27 -15.12
C SER A 98 4.86 25.70 -16.52
N GLY A 99 5.71 26.38 -17.27
CA GLY A 99 6.03 25.94 -18.62
C GLY A 99 6.52 27.06 -19.50
N GLY A 1 10.46 -19.77 2.84
CA GLY A 1 9.57 -20.13 1.74
C GLY A 1 10.28 -20.10 0.40
N SER A 2 9.80 -19.24 -0.50
CA SER A 2 10.38 -19.13 -1.82
C SER A 2 10.99 -17.74 -2.04
N SER A 3 12.13 -17.70 -2.72
CA SER A 3 12.81 -16.44 -2.99
C SER A 3 11.81 -15.31 -3.20
N GLY A 4 10.70 -15.63 -3.86
CA GLY A 4 9.67 -14.64 -4.12
C GLY A 4 8.38 -15.25 -4.62
N SER A 5 7.29 -14.50 -4.49
CA SER A 5 5.98 -14.99 -4.92
C SER A 5 5.85 -14.91 -6.44
N SER A 6 4.95 -15.72 -6.99
CA SER A 6 4.74 -15.76 -8.42
C SER A 6 3.35 -15.22 -8.78
N GLY A 7 3.18 -14.83 -10.04
CA GLY A 7 1.90 -14.30 -10.49
C GLY A 7 1.24 -13.43 -9.43
N VAL A 8 1.62 -12.16 -9.40
CA VAL A 8 1.05 -11.22 -8.44
C VAL A 8 0.81 -9.85 -9.06
N GLU A 9 0.08 -8.99 -8.37
CA GLU A 9 -0.20 -7.65 -8.86
C GLU A 9 0.34 -6.59 -7.90
N VAL A 10 1.57 -6.16 -8.15
CA VAL A 10 2.21 -5.14 -7.33
C VAL A 10 1.91 -3.74 -7.83
N GLU A 11 0.83 -3.14 -7.30
CA GLU A 11 0.44 -1.80 -7.69
C GLU A 11 1.51 -0.78 -7.33
N SER A 12 2.21 -0.27 -8.33
CA SER A 12 3.27 0.70 -8.11
C SER A 12 2.68 2.09 -7.87
N PHE A 13 3.33 2.86 -6.99
CA PHE A 13 2.87 4.21 -6.67
C PHE A 13 4.04 5.17 -6.60
N LEU A 14 3.73 6.46 -6.48
CA LEU A 14 4.76 7.49 -6.40
C LEU A 14 4.20 8.78 -5.79
N VAL A 15 4.90 9.28 -4.77
CA VAL A 15 4.47 10.51 -4.10
C VAL A 15 5.67 11.28 -3.55
N HIS A 16 5.39 12.35 -2.83
CA HIS A 16 6.44 13.18 -2.24
C HIS A 16 6.16 13.46 -0.77
N PRO A 17 7.16 14.03 -0.07
CA PRO A 17 7.05 14.36 1.35
C PRO A 17 6.09 15.51 1.60
N GLY A 18 4.83 15.18 1.91
CA GLY A 18 3.83 16.20 2.17
C GLY A 18 2.53 15.93 1.43
N ASP A 19 2.53 14.93 0.57
CA ASP A 19 1.34 14.57 -0.19
C ASP A 19 0.46 13.61 0.59
N LEU A 20 -0.61 13.14 -0.05
CA LEU A 20 -1.54 12.22 0.60
C LEU A 20 -1.42 10.82 0.00
N LEU A 21 -0.86 9.89 0.77
CA LEU A 21 -0.69 8.51 0.32
C LEU A 21 -1.98 7.71 0.53
N GLN A 22 -2.71 7.47 -0.55
CA GLN A 22 -3.95 6.71 -0.48
C GLN A 22 -3.80 5.36 -1.17
N LEU A 23 -4.18 4.30 -0.46
CA LEU A 23 -4.09 2.95 -1.01
C LEU A 23 -5.46 2.28 -1.03
N ARG A 24 -5.54 1.13 -1.70
CA ARG A 24 -6.79 0.39 -1.79
C ARG A 24 -6.53 -1.12 -1.85
N CYS A 25 -7.34 -1.89 -1.13
CA CYS A 25 -7.19 -3.33 -1.10
C CYS A 25 -8.37 -4.01 -1.80
N ARG A 26 -8.08 -4.72 -2.87
CA ARG A 26 -9.11 -5.42 -3.64
C ARG A 26 -9.85 -6.43 -2.75
N LEU A 27 -11.12 -6.15 -2.49
CA LEU A 27 -11.94 -7.02 -1.66
C LEU A 27 -12.86 -7.87 -2.52
N ARG A 28 -13.47 -8.88 -1.91
CA ARG A 28 -14.39 -9.77 -2.61
C ARG A 28 -15.73 -9.87 -1.89
N ASP A 29 -16.69 -10.53 -2.51
CA ASP A 29 -18.01 -10.71 -1.92
C ASP A 29 -17.98 -11.73 -0.80
N ASP A 30 -16.85 -12.40 -0.65
CA ASP A 30 -16.68 -13.41 0.39
C ASP A 30 -15.80 -12.89 1.53
N VAL A 31 -14.84 -12.04 1.18
CA VAL A 31 -13.93 -11.47 2.17
C VAL A 31 -14.63 -11.27 3.51
N GLN A 32 -13.90 -11.53 4.59
CA GLN A 32 -14.45 -11.39 5.94
C GLN A 32 -13.65 -10.37 6.74
N SER A 33 -12.35 -10.33 6.50
CA SER A 33 -11.47 -9.41 7.21
C SER A 33 -10.34 -8.94 6.31
N ILE A 34 -9.47 -8.08 6.85
CA ILE A 34 -8.34 -7.55 6.10
C ILE A 34 -7.11 -7.38 6.98
N ASN A 35 -5.94 -7.67 6.43
CA ASN A 35 -4.69 -7.54 7.17
C ASN A 35 -3.69 -6.67 6.42
N TRP A 36 -3.40 -5.49 6.95
CA TRP A 36 -2.47 -4.58 6.32
C TRP A 36 -1.04 -4.86 6.78
N LEU A 37 -0.11 -4.88 5.83
CA LEU A 37 1.29 -5.14 6.15
C LEU A 37 2.21 -4.16 5.40
N ARG A 38 3.43 -4.02 5.90
CA ARG A 38 4.40 -3.13 5.28
C ARG A 38 5.83 -3.63 5.50
N ASP A 39 6.49 -3.98 4.42
CA ASP A 39 7.87 -4.48 4.50
C ASP A 39 7.93 -5.77 5.31
N GLY A 40 6.82 -6.49 5.36
CA GLY A 40 6.77 -7.74 6.10
C GLY A 40 6.49 -7.51 7.58
N VAL A 41 5.47 -6.70 7.86
CA VAL A 41 5.07 -6.41 9.24
C VAL A 41 3.71 -5.75 9.29
N GLN A 42 2.97 -6.02 10.36
CA GLN A 42 1.64 -5.46 10.54
C GLN A 42 1.69 -3.92 10.47
N LEU A 43 0.87 -3.36 9.58
CA LEU A 43 0.82 -1.91 9.41
C LEU A 43 0.08 -1.25 10.57
N ALA A 44 0.46 -0.02 10.89
CA ALA A 44 -0.18 0.72 11.97
C ALA A 44 -0.62 2.11 11.50
N GLU A 45 -1.65 2.64 12.15
CA GLU A 45 -2.17 3.97 11.80
C GLU A 45 -1.65 5.02 12.77
N SER A 46 -1.64 6.27 12.32
CA SER A 46 -1.17 7.38 13.14
C SER A 46 -1.81 8.69 12.70
N ASN A 47 -1.45 9.77 13.38
CA ASN A 47 -1.99 11.10 13.07
C ASN A 47 -2.11 11.29 11.56
N ARG A 48 -1.16 10.72 10.82
CA ARG A 48 -1.17 10.83 9.37
C ARG A 48 -1.76 9.58 8.73
N THR A 49 -1.16 8.43 9.00
CA THR A 49 -1.64 7.16 8.45
C THR A 49 -3.02 6.81 9.00
N ARG A 50 -3.91 6.38 8.12
CA ARG A 50 -5.26 6.01 8.50
C ARG A 50 -5.72 4.76 7.75
N ILE A 51 -5.80 3.64 8.48
CA ILE A 51 -6.22 2.39 7.89
C ILE A 51 -7.72 2.14 8.12
N THR A 52 -8.52 2.37 7.10
CA THR A 52 -9.97 2.17 7.19
C THR A 52 -10.34 0.73 6.92
N GLY A 53 -9.35 -0.16 6.97
CA GLY A 53 -9.61 -1.57 6.73
C GLY A 53 -9.06 -2.03 5.39
N GLU A 54 -9.63 -1.51 4.31
CA GLU A 54 -9.20 -1.87 2.97
C GLU A 54 -8.57 -0.69 2.25
N GLU A 55 -8.57 0.47 2.91
CA GLU A 55 -7.99 1.68 2.35
C GLU A 55 -7.08 2.36 3.35
N VAL A 56 -5.87 2.70 2.91
CA VAL A 56 -4.89 3.37 3.77
C VAL A 56 -4.63 4.79 3.31
N GLU A 57 -4.79 5.75 4.22
CA GLU A 57 -4.57 7.15 3.89
C GLU A 57 -3.57 7.79 4.86
N VAL A 58 -2.45 8.26 4.31
CA VAL A 58 -1.41 8.88 5.13
C VAL A 58 -1.20 10.34 4.72
N GLN A 59 -1.51 11.25 5.63
CA GLN A 59 -1.35 12.68 5.36
C GLN A 59 0.11 13.10 5.54
N ASP A 60 0.56 13.99 4.67
CA ASP A 60 1.93 14.48 4.72
C ASP A 60 2.93 13.33 4.60
N SER A 61 2.62 12.38 3.72
CA SER A 61 3.49 11.23 3.51
C SER A 61 4.96 11.63 3.56
N VAL A 62 5.82 10.65 3.81
CA VAL A 62 7.26 10.90 3.88
C VAL A 62 8.05 9.75 3.27
N PRO A 63 9.32 10.02 2.93
CA PRO A 63 10.21 9.02 2.33
C PRO A 63 10.60 7.93 3.31
N ALA A 64 10.04 8.00 4.52
CA ALA A 64 10.33 7.02 5.55
C ALA A 64 9.19 6.02 5.70
N ASP A 65 7.99 6.44 5.31
CA ASP A 65 6.80 5.59 5.41
C ASP A 65 6.71 4.66 4.19
N SER A 66 7.36 5.06 3.10
CA SER A 66 7.34 4.27 1.88
C SER A 66 7.73 2.82 2.16
N GLY A 67 7.62 1.98 1.14
CA GLY A 67 7.96 0.57 1.30
C GLY A 67 7.10 -0.33 0.45
N LEU A 68 6.80 -1.51 0.96
CA LEU A 68 5.98 -2.48 0.23
C LEU A 68 4.78 -2.92 1.07
N TYR A 69 3.62 -2.34 0.76
CA TYR A 69 2.40 -2.66 1.48
C TYR A 69 1.75 -3.93 0.92
N ALA A 70 1.21 -4.75 1.82
CA ALA A 70 0.57 -5.99 1.42
C ALA A 70 -0.71 -6.24 2.22
N CYS A 71 -1.85 -6.15 1.56
CA CYS A 71 -3.13 -6.37 2.21
C CYS A 71 -3.62 -7.80 2.02
N VAL A 72 -3.95 -8.46 3.13
CA VAL A 72 -4.42 -9.84 3.08
C VAL A 72 -5.84 -9.95 3.63
N THR A 73 -6.76 -10.40 2.78
CA THR A 73 -8.16 -10.55 3.17
C THR A 73 -8.50 -12.01 3.46
N SER A 74 -9.11 -12.26 4.61
CA SER A 74 -9.48 -13.62 5.00
C SER A 74 -10.87 -13.97 4.47
N SER A 75 -10.93 -15.02 3.66
CA SER A 75 -12.20 -15.46 3.08
C SER A 75 -12.32 -16.99 3.15
N PRO A 76 -13.57 -17.47 3.19
CA PRO A 76 -13.86 -18.91 3.27
C PRO A 76 -13.52 -19.63 1.96
N SER A 77 -13.04 -18.87 0.99
CA SER A 77 -12.68 -19.45 -0.31
C SER A 77 -11.17 -19.35 -0.54
N GLY A 78 -10.48 -18.67 0.36
CA GLY A 78 -9.04 -18.53 0.23
C GLY A 78 -8.58 -17.10 0.50
N SER A 79 -7.58 -16.95 1.35
CA SER A 79 -7.05 -15.64 1.69
C SER A 79 -6.21 -15.08 0.55
N ASP A 80 -6.60 -13.92 0.05
CA ASP A 80 -5.87 -13.28 -1.04
C ASP A 80 -4.81 -12.32 -0.51
N THR A 81 -4.10 -11.66 -1.42
CA THR A 81 -3.06 -10.73 -1.03
C THR A 81 -2.80 -9.71 -2.14
N THR A 82 -2.70 -8.44 -1.77
CA THR A 82 -2.46 -7.37 -2.72
C THR A 82 -1.27 -6.51 -2.30
N TYR A 83 -0.27 -6.41 -3.18
CA TYR A 83 0.91 -5.62 -2.89
C TYR A 83 0.77 -4.20 -3.44
N PHE A 84 1.58 -3.28 -2.92
CA PHE A 84 1.54 -1.90 -3.35
C PHE A 84 2.89 -1.22 -3.12
N SER A 85 3.62 -1.00 -4.21
CA SER A 85 4.93 -0.37 -4.13
C SER A 85 4.79 1.15 -3.97
N VAL A 86 5.08 1.64 -2.77
CA VAL A 86 4.99 3.06 -2.48
C VAL A 86 6.36 3.71 -2.46
N ASN A 87 6.46 4.93 -2.99
CA ASN A 87 7.72 5.65 -3.03
C ASN A 87 7.50 7.14 -2.80
N VAL A 88 7.85 7.61 -1.62
CA VAL A 88 7.69 9.02 -1.28
C VAL A 88 9.01 9.77 -1.38
N SER A 89 9.06 10.76 -2.27
CA SER A 89 10.27 11.55 -2.47
C SER A 89 9.95 12.86 -3.18
N ASP A 90 10.58 13.94 -2.74
CA ASP A 90 10.36 15.25 -3.34
C ASP A 90 10.56 15.19 -4.86
N ALA A 91 11.36 14.24 -5.31
CA ALA A 91 11.62 14.09 -6.74
C ALA A 91 10.52 13.29 -7.42
N LEU A 92 10.00 13.82 -8.52
CA LEU A 92 8.94 13.15 -9.26
C LEU A 92 9.18 13.25 -10.77
N PRO A 93 8.79 12.20 -11.50
CA PRO A 93 8.95 12.14 -12.95
C PRO A 93 8.03 13.12 -13.67
N SER A 94 8.61 14.17 -14.23
CA SER A 94 7.84 15.18 -14.95
C SER A 94 7.36 14.65 -16.28
N GLY A 95 8.27 14.08 -17.06
CA GLY A 95 7.93 13.52 -18.35
C GLY A 95 7.10 12.25 -18.25
N PRO A 96 5.87 12.31 -18.77
CA PRO A 96 4.95 11.17 -18.74
C PRO A 96 5.40 10.04 -19.66
N SER A 97 6.39 10.32 -20.49
CA SER A 97 6.91 9.32 -21.42
C SER A 97 8.12 8.59 -20.81
N SER A 98 7.90 7.35 -20.41
CA SER A 98 8.96 6.54 -19.81
C SER A 98 10.20 6.53 -20.70
N GLY A 99 11.36 6.77 -20.11
CA GLY A 99 12.61 6.78 -20.86
C GLY A 99 13.06 5.38 -21.24
N GLY A 1 10.58 -18.00 -4.84
CA GLY A 1 10.22 -16.83 -4.06
C GLY A 1 9.71 -15.69 -4.92
N SER A 2 9.63 -14.50 -4.34
CA SER A 2 9.14 -13.33 -5.06
C SER A 2 10.12 -12.92 -6.16
N SER A 3 9.88 -13.42 -7.37
CA SER A 3 10.74 -13.11 -8.50
C SER A 3 9.93 -12.87 -9.76
N GLY A 4 10.55 -12.24 -10.77
CA GLY A 4 9.85 -11.97 -12.01
C GLY A 4 8.57 -11.17 -11.80
N SER A 5 7.77 -11.07 -12.84
CA SER A 5 6.51 -10.33 -12.77
C SER A 5 5.32 -11.29 -12.86
N SER A 6 5.43 -12.41 -12.15
CA SER A 6 4.35 -13.40 -12.14
C SER A 6 4.08 -13.90 -10.72
N GLY A 7 2.82 -14.20 -10.44
CA GLY A 7 2.44 -14.69 -9.12
C GLY A 7 1.43 -13.79 -8.45
N VAL A 8 1.78 -12.52 -8.29
CA VAL A 8 0.89 -11.55 -7.65
C VAL A 8 0.99 -10.18 -8.32
N GLU A 9 0.02 -9.32 -8.03
CA GLU A 9 0.01 -7.98 -8.60
C GLU A 9 0.54 -6.95 -7.60
N VAL A 10 1.58 -6.23 -8.00
CA VAL A 10 2.17 -5.21 -7.14
C VAL A 10 1.90 -3.81 -7.67
N GLU A 11 0.83 -3.19 -7.18
CA GLU A 11 0.45 -1.85 -7.62
C GLU A 11 1.54 -0.84 -7.25
N SER A 12 2.15 -0.25 -8.28
CA SER A 12 3.21 0.73 -8.07
C SER A 12 2.63 2.11 -7.79
N PHE A 13 3.33 2.89 -6.98
CA PHE A 13 2.89 4.24 -6.65
C PHE A 13 4.07 5.20 -6.56
N LEU A 14 3.77 6.49 -6.53
CA LEU A 14 4.80 7.52 -6.44
C LEU A 14 4.26 8.79 -5.82
N VAL A 15 4.93 9.27 -4.77
CA VAL A 15 4.52 10.49 -4.08
C VAL A 15 5.73 11.24 -3.53
N HIS A 16 5.45 12.32 -2.79
CA HIS A 16 6.52 13.12 -2.21
C HIS A 16 6.23 13.41 -0.74
N PRO A 17 7.23 13.97 -0.04
CA PRO A 17 7.12 14.30 1.38
C PRO A 17 6.16 15.46 1.63
N GLY A 18 4.89 15.14 1.87
CA GLY A 18 3.90 16.17 2.12
C GLY A 18 2.59 15.90 1.41
N ASP A 19 2.60 14.90 0.53
CA ASP A 19 1.40 14.54 -0.23
C ASP A 19 0.52 13.58 0.58
N LEU A 20 -0.54 13.10 -0.06
CA LEU A 20 -1.47 12.18 0.61
C LEU A 20 -1.35 10.78 0.01
N LEU A 21 -0.77 9.86 0.77
CA LEU A 21 -0.60 8.49 0.32
C LEU A 21 -1.89 7.68 0.51
N GLN A 22 -2.62 7.49 -0.58
CA GLN A 22 -3.87 6.74 -0.53
C GLN A 22 -3.72 5.39 -1.22
N LEU A 23 -4.22 4.35 -0.58
CA LEU A 23 -4.14 3.00 -1.12
C LEU A 23 -5.52 2.34 -1.15
N ARG A 24 -5.60 1.17 -1.77
CA ARG A 24 -6.85 0.43 -1.86
C ARG A 24 -6.60 -1.07 -1.93
N CYS A 25 -7.44 -1.84 -1.24
CA CYS A 25 -7.31 -3.29 -1.22
C CYS A 25 -8.49 -3.95 -1.92
N ARG A 26 -8.20 -4.72 -2.95
CA ARG A 26 -9.23 -5.42 -3.70
C ARG A 26 -9.93 -6.47 -2.84
N LEU A 27 -11.22 -6.26 -2.59
CA LEU A 27 -11.99 -7.19 -1.79
C LEU A 27 -13.04 -7.91 -2.63
N ARG A 28 -13.87 -8.72 -1.97
CA ARG A 28 -14.91 -9.46 -2.66
C ARG A 28 -16.13 -9.66 -1.77
N ASP A 29 -17.14 -10.35 -2.29
CA ASP A 29 -18.36 -10.61 -1.53
C ASP A 29 -18.16 -11.78 -0.57
N ASP A 30 -16.92 -12.22 -0.44
CA ASP A 30 -16.59 -13.34 0.45
C ASP A 30 -15.65 -12.89 1.56
N VAL A 31 -14.76 -11.96 1.24
CA VAL A 31 -13.81 -11.44 2.22
C VAL A 31 -14.45 -11.27 3.59
N GLN A 32 -13.76 -11.72 4.62
CA GLN A 32 -14.26 -11.61 5.98
C GLN A 32 -13.54 -10.51 6.75
N SER A 33 -12.23 -10.43 6.57
CA SER A 33 -11.42 -9.43 7.26
C SER A 33 -10.25 -8.98 6.37
N ILE A 34 -9.48 -8.03 6.87
CA ILE A 34 -8.33 -7.51 6.13
C ILE A 34 -7.13 -7.32 7.05
N ASN A 35 -5.95 -7.61 6.52
CA ASN A 35 -4.71 -7.47 7.29
C ASN A 35 -3.68 -6.64 6.52
N TRP A 36 -3.53 -5.39 6.90
CA TRP A 36 -2.58 -4.49 6.25
C TRP A 36 -1.16 -4.79 6.71
N LEU A 37 -0.22 -4.84 5.76
CA LEU A 37 1.17 -5.10 6.07
C LEU A 37 2.09 -4.09 5.39
N ARG A 38 3.34 -4.03 5.83
CA ARG A 38 4.32 -3.11 5.26
C ARG A 38 5.74 -3.65 5.43
N ASP A 39 6.37 -3.98 4.30
CA ASP A 39 7.74 -4.50 4.34
C ASP A 39 7.80 -5.82 5.12
N GLY A 40 6.68 -6.52 5.17
CA GLY A 40 6.62 -7.78 5.89
C GLY A 40 6.35 -7.60 7.37
N VAL A 41 5.38 -6.75 7.68
CA VAL A 41 5.01 -6.49 9.07
C VAL A 41 3.65 -5.81 9.16
N GLN A 42 2.95 -6.06 10.27
CA GLN A 42 1.64 -5.47 10.48
C GLN A 42 1.69 -3.95 10.37
N LEU A 43 0.81 -3.39 9.56
CA LEU A 43 0.75 -1.94 9.37
C LEU A 43 -0.03 -1.27 10.49
N ALA A 44 0.36 -0.05 10.83
CA ALA A 44 -0.30 0.70 11.89
C ALA A 44 -0.73 2.08 11.40
N GLU A 45 -1.68 2.69 12.11
CA GLU A 45 -2.16 4.01 11.74
C GLU A 45 -1.71 5.06 12.74
N SER A 46 -1.75 6.33 12.33
CA SER A 46 -1.34 7.42 13.20
C SER A 46 -1.94 8.75 12.73
N ASN A 47 -1.59 9.83 13.41
CA ASN A 47 -2.10 11.15 13.06
C ASN A 47 -2.14 11.34 11.55
N ARG A 48 -1.16 10.77 10.86
CA ARG A 48 -1.08 10.87 9.40
C ARG A 48 -1.68 9.62 8.75
N THR A 49 -1.09 8.47 9.05
CA THR A 49 -1.56 7.21 8.49
C THR A 49 -2.96 6.85 9.00
N ARG A 50 -3.77 6.28 8.12
CA ARG A 50 -5.14 5.89 8.49
C ARG A 50 -5.56 4.65 7.73
N ILE A 51 -5.87 3.58 8.46
CA ILE A 51 -6.29 2.33 7.86
C ILE A 51 -7.80 2.11 8.05
N THR A 52 -8.56 2.35 6.98
CA THR A 52 -10.01 2.18 7.04
C THR A 52 -10.40 0.72 6.80
N GLY A 53 -9.41 -0.16 6.83
CA GLY A 53 -9.67 -1.58 6.61
C GLY A 53 -9.19 -2.05 5.26
N GLU A 54 -9.77 -1.48 4.21
CA GLU A 54 -9.40 -1.86 2.84
C GLU A 54 -8.74 -0.69 2.11
N GLU A 55 -8.65 0.45 2.79
CA GLU A 55 -8.05 1.64 2.21
C GLU A 55 -7.16 2.35 3.22
N VAL A 56 -5.95 2.71 2.80
CA VAL A 56 -5.00 3.39 3.67
C VAL A 56 -4.79 4.84 3.23
N GLU A 57 -4.68 5.73 4.19
CA GLU A 57 -4.48 7.15 3.90
C GLU A 57 -3.47 7.77 4.87
N VAL A 58 -2.37 8.27 4.33
CA VAL A 58 -1.34 8.90 5.14
C VAL A 58 -1.10 10.35 4.72
N GLN A 59 -1.45 11.27 5.60
CA GLN A 59 -1.29 12.70 5.32
C GLN A 59 0.18 13.11 5.47
N ASP A 60 0.62 14.03 4.61
CA ASP A 60 2.00 14.50 4.65
C ASP A 60 2.98 13.33 4.59
N SER A 61 2.70 12.38 3.70
CA SER A 61 3.56 11.21 3.55
C SER A 61 5.03 11.60 3.61
N VAL A 62 5.89 10.61 3.83
CA VAL A 62 7.33 10.85 3.91
C VAL A 62 8.11 9.69 3.30
N PRO A 63 9.39 9.95 2.96
CA PRO A 63 10.27 8.95 2.36
C PRO A 63 10.65 7.86 3.36
N ALA A 64 10.10 7.93 4.56
CA ALA A 64 10.38 6.95 5.61
C ALA A 64 9.22 5.97 5.76
N ASP A 65 8.03 6.41 5.38
CA ASP A 65 6.84 5.57 5.49
C ASP A 65 6.72 4.66 4.27
N SER A 66 7.31 5.07 3.16
CA SER A 66 7.27 4.30 1.93
C SER A 66 7.59 2.83 2.20
N GLY A 67 7.47 2.00 1.17
CA GLY A 67 7.74 0.59 1.31
C GLY A 67 6.85 -0.28 0.45
N LEU A 68 6.66 -1.53 0.86
CA LEU A 68 5.82 -2.46 0.11
C LEU A 68 4.62 -2.89 0.95
N TYR A 69 3.50 -2.21 0.78
CA TYR A 69 2.29 -2.53 1.51
C TYR A 69 1.61 -3.76 0.94
N ALA A 70 1.13 -4.64 1.84
CA ALA A 70 0.47 -5.86 1.42
C ALA A 70 -0.78 -6.11 2.25
N CYS A 71 -1.94 -6.11 1.61
CA CYS A 71 -3.20 -6.33 2.29
C CYS A 71 -3.65 -7.79 2.15
N VAL A 72 -3.90 -8.43 3.29
CA VAL A 72 -4.32 -9.83 3.30
C VAL A 72 -5.74 -9.97 3.85
N THR A 73 -6.63 -10.48 3.02
CA THR A 73 -8.02 -10.66 3.42
C THR A 73 -8.33 -12.14 3.68
N SER A 74 -9.03 -12.40 4.78
CA SER A 74 -9.39 -13.77 5.14
C SER A 74 -10.75 -14.15 4.56
N SER A 75 -10.73 -15.08 3.61
CA SER A 75 -11.96 -15.54 2.96
C SER A 75 -12.08 -17.06 3.04
N PRO A 76 -13.33 -17.55 3.04
CA PRO A 76 -13.61 -18.99 3.11
C PRO A 76 -13.22 -19.71 1.82
N SER A 77 -12.72 -18.96 0.86
CA SER A 77 -12.31 -19.54 -0.42
C SER A 77 -10.80 -19.44 -0.60
N GLY A 78 -10.15 -18.66 0.27
CA GLY A 78 -8.71 -18.49 0.19
C GLY A 78 -8.28 -17.07 0.49
N SER A 79 -7.33 -16.94 1.41
CA SER A 79 -6.82 -15.63 1.79
C SER A 79 -6.06 -14.98 0.64
N ASP A 80 -6.57 -13.85 0.15
CA ASP A 80 -5.94 -13.13 -0.95
C ASP A 80 -4.87 -12.18 -0.43
N THR A 81 -4.12 -11.59 -1.35
CA THR A 81 -3.06 -10.65 -0.98
C THR A 81 -2.82 -9.62 -2.09
N THR A 82 -2.72 -8.37 -1.70
CA THR A 82 -2.50 -7.29 -2.66
C THR A 82 -1.32 -6.41 -2.24
N TYR A 83 -0.28 -6.39 -3.07
CA TYR A 83 0.91 -5.60 -2.78
C TYR A 83 0.78 -4.20 -3.35
N PHE A 84 1.55 -3.26 -2.81
CA PHE A 84 1.52 -1.88 -3.27
C PHE A 84 2.87 -1.22 -3.07
N SER A 85 3.60 -1.02 -4.17
CA SER A 85 4.92 -0.40 -4.12
C SER A 85 4.80 1.12 -4.01
N VAL A 86 5.04 1.65 -2.81
CA VAL A 86 4.97 3.08 -2.57
C VAL A 86 6.35 3.71 -2.53
N ASN A 87 6.46 4.94 -3.02
CA ASN A 87 7.73 5.66 -3.03
C ASN A 87 7.52 7.14 -2.79
N VAL A 88 7.85 7.59 -1.58
CA VAL A 88 7.71 9.00 -1.23
C VAL A 88 9.04 9.73 -1.33
N SER A 89 9.09 10.72 -2.22
CA SER A 89 10.31 11.51 -2.41
C SER A 89 9.99 12.84 -3.09
N ASP A 90 10.69 13.88 -2.65
CA ASP A 90 10.49 15.22 -3.21
C ASP A 90 10.82 15.25 -4.69
N ALA A 91 11.53 14.22 -5.15
CA ALA A 91 11.92 14.12 -6.56
C ALA A 91 10.73 13.75 -7.44
N LEU A 92 10.23 14.72 -8.18
CA LEU A 92 9.08 14.49 -9.07
C LEU A 92 9.36 15.05 -10.46
N PRO A 93 8.74 14.44 -11.48
CA PRO A 93 8.89 14.87 -12.87
C PRO A 93 8.22 16.22 -13.14
N SER A 94 7.47 16.70 -12.17
CA SER A 94 6.78 17.97 -12.30
C SER A 94 7.63 18.97 -13.09
N GLY A 95 8.90 19.07 -12.74
CA GLY A 95 9.80 19.98 -13.43
C GLY A 95 11.22 19.91 -12.90
N PRO A 96 12.19 20.02 -13.81
CA PRO A 96 13.62 19.97 -13.46
C PRO A 96 14.07 21.20 -12.69
N SER A 97 15.24 21.10 -12.06
CA SER A 97 15.78 22.19 -11.27
C SER A 97 17.20 21.88 -10.81
N SER A 98 17.94 22.94 -10.46
CA SER A 98 19.32 22.78 -10.00
C SER A 98 19.45 23.18 -8.53
N GLY A 99 20.53 22.72 -7.90
CA GLY A 99 20.76 23.03 -6.50
C GLY A 99 22.14 22.64 -6.03
N GLY A 1 -2.49 -25.84 -7.25
CA GLY A 1 -2.64 -25.32 -5.91
C GLY A 1 -1.31 -24.92 -5.29
N SER A 2 -0.74 -23.83 -5.79
CA SER A 2 0.54 -23.34 -5.28
C SER A 2 1.64 -24.40 -5.47
N SER A 3 1.70 -24.95 -6.68
CA SER A 3 2.71 -25.97 -6.99
C SER A 3 3.85 -25.38 -7.81
N GLY A 4 3.50 -24.52 -8.76
CA GLY A 4 4.52 -23.90 -9.60
C GLY A 4 4.51 -22.39 -9.48
N SER A 5 5.49 -21.75 -10.11
CA SER A 5 5.60 -20.29 -10.06
C SER A 5 4.23 -19.64 -10.05
N SER A 6 4.03 -18.71 -9.14
CA SER A 6 2.75 -18.01 -9.02
C SER A 6 2.88 -16.56 -9.47
N GLY A 7 1.76 -15.95 -9.85
CA GLY A 7 1.77 -14.58 -10.30
C GLY A 7 1.11 -13.64 -9.32
N VAL A 8 1.64 -12.43 -9.20
CA VAL A 8 1.09 -11.44 -8.28
C VAL A 8 1.09 -10.05 -8.91
N GLU A 9 0.28 -9.16 -8.35
CA GLU A 9 0.18 -7.79 -8.86
C GLU A 9 0.69 -6.79 -7.82
N VAL A 10 1.75 -6.07 -8.17
CA VAL A 10 2.33 -5.08 -7.27
C VAL A 10 2.06 -3.66 -7.76
N GLU A 11 0.97 -3.08 -7.28
CA GLU A 11 0.60 -1.72 -7.67
C GLU A 11 1.69 -0.72 -7.29
N SER A 12 2.27 -0.08 -8.29
CA SER A 12 3.33 0.90 -8.06
C SER A 12 2.73 2.27 -7.75
N PHE A 13 3.43 3.03 -6.90
CA PHE A 13 2.98 4.36 -6.53
C PHE A 13 4.16 5.31 -6.36
N LEU A 14 3.89 6.61 -6.49
CA LEU A 14 4.93 7.62 -6.36
C LEU A 14 4.37 8.91 -5.75
N VAL A 15 5.03 9.39 -4.70
CA VAL A 15 4.58 10.61 -4.03
C VAL A 15 5.78 11.37 -3.45
N HIS A 16 5.49 12.45 -2.73
CA HIS A 16 6.53 13.26 -2.12
C HIS A 16 6.22 13.52 -0.64
N PRO A 17 7.21 14.07 0.08
CA PRO A 17 7.07 14.38 1.51
C PRO A 17 6.11 15.54 1.75
N GLY A 18 4.83 15.21 1.96
CA GLY A 18 3.84 16.24 2.21
C GLY A 18 2.53 15.96 1.50
N ASP A 19 2.55 15.00 0.57
CA ASP A 19 1.36 14.63 -0.18
C ASP A 19 0.49 13.66 0.61
N LEU A 20 -0.59 13.20 -0.01
CA LEU A 20 -1.51 12.26 0.64
C LEU A 20 -1.38 10.87 0.02
N LEU A 21 -0.82 9.94 0.78
CA LEU A 21 -0.65 8.57 0.32
C LEU A 21 -1.94 7.77 0.51
N GLN A 22 -2.62 7.49 -0.59
CA GLN A 22 -3.85 6.73 -0.55
C GLN A 22 -3.69 5.38 -1.23
N LEU A 23 -4.21 4.33 -0.60
CA LEU A 23 -4.12 2.97 -1.15
C LEU A 23 -5.48 2.29 -1.13
N ARG A 24 -5.56 1.14 -1.78
CA ARG A 24 -6.81 0.37 -1.84
C ARG A 24 -6.52 -1.13 -1.91
N CYS A 25 -7.38 -1.92 -1.26
CA CYS A 25 -7.23 -3.36 -1.25
C CYS A 25 -8.40 -4.04 -1.95
N ARG A 26 -8.09 -4.96 -2.85
CA ARG A 26 -9.12 -5.69 -3.59
C ARG A 26 -9.87 -6.66 -2.68
N LEU A 27 -11.12 -6.35 -2.38
CA LEU A 27 -11.94 -7.19 -1.52
C LEU A 27 -12.82 -8.12 -2.35
N ARG A 28 -13.43 -9.10 -1.68
CA ARG A 28 -14.30 -10.05 -2.36
C ARG A 28 -15.66 -10.12 -1.67
N ASP A 29 -16.63 -10.75 -2.34
CA ASP A 29 -17.97 -10.88 -1.79
C ASP A 29 -17.98 -11.86 -0.61
N ASP A 30 -16.89 -12.60 -0.45
CA ASP A 30 -16.77 -13.56 0.64
C ASP A 30 -15.87 -13.02 1.74
N VAL A 31 -14.92 -12.17 1.36
CA VAL A 31 -13.99 -11.58 2.32
C VAL A 31 -14.67 -11.34 3.67
N GLN A 32 -13.94 -11.58 4.75
CA GLN A 32 -14.47 -11.39 6.10
C GLN A 32 -13.70 -10.30 6.83
N SER A 33 -12.39 -10.22 6.58
CA SER A 33 -11.55 -9.22 7.23
C SER A 33 -10.39 -8.83 6.31
N ILE A 34 -9.56 -7.90 6.79
CA ILE A 34 -8.41 -7.44 6.03
C ILE A 34 -7.19 -7.25 6.92
N ASN A 35 -6.02 -7.58 6.39
CA ASN A 35 -4.78 -7.44 7.15
C ASN A 35 -3.77 -6.62 6.38
N TRP A 36 -3.56 -5.38 6.82
CA TRP A 36 -2.61 -4.48 6.16
C TRP A 36 -1.19 -4.77 6.62
N LEU A 37 -0.28 -4.88 5.66
CA LEU A 37 1.12 -5.15 5.97
C LEU A 37 2.04 -4.16 5.26
N ARG A 38 3.30 -4.10 5.70
CA ARG A 38 4.26 -3.18 5.11
C ARG A 38 5.68 -3.73 5.27
N ASP A 39 6.33 -4.03 4.15
CA ASP A 39 7.69 -4.55 4.17
C ASP A 39 7.75 -5.87 4.93
N GLY A 40 6.62 -6.58 4.97
CA GLY A 40 6.57 -7.86 5.66
C GLY A 40 6.31 -7.69 7.15
N VAL A 41 5.30 -6.90 7.49
CA VAL A 41 4.95 -6.66 8.88
C VAL A 41 3.60 -5.97 9.00
N GLN A 42 2.93 -6.17 10.13
CA GLN A 42 1.63 -5.56 10.36
C GLN A 42 1.72 -4.04 10.29
N LEU A 43 0.84 -3.44 9.49
CA LEU A 43 0.83 -1.99 9.33
C LEU A 43 0.12 -1.32 10.51
N ALA A 44 0.47 -0.07 10.78
CA ALA A 44 -0.14 0.68 11.87
C ALA A 44 -0.58 2.07 11.41
N GLU A 45 -1.61 2.60 12.04
CA GLU A 45 -2.13 3.92 11.69
C GLU A 45 -1.64 4.97 12.69
N SER A 46 -1.68 6.23 12.26
CA SER A 46 -1.24 7.33 13.11
C SER A 46 -1.86 8.65 12.65
N ASN A 47 -1.54 9.72 13.37
CA ASN A 47 -2.08 11.04 13.05
C ASN A 47 -2.16 11.24 11.53
N ARG A 48 -1.19 10.68 10.82
CA ARG A 48 -1.15 10.79 9.37
C ARG A 48 -1.75 9.56 8.70
N THR A 49 -1.17 8.40 8.98
CA THR A 49 -1.65 7.15 8.42
C THR A 49 -3.07 6.83 8.90
N ARG A 50 -3.89 6.31 7.99
CA ARG A 50 -5.27 5.96 8.33
C ARG A 50 -5.71 4.71 7.59
N ILE A 51 -5.90 3.62 8.34
CA ILE A 51 -6.31 2.36 7.75
C ILE A 51 -7.80 2.11 7.98
N THR A 52 -8.59 2.32 6.93
CA THR A 52 -10.03 2.12 7.02
C THR A 52 -10.41 0.66 6.73
N GLY A 53 -9.41 -0.21 6.74
CA GLY A 53 -9.65 -1.61 6.47
C GLY A 53 -9.12 -2.05 5.12
N GLU A 54 -9.63 -1.45 4.06
CA GLU A 54 -9.19 -1.78 2.70
C GLU A 54 -8.62 -0.56 2.00
N GLU A 55 -8.69 0.59 2.67
CA GLU A 55 -8.18 1.83 2.10
C GLU A 55 -7.30 2.57 3.11
N VAL A 56 -6.03 2.75 2.76
CA VAL A 56 -5.08 3.44 3.63
C VAL A 56 -4.90 4.89 3.21
N GLU A 57 -4.72 5.77 4.18
CA GLU A 57 -4.54 7.19 3.91
C GLU A 57 -3.53 7.81 4.87
N VAL A 58 -2.42 8.30 4.33
CA VAL A 58 -1.37 8.90 5.14
C VAL A 58 -1.15 10.36 4.74
N GLN A 59 -1.53 11.28 5.62
CA GLN A 59 -1.37 12.70 5.36
C GLN A 59 0.08 13.12 5.54
N ASP A 60 0.55 13.99 4.65
CA ASP A 60 1.92 14.48 4.71
C ASP A 60 2.91 13.32 4.63
N SER A 61 2.65 12.39 3.73
CA SER A 61 3.52 11.23 3.56
C SER A 61 4.99 11.63 3.66
N VAL A 62 5.85 10.64 3.88
CA VAL A 62 7.28 10.88 4.00
C VAL A 62 8.09 9.74 3.40
N PRO A 63 9.36 10.02 3.08
CA PRO A 63 10.27 9.02 2.49
C PRO A 63 10.64 7.93 3.48
N ALA A 64 10.07 7.99 4.68
CA ALA A 64 10.35 7.00 5.72
C ALA A 64 9.18 6.02 5.86
N ASP A 65 8.02 6.40 5.35
CA ASP A 65 6.83 5.55 5.40
C ASP A 65 6.76 4.65 4.18
N SER A 66 7.53 4.97 3.15
CA SER A 66 7.54 4.20 1.92
C SER A 66 7.76 2.72 2.22
N GLY A 67 7.65 1.89 1.18
CA GLY A 67 7.84 0.46 1.35
C GLY A 67 6.89 -0.36 0.50
N LEU A 68 6.82 -1.65 0.77
CA LEU A 68 5.94 -2.55 0.02
C LEU A 68 4.74 -2.97 0.87
N TYR A 69 3.61 -2.29 0.66
CA TYR A 69 2.40 -2.60 1.40
C TYR A 69 1.71 -3.84 0.83
N ALA A 70 1.17 -4.67 1.71
CA ALA A 70 0.48 -5.88 1.30
C ALA A 70 -0.77 -6.11 2.13
N CYS A 71 -1.93 -6.15 1.45
CA CYS A 71 -3.20 -6.37 2.13
C CYS A 71 -3.65 -7.81 2.00
N VAL A 72 -3.92 -8.45 3.14
CA VAL A 72 -4.36 -9.84 3.15
C VAL A 72 -5.78 -9.96 3.69
N THR A 73 -6.69 -10.46 2.85
CA THR A 73 -8.08 -10.63 3.24
C THR A 73 -8.39 -12.08 3.56
N SER A 74 -9.02 -12.31 4.72
CA SER A 74 -9.36 -13.65 5.16
C SER A 74 -10.78 -14.02 4.70
N SER A 75 -10.86 -14.98 3.79
CA SER A 75 -12.16 -15.43 3.27
C SER A 75 -12.35 -16.92 3.50
N PRO A 76 -13.62 -17.35 3.56
CA PRO A 76 -13.97 -18.75 3.77
C PRO A 76 -13.63 -19.63 2.58
N SER A 77 -13.03 -19.02 1.56
CA SER A 77 -12.67 -19.73 0.34
C SER A 77 -11.15 -19.68 0.12
N GLY A 78 -10.47 -18.89 0.93
CA GLY A 78 -9.03 -18.76 0.81
C GLY A 78 -8.51 -17.48 1.40
N SER A 79 -7.47 -16.92 0.78
CA SER A 79 -6.87 -15.68 1.26
C SER A 79 -6.11 -14.97 0.13
N ASP A 80 -6.58 -13.78 -0.22
CA ASP A 80 -5.94 -13.00 -1.28
C ASP A 80 -4.86 -12.09 -0.71
N THR A 81 -4.06 -11.51 -1.61
CA THR A 81 -2.97 -10.62 -1.19
C THR A 81 -2.68 -9.58 -2.27
N THR A 82 -2.78 -8.31 -1.90
CA THR A 82 -2.53 -7.23 -2.84
C THR A 82 -1.34 -6.38 -2.39
N TYR A 83 -0.32 -6.32 -3.24
CA TYR A 83 0.89 -5.55 -2.93
C TYR A 83 0.78 -4.14 -3.48
N PHE A 84 1.58 -3.23 -2.92
CA PHE A 84 1.58 -1.84 -3.34
C PHE A 84 2.94 -1.19 -3.10
N SER A 85 3.67 -0.96 -4.18
CA SER A 85 5.00 -0.35 -4.09
C SER A 85 4.89 1.17 -3.98
N VAL A 86 5.10 1.69 -2.77
CA VAL A 86 5.03 3.12 -2.54
C VAL A 86 6.43 3.74 -2.50
N ASN A 87 6.51 5.00 -2.91
CA ASN A 87 7.79 5.71 -2.93
C ASN A 87 7.58 7.20 -2.69
N VAL A 88 7.91 7.66 -1.48
CA VAL A 88 7.76 9.07 -1.13
C VAL A 88 9.09 9.81 -1.23
N SER A 89 9.14 10.82 -2.09
CA SER A 89 10.34 11.61 -2.29
C SER A 89 10.03 12.94 -2.95
N ASP A 90 10.72 13.99 -2.50
CA ASP A 90 10.52 15.33 -3.05
C ASP A 90 10.83 15.36 -4.55
N ALA A 91 11.48 14.31 -5.03
CA ALA A 91 11.84 14.22 -6.44
C ALA A 91 10.66 13.75 -7.28
N LEU A 92 10.18 14.64 -8.16
CA LEU A 92 9.05 14.32 -9.02
C LEU A 92 9.30 14.80 -10.45
N PRO A 93 8.71 14.10 -11.43
CA PRO A 93 8.85 14.44 -12.84
C PRO A 93 8.12 15.73 -13.20
N SER A 94 7.41 16.28 -12.23
CA SER A 94 6.66 17.52 -12.45
C SER A 94 7.45 18.49 -13.34
N GLY A 95 8.69 18.77 -12.93
CA GLY A 95 9.52 19.68 -13.70
C GLY A 95 9.78 20.98 -12.98
N PRO A 96 10.44 21.93 -13.66
CA PRO A 96 10.76 23.24 -13.10
C PRO A 96 9.52 24.11 -12.90
N SER A 97 9.65 25.17 -12.13
CA SER A 97 8.55 26.09 -11.87
C SER A 97 9.05 27.52 -11.71
N SER A 98 8.45 28.44 -12.45
CA SER A 98 8.83 29.85 -12.39
C SER A 98 7.63 30.73 -12.06
N GLY A 99 7.63 31.29 -10.85
CA GLY A 99 6.54 32.15 -10.43
C GLY A 99 6.19 33.20 -11.46
N GLY A 1 6.80 -29.19 -0.51
CA GLY A 1 7.92 -28.33 -0.85
C GLY A 1 7.80 -26.95 -0.24
N SER A 2 8.91 -26.22 -0.21
CA SER A 2 8.93 -24.88 0.37
C SER A 2 8.60 -23.83 -0.70
N SER A 3 9.40 -23.82 -1.76
CA SER A 3 9.20 -22.87 -2.86
C SER A 3 7.81 -23.02 -3.48
N GLY A 4 7.21 -21.91 -3.85
CA GLY A 4 5.88 -21.94 -4.44
C GLY A 4 5.74 -20.96 -5.60
N SER A 5 4.53 -20.86 -6.13
CA SER A 5 4.26 -19.96 -7.24
C SER A 5 4.97 -18.63 -7.06
N SER A 6 5.43 -18.05 -8.16
CA SER A 6 6.14 -16.77 -8.12
C SER A 6 5.54 -15.78 -9.10
N GLY A 7 5.26 -14.57 -8.62
CA GLY A 7 4.67 -13.55 -9.47
C GLY A 7 3.32 -13.10 -8.98
N VAL A 8 3.23 -11.85 -8.56
CA VAL A 8 1.97 -11.28 -8.07
C VAL A 8 1.77 -9.85 -8.56
N GLU A 9 0.54 -9.37 -8.47
CA GLU A 9 0.22 -8.01 -8.90
C GLU A 9 0.65 -6.99 -7.87
N VAL A 10 1.77 -6.31 -8.15
CA VAL A 10 2.29 -5.29 -7.24
C VAL A 10 1.99 -3.89 -7.74
N GLU A 11 0.94 -3.28 -7.19
CA GLU A 11 0.54 -1.94 -7.57
C GLU A 11 1.63 -0.92 -7.23
N SER A 12 2.20 -0.30 -8.25
CA SER A 12 3.25 0.69 -8.06
C SER A 12 2.66 2.07 -7.79
N PHE A 13 3.34 2.84 -6.93
CA PHE A 13 2.88 4.18 -6.58
C PHE A 13 4.05 5.15 -6.51
N LEU A 14 3.75 6.45 -6.52
CA LEU A 14 4.78 7.47 -6.44
C LEU A 14 4.22 8.75 -5.82
N VAL A 15 4.89 9.23 -4.78
CA VAL A 15 4.47 10.44 -4.10
C VAL A 15 5.67 11.21 -3.54
N HIS A 16 5.39 12.28 -2.80
CA HIS A 16 6.45 13.10 -2.21
C HIS A 16 6.15 13.39 -0.75
N PRO A 17 7.15 13.95 -0.04
CA PRO A 17 7.02 14.30 1.38
C PRO A 17 6.05 15.47 1.61
N GLY A 18 4.79 15.14 1.82
CA GLY A 18 3.80 16.18 2.06
C GLY A 18 2.48 15.88 1.36
N ASP A 19 2.50 14.90 0.46
CA ASP A 19 1.29 14.52 -0.27
C ASP A 19 0.43 13.58 0.55
N LEU A 20 -0.64 13.08 -0.07
CA LEU A 20 -1.55 12.16 0.61
C LEU A 20 -1.45 10.75 0.03
N LEU A 21 -0.82 9.85 0.78
CA LEU A 21 -0.66 8.47 0.34
C LEU A 21 -1.95 7.68 0.55
N GLN A 22 -2.67 7.44 -0.54
CA GLN A 22 -3.91 6.69 -0.48
C GLN A 22 -3.77 5.33 -1.16
N LEU A 23 -4.21 4.29 -0.48
CA LEU A 23 -4.14 2.93 -1.02
C LEU A 23 -5.50 2.25 -0.99
N ARG A 24 -5.60 1.12 -1.68
CA ARG A 24 -6.86 0.37 -1.74
C ARG A 24 -6.58 -1.12 -1.85
N CYS A 25 -7.38 -1.92 -1.14
CA CYS A 25 -7.23 -3.37 -1.18
C CYS A 25 -8.39 -4.03 -1.92
N ARG A 26 -8.05 -4.89 -2.87
CA ARG A 26 -9.07 -5.59 -3.66
C ARG A 26 -9.84 -6.58 -2.80
N LEU A 27 -11.13 -6.32 -2.62
CA LEU A 27 -11.99 -7.19 -1.82
C LEU A 27 -12.98 -7.94 -2.69
N ARG A 28 -13.88 -8.68 -2.06
CA ARG A 28 -14.88 -9.46 -2.78
C ARG A 28 -16.12 -9.66 -1.93
N ASP A 29 -17.11 -10.36 -2.49
CA ASP A 29 -18.35 -10.64 -1.77
C ASP A 29 -18.17 -11.80 -0.80
N ASP A 30 -16.92 -12.19 -0.57
CA ASP A 30 -16.61 -13.29 0.32
C ASP A 30 -15.71 -12.82 1.47
N VAL A 31 -14.82 -11.89 1.16
CA VAL A 31 -13.89 -11.35 2.15
C VAL A 31 -14.58 -11.22 3.51
N GLN A 32 -13.85 -11.56 4.57
CA GLN A 32 -14.39 -11.46 5.92
C GLN A 32 -13.61 -10.45 6.74
N SER A 33 -12.32 -10.33 6.46
CA SER A 33 -11.46 -9.38 7.18
C SER A 33 -10.30 -8.93 6.30
N ILE A 34 -9.49 -8.03 6.83
CA ILE A 34 -8.35 -7.49 6.09
C ILE A 34 -7.13 -7.33 7.01
N ASN A 35 -5.95 -7.61 6.47
CA ASN A 35 -4.72 -7.49 7.24
C ASN A 35 -3.68 -6.67 6.47
N TRP A 36 -3.49 -5.42 6.89
CA TRP A 36 -2.52 -4.54 6.25
C TRP A 36 -1.10 -4.84 6.73
N LEU A 37 -0.16 -4.78 5.81
CA LEU A 37 1.24 -5.04 6.12
C LEU A 37 2.17 -4.08 5.39
N ARG A 38 3.43 -4.04 5.81
CA ARG A 38 4.41 -3.15 5.19
C ARG A 38 5.82 -3.70 5.38
N ASP A 39 6.48 -4.01 4.27
CA ASP A 39 7.85 -4.53 4.32
C ASP A 39 7.90 -5.83 5.11
N GLY A 40 6.76 -6.53 5.17
CA GLY A 40 6.70 -7.78 5.91
C GLY A 40 6.43 -7.57 7.38
N VAL A 41 5.50 -6.68 7.70
CA VAL A 41 5.15 -6.39 9.08
C VAL A 41 3.77 -5.75 9.17
N GLN A 42 3.08 -5.99 10.29
CA GLN A 42 1.75 -5.43 10.50
C GLN A 42 1.77 -3.91 10.39
N LEU A 43 0.90 -3.38 9.54
CA LEU A 43 0.82 -1.93 9.34
C LEU A 43 0.10 -1.27 10.50
N ALA A 44 0.48 -0.03 10.79
CA ALA A 44 -0.13 0.73 11.88
C ALA A 44 -0.55 2.12 11.42
N GLU A 45 -1.52 2.71 12.12
CA GLU A 45 -2.01 4.03 11.78
C GLU A 45 -1.46 5.08 12.74
N SER A 46 -1.58 6.35 12.35
CA SER A 46 -1.10 7.45 13.19
C SER A 46 -1.75 8.76 12.78
N ASN A 47 -1.34 9.85 13.43
CA ASN A 47 -1.89 11.17 13.13
C ASN A 47 -2.01 11.39 11.63
N ARG A 48 -1.10 10.77 10.87
CA ARG A 48 -1.10 10.90 9.42
C ARG A 48 -1.71 9.65 8.76
N THR A 49 -1.13 8.50 9.07
CA THR A 49 -1.61 7.23 8.51
C THR A 49 -2.99 6.89 9.05
N ARG A 50 -3.84 6.36 8.18
CA ARG A 50 -5.19 5.99 8.56
C ARG A 50 -5.65 4.74 7.80
N ILE A 51 -5.87 3.65 8.52
CA ILE A 51 -6.31 2.41 7.91
C ILE A 51 -7.81 2.18 8.15
N THR A 52 -8.58 2.30 7.09
CA THR A 52 -10.03 2.11 7.17
C THR A 52 -10.41 0.65 6.89
N GLY A 53 -9.42 -0.23 6.95
CA GLY A 53 -9.66 -1.63 6.70
C GLY A 53 -9.17 -2.08 5.33
N GLU A 54 -9.75 -1.50 4.28
CA GLU A 54 -9.37 -1.85 2.92
C GLU A 54 -8.79 -0.63 2.19
N GLU A 55 -8.67 0.47 2.91
CA GLU A 55 -8.12 1.71 2.34
C GLU A 55 -7.24 2.43 3.35
N VAL A 56 -6.00 2.71 2.94
CA VAL A 56 -5.05 3.40 3.80
C VAL A 56 -4.79 4.83 3.31
N GLU A 57 -4.81 5.77 4.23
CA GLU A 57 -4.57 7.17 3.90
C GLU A 57 -3.57 7.80 4.86
N VAL A 58 -2.44 8.27 4.32
CA VAL A 58 -1.41 8.89 5.14
C VAL A 58 -1.18 10.34 4.70
N GLN A 59 -1.51 11.28 5.60
CA GLN A 59 -1.32 12.69 5.30
C GLN A 59 0.14 13.10 5.41
N ASP A 60 0.55 14.05 4.59
CA ASP A 60 1.93 14.53 4.60
C ASP A 60 2.90 13.36 4.57
N SER A 61 2.65 12.40 3.68
CA SER A 61 3.51 11.23 3.56
C SER A 61 4.98 11.62 3.64
N VAL A 62 5.84 10.62 3.82
CA VAL A 62 7.27 10.86 3.91
C VAL A 62 8.07 9.71 3.29
N PRO A 63 9.33 9.96 2.96
CA PRO A 63 10.22 8.97 2.37
C PRO A 63 10.60 7.86 3.35
N ALA A 64 10.03 7.93 4.55
CA ALA A 64 10.31 6.94 5.58
C ALA A 64 9.14 5.97 5.74
N ASP A 65 7.94 6.43 5.39
CA ASP A 65 6.75 5.60 5.49
C ASP A 65 6.61 4.70 4.27
N SER A 66 7.22 5.11 3.17
CA SER A 66 7.17 4.33 1.93
C SER A 66 7.52 2.87 2.18
N GLY A 67 7.47 2.06 1.14
CA GLY A 67 7.79 0.65 1.25
C GLY A 67 6.90 -0.22 0.40
N LEU A 68 6.76 -1.49 0.80
CA LEU A 68 5.94 -2.43 0.06
C LEU A 68 4.76 -2.91 0.91
N TYR A 69 3.62 -2.22 0.78
CA TYR A 69 2.43 -2.58 1.54
C TYR A 69 1.79 -3.84 1.00
N ALA A 70 1.18 -4.63 1.88
CA ALA A 70 0.52 -5.86 1.48
C ALA A 70 -0.74 -6.10 2.30
N CYS A 71 -1.89 -6.13 1.62
CA CYS A 71 -3.16 -6.34 2.28
C CYS A 71 -3.62 -7.79 2.13
N VAL A 72 -3.91 -8.44 3.25
CA VAL A 72 -4.36 -9.82 3.24
C VAL A 72 -5.78 -9.94 3.78
N THR A 73 -6.69 -10.46 2.95
CA THR A 73 -8.08 -10.63 3.34
C THR A 73 -8.39 -12.09 3.64
N SER A 74 -9.12 -12.34 4.72
CA SER A 74 -9.49 -13.69 5.12
C SER A 74 -10.84 -14.08 4.54
N SER A 75 -10.84 -15.02 3.60
CA SER A 75 -12.08 -15.47 2.97
C SER A 75 -12.20 -16.99 3.05
N PRO A 76 -13.45 -17.48 3.06
CA PRO A 76 -13.73 -18.91 3.14
C PRO A 76 -13.36 -19.64 1.84
N SER A 77 -12.86 -18.89 0.87
CA SER A 77 -12.48 -19.47 -0.42
C SER A 77 -10.97 -19.37 -0.62
N GLY A 78 -10.30 -18.61 0.25
CA GLY A 78 -8.87 -18.46 0.15
C GLY A 78 -8.42 -17.04 0.46
N SER A 79 -7.42 -16.92 1.34
CA SER A 79 -6.91 -15.61 1.73
C SER A 79 -6.10 -15.00 0.58
N ASP A 80 -6.56 -13.86 0.08
CA ASP A 80 -5.88 -13.17 -1.01
C ASP A 80 -4.87 -12.17 -0.46
N THR A 81 -4.02 -11.65 -1.34
CA THR A 81 -3.00 -10.69 -0.96
C THR A 81 -2.75 -9.66 -2.06
N THR A 82 -2.64 -8.40 -1.67
CA THR A 82 -2.42 -7.33 -2.63
C THR A 82 -1.23 -6.46 -2.21
N TYR A 83 -0.19 -6.44 -3.05
CA TYR A 83 1.00 -5.66 -2.76
C TYR A 83 0.88 -4.25 -3.34
N PHE A 84 1.67 -3.33 -2.79
CA PHE A 84 1.65 -1.94 -3.25
C PHE A 84 3.01 -1.28 -3.05
N SER A 85 3.72 -1.06 -4.14
CA SER A 85 5.04 -0.44 -4.09
C SER A 85 4.93 1.08 -3.99
N VAL A 86 5.06 1.59 -2.77
CA VAL A 86 4.97 3.03 -2.55
C VAL A 86 6.35 3.67 -2.52
N ASN A 87 6.43 4.91 -2.99
CA ASN A 87 7.69 5.63 -3.02
C ASN A 87 7.48 7.12 -2.77
N VAL A 88 7.82 7.58 -1.57
CA VAL A 88 7.67 8.98 -1.21
C VAL A 88 8.99 9.72 -1.32
N SER A 89 9.04 10.71 -2.21
CA SER A 89 10.24 11.50 -2.41
C SER A 89 9.91 12.83 -3.09
N ASP A 90 10.61 13.89 -2.68
CA ASP A 90 10.39 15.21 -3.25
C ASP A 90 10.68 15.21 -4.75
N ALA A 91 11.56 14.31 -5.18
CA ALA A 91 11.93 14.21 -6.58
C ALA A 91 10.95 13.29 -7.33
N LEU A 92 10.40 13.80 -8.43
CA LEU A 92 9.46 13.04 -9.23
C LEU A 92 9.95 12.90 -10.66
N PRO A 93 9.54 11.81 -11.33
CA PRO A 93 9.93 11.53 -12.72
C PRO A 93 9.28 12.50 -13.70
N SER A 94 8.17 13.10 -13.29
CA SER A 94 7.45 14.05 -14.14
C SER A 94 8.40 15.08 -14.72
N GLY A 95 8.00 15.67 -15.85
CA GLY A 95 8.82 16.68 -16.49
C GLY A 95 8.17 17.25 -17.73
N PRO A 96 8.47 18.53 -18.03
CA PRO A 96 7.93 19.22 -19.20
C PRO A 96 8.49 18.68 -20.50
N SER A 97 9.43 17.76 -20.41
CA SER A 97 10.06 17.17 -21.58
C SER A 97 9.00 16.56 -22.51
N SER A 98 9.17 16.77 -23.81
CA SER A 98 8.24 16.25 -24.80
C SER A 98 8.90 16.14 -26.17
N GLY A 99 8.40 15.22 -26.99
CA GLY A 99 8.95 15.02 -28.31
C GLY A 99 9.09 16.32 -29.08
N GLY A 1 11.58 -23.05 -1.25
CA GLY A 1 10.94 -22.04 -2.08
C GLY A 1 10.20 -22.66 -3.27
N SER A 2 10.01 -21.86 -4.31
CA SER A 2 9.32 -22.32 -5.50
C SER A 2 8.17 -23.26 -5.14
N SER A 3 7.31 -22.80 -4.22
CA SER A 3 6.17 -23.59 -3.78
C SER A 3 5.23 -23.89 -4.95
N GLY A 4 5.00 -22.89 -5.79
CA GLY A 4 4.13 -23.05 -6.93
C GLY A 4 4.44 -22.10 -8.06
N SER A 5 3.67 -21.01 -8.15
CA SER A 5 3.87 -20.02 -9.18
C SER A 5 4.24 -18.66 -8.58
N SER A 6 5.29 -18.05 -9.11
CA SER A 6 5.75 -16.76 -8.61
C SER A 6 5.31 -15.63 -9.55
N GLY A 7 4.19 -14.99 -9.21
CA GLY A 7 3.69 -13.91 -10.03
C GLY A 7 2.46 -13.26 -9.44
N VAL A 8 2.64 -12.09 -8.83
CA VAL A 8 1.54 -11.37 -8.21
C VAL A 8 1.45 -9.94 -8.75
N GLU A 9 0.35 -9.25 -8.41
CA GLU A 9 0.14 -7.89 -8.87
C GLU A 9 0.62 -6.89 -7.81
N VAL A 10 1.66 -6.13 -8.15
CA VAL A 10 2.21 -5.14 -7.23
C VAL A 10 1.93 -3.73 -7.72
N GLU A 11 0.82 -3.15 -7.25
CA GLU A 11 0.44 -1.80 -7.65
C GLU A 11 1.52 -0.79 -7.26
N SER A 12 2.13 -0.16 -8.27
CA SER A 12 3.18 0.82 -8.04
C SER A 12 2.58 2.19 -7.77
N PHE A 13 3.28 3.00 -6.96
CA PHE A 13 2.84 4.33 -6.63
C PHE A 13 4.01 5.30 -6.56
N LEU A 14 3.70 6.60 -6.50
CA LEU A 14 4.72 7.63 -6.43
C LEU A 14 4.18 8.90 -5.78
N VAL A 15 4.89 9.39 -4.77
CA VAL A 15 4.48 10.61 -4.07
C VAL A 15 5.68 11.36 -3.52
N HIS A 16 5.42 12.42 -2.77
CA HIS A 16 6.48 13.23 -2.18
C HIS A 16 6.21 13.49 -0.71
N PRO A 17 7.21 14.04 0.00
CA PRO A 17 7.11 14.36 1.42
C PRO A 17 6.15 15.51 1.69
N GLY A 18 4.92 15.18 2.07
CA GLY A 18 3.93 16.19 2.34
C GLY A 18 2.62 15.96 1.62
N ASP A 19 2.63 15.00 0.70
CA ASP A 19 1.44 14.67 -0.07
C ASP A 19 0.54 13.70 0.70
N LEU A 20 -0.51 13.23 0.04
CA LEU A 20 -1.44 12.30 0.66
C LEU A 20 -1.32 10.91 0.03
N LEU A 21 -0.80 9.96 0.80
CA LEU A 21 -0.63 8.59 0.32
C LEU A 21 -1.91 7.79 0.49
N GLN A 22 -2.58 7.50 -0.62
CA GLN A 22 -3.81 6.73 -0.58
C GLN A 22 -3.64 5.38 -1.27
N LEU A 23 -4.09 4.33 -0.60
CA LEU A 23 -3.99 2.97 -1.13
C LEU A 23 -5.35 2.29 -1.16
N ARG A 24 -5.43 1.20 -1.92
CA ARG A 24 -6.69 0.46 -2.05
C ARG A 24 -6.42 -1.05 -2.10
N CYS A 25 -7.24 -1.81 -1.39
CA CYS A 25 -7.09 -3.26 -1.36
C CYS A 25 -8.28 -3.94 -2.02
N ARG A 26 -8.00 -4.72 -3.06
CA ARG A 26 -9.05 -5.43 -3.79
C ARG A 26 -9.72 -6.47 -2.90
N LEU A 27 -10.99 -6.24 -2.57
CA LEU A 27 -11.76 -7.15 -1.73
C LEU A 27 -12.64 -8.06 -2.57
N ARG A 28 -13.43 -8.90 -1.90
CA ARG A 28 -14.33 -9.82 -2.59
C ARG A 28 -15.68 -9.87 -1.91
N ASP A 29 -16.58 -10.69 -2.43
CA ASP A 29 -17.92 -10.83 -1.88
C ASP A 29 -17.94 -11.87 -0.75
N ASP A 30 -16.79 -12.49 -0.52
CA ASP A 30 -16.68 -13.51 0.52
C ASP A 30 -15.77 -13.02 1.66
N VAL A 31 -14.83 -12.16 1.31
CA VAL A 31 -13.89 -11.62 2.30
C VAL A 31 -14.56 -11.44 3.66
N GLN A 32 -13.80 -11.65 4.72
CA GLN A 32 -14.33 -11.51 6.07
C GLN A 32 -13.58 -10.42 6.84
N SER A 33 -12.28 -10.31 6.57
CA SER A 33 -11.45 -9.32 7.23
C SER A 33 -10.29 -8.89 6.33
N ILE A 34 -9.48 -7.95 6.82
CA ILE A 34 -8.34 -7.46 6.06
C ILE A 34 -7.13 -7.24 6.97
N ASN A 35 -5.95 -7.61 6.47
CA ASN A 35 -4.72 -7.45 7.24
C ASN A 35 -3.69 -6.64 6.46
N TRP A 36 -3.45 -5.41 6.90
CA TRP A 36 -2.49 -4.53 6.24
C TRP A 36 -1.07 -4.82 6.71
N LEU A 37 -0.13 -4.81 5.78
CA LEU A 37 1.27 -5.08 6.11
C LEU A 37 2.19 -4.10 5.37
N ARG A 38 3.44 -4.04 5.81
CA ARG A 38 4.42 -3.15 5.20
C ARG A 38 5.84 -3.68 5.38
N ASP A 39 6.48 -4.02 4.27
CA ASP A 39 7.84 -4.55 4.31
C ASP A 39 7.90 -5.85 5.10
N GLY A 40 6.77 -6.56 5.16
CA GLY A 40 6.72 -7.80 5.89
C GLY A 40 6.45 -7.60 7.37
N VAL A 41 5.52 -6.71 7.68
CA VAL A 41 5.17 -6.42 9.08
C VAL A 41 3.80 -5.76 9.17
N GLN A 42 3.08 -6.06 10.25
CA GLN A 42 1.75 -5.50 10.47
C GLN A 42 1.79 -3.98 10.39
N LEU A 43 0.89 -3.40 9.58
CA LEU A 43 0.82 -1.96 9.43
C LEU A 43 0.05 -1.33 10.57
N ALA A 44 0.44 -0.10 10.93
CA ALA A 44 -0.22 0.62 12.01
C ALA A 44 -0.64 2.02 11.57
N GLU A 45 -1.71 2.54 12.16
CA GLU A 45 -2.21 3.86 11.82
C GLU A 45 -1.66 4.90 12.80
N SER A 46 -1.63 6.16 12.36
CA SER A 46 -1.13 7.25 13.18
C SER A 46 -1.78 8.57 12.79
N ASN A 47 -1.46 9.63 13.53
CA ASN A 47 -2.01 10.95 13.27
C ASN A 47 -2.08 11.22 11.76
N ARG A 48 -1.17 10.61 11.01
CA ARG A 48 -1.13 10.78 9.56
C ARG A 48 -1.75 9.58 8.85
N THR A 49 -1.20 8.39 9.12
CA THR A 49 -1.70 7.17 8.51
C THR A 49 -3.10 6.83 9.02
N ARG A 50 -3.94 6.34 8.12
CA ARG A 50 -5.31 5.98 8.46
C ARG A 50 -5.76 4.74 7.69
N ILE A 51 -6.00 3.65 8.43
CA ILE A 51 -6.43 2.40 7.81
C ILE A 51 -7.94 2.21 7.96
N THR A 52 -8.67 2.39 6.87
CA THR A 52 -10.11 2.23 6.87
C THR A 52 -10.52 0.79 6.56
N GLY A 53 -9.55 -0.12 6.63
CA GLY A 53 -9.82 -1.51 6.34
C GLY A 53 -9.18 -1.98 5.05
N GLU A 54 -9.68 -1.48 3.93
CA GLU A 54 -9.15 -1.85 2.62
C GLU A 54 -8.50 -0.65 1.94
N GLU A 55 -8.51 0.49 2.63
CA GLU A 55 -7.92 1.71 2.07
C GLU A 55 -7.05 2.41 3.12
N VAL A 56 -5.81 2.70 2.74
CA VAL A 56 -4.88 3.36 3.63
C VAL A 56 -4.61 4.79 3.20
N GLU A 57 -4.73 5.73 4.13
CA GLU A 57 -4.52 7.14 3.85
C GLU A 57 -3.52 7.75 4.83
N VAL A 58 -2.41 8.27 4.29
CA VAL A 58 -1.38 8.88 5.12
C VAL A 58 -1.15 10.34 4.73
N GLN A 59 -1.46 11.24 5.65
CA GLN A 59 -1.28 12.67 5.39
C GLN A 59 0.18 13.08 5.52
N ASP A 60 0.59 14.06 4.71
CA ASP A 60 1.97 14.53 4.74
C ASP A 60 2.95 13.37 4.63
N SER A 61 2.66 12.44 3.73
CA SER A 61 3.52 11.28 3.54
C SER A 61 4.99 11.66 3.60
N VAL A 62 5.84 10.67 3.81
CA VAL A 62 7.28 10.91 3.90
C VAL A 62 8.07 9.74 3.31
N PRO A 63 9.34 9.99 2.98
CA PRO A 63 10.22 8.97 2.42
C PRO A 63 10.60 7.90 3.42
N ALA A 64 10.06 8.00 4.63
CA ALA A 64 10.33 7.04 5.69
C ALA A 64 9.16 6.06 5.85
N ASP A 65 8.01 6.43 5.30
CA ASP A 65 6.83 5.59 5.39
C ASP A 65 6.71 4.68 4.17
N SER A 66 7.32 5.10 3.06
CA SER A 66 7.28 4.33 1.83
C SER A 66 7.63 2.86 2.10
N GLY A 67 7.53 2.04 1.06
CA GLY A 67 7.84 0.63 1.20
C GLY A 67 6.93 -0.25 0.36
N LEU A 68 6.68 -1.47 0.83
CA LEU A 68 5.83 -2.41 0.10
C LEU A 68 4.64 -2.84 0.97
N TYR A 69 3.49 -2.23 0.72
CA TYR A 69 2.28 -2.56 1.47
C TYR A 69 1.61 -3.81 0.91
N ALA A 70 1.15 -4.67 1.81
CA ALA A 70 0.47 -5.90 1.40
C ALA A 70 -0.78 -6.15 2.22
N CYS A 71 -1.93 -6.16 1.55
CA CYS A 71 -3.21 -6.39 2.22
C CYS A 71 -3.64 -7.84 2.09
N VAL A 72 -3.94 -8.47 3.22
CA VAL A 72 -4.37 -9.87 3.24
C VAL A 72 -5.80 -9.99 3.75
N THR A 73 -6.70 -10.46 2.88
CA THR A 73 -8.09 -10.62 3.25
C THR A 73 -8.43 -12.08 3.52
N SER A 74 -9.06 -12.34 4.66
CA SER A 74 -9.43 -13.70 5.03
C SER A 74 -10.83 -14.04 4.53
N SER A 75 -10.93 -15.11 3.75
CA SER A 75 -12.21 -15.55 3.21
C SER A 75 -12.40 -17.05 3.39
N PRO A 76 -13.67 -17.48 3.50
CA PRO A 76 -14.01 -18.89 3.68
C PRO A 76 -13.74 -19.71 2.43
N SER A 77 -13.23 -19.06 1.39
CA SER A 77 -12.93 -19.73 0.13
C SER A 77 -11.44 -19.61 -0.21
N GLY A 78 -10.71 -18.86 0.62
CA GLY A 78 -9.30 -18.68 0.39
C GLY A 78 -8.87 -17.24 0.51
N SER A 79 -7.89 -16.98 1.37
CA SER A 79 -7.39 -15.63 1.58
C SER A 79 -6.59 -15.15 0.38
N ASP A 80 -6.51 -13.83 0.20
CA ASP A 80 -5.78 -13.25 -0.91
C ASP A 80 -4.70 -12.28 -0.40
N THR A 81 -3.95 -11.69 -1.33
CA THR A 81 -2.90 -10.76 -0.97
C THR A 81 -2.67 -9.74 -2.08
N THR A 82 -2.64 -8.46 -1.71
CA THR A 82 -2.43 -7.39 -2.69
C THR A 82 -1.26 -6.49 -2.28
N TYR A 83 -0.21 -6.49 -3.09
CA TYR A 83 0.96 -5.68 -2.81
C TYR A 83 0.82 -4.28 -3.40
N PHE A 84 1.57 -3.33 -2.85
CA PHE A 84 1.51 -1.95 -3.31
C PHE A 84 2.87 -1.26 -3.12
N SER A 85 3.55 -1.01 -4.22
CA SER A 85 4.86 -0.37 -4.17
C SER A 85 4.71 1.15 -4.06
N VAL A 86 5.07 1.69 -2.91
CA VAL A 86 4.98 3.13 -2.68
C VAL A 86 6.37 3.77 -2.65
N ASN A 87 6.43 5.03 -3.08
CA ASN A 87 7.70 5.75 -3.10
C ASN A 87 7.48 7.24 -2.84
N VAL A 88 7.84 7.68 -1.64
CA VAL A 88 7.67 9.07 -1.25
C VAL A 88 9.00 9.82 -1.33
N SER A 89 9.07 10.79 -2.23
CA SER A 89 10.28 11.58 -2.41
C SER A 89 9.98 12.91 -3.08
N ASP A 90 10.65 13.97 -2.64
CA ASP A 90 10.44 15.30 -3.20
C ASP A 90 10.73 15.30 -4.70
N ALA A 91 11.41 14.26 -5.18
CA ALA A 91 11.75 14.15 -6.59
C ALA A 91 10.53 13.76 -7.41
N LEU A 92 10.06 14.69 -8.23
CA LEU A 92 8.90 14.44 -9.08
C LEU A 92 9.11 15.00 -10.48
N PRO A 93 8.49 14.37 -11.48
CA PRO A 93 8.59 14.79 -12.88
C PRO A 93 7.88 16.12 -13.14
N SER A 94 6.91 16.43 -12.30
CA SER A 94 6.15 17.67 -12.44
C SER A 94 7.05 18.89 -12.24
N GLY A 95 7.35 19.59 -13.32
CA GLY A 95 8.19 20.77 -13.25
C GLY A 95 9.20 20.82 -14.38
N PRO A 96 9.04 21.80 -15.28
CA PRO A 96 9.93 21.98 -16.42
C PRO A 96 11.32 22.47 -16.00
N SER A 97 11.35 23.35 -15.00
CA SER A 97 12.60 23.90 -14.51
C SER A 97 13.26 22.94 -13.53
N SER A 98 14.59 22.84 -13.62
CA SER A 98 15.35 21.95 -12.74
C SER A 98 16.03 22.74 -11.63
N GLY A 99 15.75 22.36 -10.38
CA GLY A 99 16.35 23.04 -9.25
C GLY A 99 15.49 24.18 -8.74
N GLY A 1 3.86 -29.69 -2.34
CA GLY A 1 4.14 -28.46 -3.04
C GLY A 1 4.56 -27.34 -2.10
N SER A 2 5.35 -26.40 -2.62
CA SER A 2 5.82 -25.28 -1.82
C SER A 2 5.42 -23.95 -2.46
N SER A 3 5.73 -23.81 -3.75
CA SER A 3 5.41 -22.59 -4.47
C SER A 3 3.91 -22.35 -4.51
N GLY A 4 3.43 -21.51 -3.59
CA GLY A 4 2.01 -21.21 -3.53
C GLY A 4 1.49 -20.60 -4.81
N SER A 5 1.93 -19.39 -5.11
CA SER A 5 1.50 -18.69 -6.32
C SER A 5 2.67 -17.91 -6.94
N SER A 6 2.97 -18.22 -8.20
CA SER A 6 4.05 -17.56 -8.91
C SER A 6 3.57 -16.26 -9.54
N GLY A 7 4.35 -15.20 -9.39
CA GLY A 7 3.99 -13.91 -9.96
C GLY A 7 2.72 -13.35 -9.36
N VAL A 8 2.73 -12.06 -9.04
CA VAL A 8 1.56 -11.41 -8.46
C VAL A 8 1.42 -9.98 -8.97
N GLU A 9 0.32 -9.33 -8.61
CA GLU A 9 0.07 -7.96 -9.04
C GLU A 9 0.53 -6.97 -7.97
N VAL A 10 1.53 -6.17 -8.30
CA VAL A 10 2.06 -5.18 -7.37
C VAL A 10 1.80 -3.77 -7.87
N GLU A 11 0.75 -3.15 -7.33
CA GLU A 11 0.39 -1.78 -7.71
C GLU A 11 1.49 -0.80 -7.34
N SER A 12 2.05 -0.15 -8.36
CA SER A 12 3.13 0.81 -8.15
C SER A 12 2.56 2.19 -7.82
N PHE A 13 3.29 2.93 -6.98
CA PHE A 13 2.86 4.27 -6.58
C PHE A 13 4.05 5.21 -6.47
N LEU A 14 3.78 6.52 -6.51
CA LEU A 14 4.83 7.52 -6.41
C LEU A 14 4.28 8.81 -5.80
N VAL A 15 4.90 9.25 -4.70
CA VAL A 15 4.47 10.47 -4.03
C VAL A 15 5.68 11.24 -3.50
N HIS A 16 5.40 12.32 -2.77
CA HIS A 16 6.46 13.14 -2.20
C HIS A 16 6.19 13.43 -0.72
N PRO A 17 7.19 14.00 -0.02
CA PRO A 17 7.07 14.34 1.40
C PRO A 17 6.13 15.50 1.64
N GLY A 18 4.89 15.19 2.01
CA GLY A 18 3.90 16.23 2.26
C GLY A 18 2.59 15.96 1.54
N ASP A 19 2.58 14.95 0.69
CA ASP A 19 1.38 14.60 -0.07
C ASP A 19 0.51 13.62 0.72
N LEU A 20 -0.55 13.14 0.09
CA LEU A 20 -1.46 12.19 0.73
C LEU A 20 -1.33 10.80 0.09
N LEU A 21 -0.76 9.87 0.85
CA LEU A 21 -0.58 8.50 0.36
C LEU A 21 -1.86 7.70 0.53
N GLN A 22 -2.55 7.45 -0.57
CA GLN A 22 -3.79 6.69 -0.55
C GLN A 22 -3.61 5.33 -1.22
N LEU A 23 -4.12 4.29 -0.59
CA LEU A 23 -4.02 2.93 -1.13
C LEU A 23 -5.39 2.26 -1.19
N ARG A 24 -5.44 1.09 -1.80
CA ARG A 24 -6.68 0.34 -1.93
C ARG A 24 -6.42 -1.15 -1.99
N CYS A 25 -7.26 -1.94 -1.32
CA CYS A 25 -7.11 -3.38 -1.30
C CYS A 25 -8.25 -4.06 -2.06
N ARG A 26 -7.95 -5.17 -2.72
CA ARG A 26 -8.95 -5.90 -3.48
C ARG A 26 -9.80 -6.78 -2.56
N LEU A 27 -11.10 -6.49 -2.52
CA LEU A 27 -12.02 -7.25 -1.68
C LEU A 27 -13.03 -8.00 -2.53
N ARG A 28 -13.91 -8.75 -1.87
CA ARG A 28 -14.93 -9.52 -2.57
C ARG A 28 -16.14 -9.76 -1.67
N ASP A 29 -17.21 -10.29 -2.25
CA ASP A 29 -18.43 -10.57 -1.50
C ASP A 29 -18.21 -11.69 -0.50
N ASP A 30 -17.00 -12.25 -0.50
CA ASP A 30 -16.66 -13.34 0.41
C ASP A 30 -15.75 -12.85 1.53
N VAL A 31 -14.86 -11.91 1.20
CA VAL A 31 -13.94 -11.34 2.18
C VAL A 31 -14.61 -11.16 3.53
N GLN A 32 -13.89 -11.47 4.60
CA GLN A 32 -14.42 -11.34 5.94
C GLN A 32 -13.62 -10.32 6.76
N SER A 33 -12.32 -10.23 6.44
CA SER A 33 -11.45 -9.30 7.14
C SER A 33 -10.30 -8.86 6.24
N ILE A 34 -9.43 -7.99 6.76
CA ILE A 34 -8.30 -7.49 6.01
C ILE A 34 -7.08 -7.29 6.92
N ASN A 35 -5.91 -7.67 6.41
CA ASN A 35 -4.67 -7.54 7.17
C ASN A 35 -3.66 -6.69 6.40
N TRP A 36 -3.47 -5.45 6.86
CA TRP A 36 -2.52 -4.54 6.23
C TRP A 36 -1.09 -4.82 6.70
N LEU A 37 -0.16 -4.83 5.76
CA LEU A 37 1.24 -5.07 6.09
C LEU A 37 2.15 -4.10 5.34
N ARG A 38 3.37 -3.94 5.84
CA ARG A 38 4.33 -3.05 5.22
C ARG A 38 5.76 -3.53 5.46
N ASP A 39 6.44 -3.89 4.38
CA ASP A 39 7.82 -4.38 4.47
C ASP A 39 7.89 -5.69 5.25
N GLY A 40 6.78 -6.43 5.25
CA GLY A 40 6.73 -7.70 5.97
C GLY A 40 6.44 -7.51 7.44
N VAL A 41 5.43 -6.71 7.75
CA VAL A 41 5.04 -6.45 9.12
C VAL A 41 3.68 -5.77 9.21
N GLN A 42 2.97 -6.02 10.30
CA GLN A 42 1.64 -5.42 10.49
C GLN A 42 1.71 -3.91 10.40
N LEU A 43 0.81 -3.32 9.62
CA LEU A 43 0.77 -1.87 9.45
C LEU A 43 0.04 -1.21 10.62
N ALA A 44 0.48 -0.01 10.97
CA ALA A 44 -0.14 0.74 12.06
C ALA A 44 -0.58 2.13 11.61
N GLU A 45 -1.69 2.60 12.17
CA GLU A 45 -2.22 3.91 11.81
C GLU A 45 -1.78 4.97 12.83
N SER A 46 -1.73 6.22 12.39
CA SER A 46 -1.32 7.32 13.27
C SER A 46 -2.00 8.62 12.84
N ASN A 47 -1.66 9.70 13.53
CA ASN A 47 -2.22 11.01 13.23
C ASN A 47 -2.39 11.20 11.73
N ARG A 48 -1.40 10.75 10.97
CA ARG A 48 -1.43 10.86 9.51
C ARG A 48 -1.98 9.59 8.88
N THR A 49 -1.30 8.48 9.10
CA THR A 49 -1.71 7.20 8.55
C THR A 49 -3.12 6.84 9.01
N ARG A 50 -3.93 6.32 8.09
CA ARG A 50 -5.30 5.94 8.40
C ARG A 50 -5.70 4.69 7.63
N ILE A 51 -5.91 3.60 8.35
CA ILE A 51 -6.30 2.33 7.74
C ILE A 51 -7.79 2.07 7.91
N THR A 52 -8.56 2.33 6.86
CA THR A 52 -10.00 2.12 6.90
C THR A 52 -10.36 0.67 6.62
N GLY A 53 -9.35 -0.20 6.69
CA GLY A 53 -9.58 -1.62 6.45
C GLY A 53 -9.09 -2.05 5.08
N GLU A 54 -9.67 -1.47 4.04
CA GLU A 54 -9.30 -1.82 2.67
C GLU A 54 -8.68 -0.60 1.96
N GLU A 55 -8.65 0.53 2.65
CA GLU A 55 -8.08 1.74 2.09
C GLU A 55 -7.21 2.46 3.12
N VAL A 56 -5.95 2.68 2.78
CA VAL A 56 -5.01 3.36 3.67
C VAL A 56 -4.77 4.79 3.22
N GLU A 57 -4.69 5.71 4.18
CA GLU A 57 -4.46 7.12 3.88
C GLU A 57 -3.46 7.73 4.86
N VAL A 58 -2.34 8.22 4.33
CA VAL A 58 -1.30 8.82 5.15
C VAL A 58 -1.05 10.27 4.74
N GLN A 59 -1.42 11.21 5.61
CA GLN A 59 -1.23 12.62 5.33
C GLN A 59 0.22 13.02 5.50
N ASP A 60 0.65 14.02 4.74
CA ASP A 60 2.03 14.49 4.80
C ASP A 60 3.00 13.34 4.70
N SER A 61 2.72 12.40 3.80
CA SER A 61 3.57 11.23 3.61
C SER A 61 5.04 11.62 3.66
N VAL A 62 5.91 10.63 3.87
CA VAL A 62 7.35 10.87 3.93
C VAL A 62 8.12 9.72 3.30
N PRO A 63 9.40 9.99 2.95
CA PRO A 63 10.28 8.99 2.34
C PRO A 63 10.67 7.88 3.31
N ALA A 64 10.12 7.95 4.52
CA ALA A 64 10.41 6.95 5.54
C ALA A 64 9.25 5.96 5.69
N ASP A 65 8.05 6.41 5.36
CA ASP A 65 6.87 5.57 5.45
C ASP A 65 6.74 4.67 4.22
N SER A 66 7.41 5.05 3.15
CA SER A 66 7.38 4.29 1.90
C SER A 66 7.69 2.81 2.16
N GLY A 67 7.62 2.01 1.10
CA GLY A 67 7.90 0.59 1.24
C GLY A 67 6.98 -0.25 0.39
N LEU A 68 6.75 -1.50 0.82
CA LEU A 68 5.89 -2.42 0.09
C LEU A 68 4.70 -2.84 0.94
N TYR A 69 3.55 -2.22 0.70
CA TYR A 69 2.34 -2.54 1.44
C TYR A 69 1.68 -3.80 0.89
N ALA A 70 1.21 -4.67 1.79
CA ALA A 70 0.55 -5.90 1.39
C ALA A 70 -0.70 -6.13 2.21
N CYS A 71 -1.84 -6.21 1.54
CA CYS A 71 -3.12 -6.43 2.20
C CYS A 71 -3.57 -7.89 2.05
N VAL A 72 -3.83 -8.53 3.19
CA VAL A 72 -4.27 -9.92 3.18
C VAL A 72 -5.68 -10.06 3.76
N THR A 73 -6.61 -10.53 2.94
CA THR A 73 -7.99 -10.72 3.36
C THR A 73 -8.26 -12.16 3.76
N SER A 74 -9.13 -12.34 4.75
CA SER A 74 -9.47 -13.67 5.23
C SER A 74 -10.84 -14.10 4.71
N SER A 75 -10.84 -14.92 3.66
CA SER A 75 -12.08 -15.40 3.07
C SER A 75 -12.19 -16.92 3.21
N PRO A 76 -13.44 -17.41 3.27
CA PRO A 76 -13.72 -18.85 3.40
C PRO A 76 -13.36 -19.62 2.14
N SER A 77 -12.89 -18.91 1.12
CA SER A 77 -12.52 -19.53 -0.15
C SER A 77 -11.00 -19.44 -0.37
N GLY A 78 -10.35 -18.61 0.43
CA GLY A 78 -8.90 -18.46 0.30
C GLY A 78 -8.46 -17.03 0.53
N SER A 79 -7.52 -16.84 1.45
CA SER A 79 -7.01 -15.51 1.76
C SER A 79 -6.14 -14.98 0.63
N ASP A 80 -6.55 -13.86 0.05
CA ASP A 80 -5.80 -13.25 -1.04
C ASP A 80 -4.77 -12.26 -0.52
N THR A 81 -3.95 -11.73 -1.42
CA THR A 81 -2.92 -10.77 -1.04
C THR A 81 -2.69 -9.75 -2.15
N THR A 82 -2.63 -8.47 -1.78
CA THR A 82 -2.42 -7.40 -2.75
C THR A 82 -1.22 -6.53 -2.34
N TYR A 83 -0.24 -6.45 -3.23
CA TYR A 83 0.95 -5.65 -2.95
C TYR A 83 0.80 -4.24 -3.52
N PHE A 84 1.53 -3.29 -2.93
CA PHE A 84 1.47 -1.90 -3.37
C PHE A 84 2.81 -1.21 -3.17
N SER A 85 3.52 -0.98 -4.26
CA SER A 85 4.83 -0.34 -4.20
C SER A 85 4.68 1.18 -4.01
N VAL A 86 5.07 1.66 -2.84
CA VAL A 86 4.98 3.08 -2.53
C VAL A 86 6.37 3.71 -2.47
N ASN A 87 6.48 4.92 -3.00
CA ASN A 87 7.75 5.65 -3.01
C ASN A 87 7.53 7.13 -2.77
N VAL A 88 7.88 7.60 -1.57
CA VAL A 88 7.72 9.01 -1.23
C VAL A 88 9.05 9.75 -1.33
N SER A 89 9.08 10.74 -2.23
CA SER A 89 10.30 11.53 -2.43
C SER A 89 9.98 12.83 -3.17
N ASP A 90 10.57 13.93 -2.72
CA ASP A 90 10.36 15.23 -3.34
C ASP A 90 10.50 15.14 -4.85
N ALA A 91 11.21 14.11 -5.31
CA ALA A 91 11.42 13.90 -6.74
C ALA A 91 10.17 13.34 -7.41
N LEU A 92 9.57 14.14 -8.29
CA LEU A 92 8.36 13.71 -9.00
C LEU A 92 8.45 14.07 -10.47
N PRO A 93 7.85 13.22 -11.33
CA PRO A 93 7.83 13.43 -12.78
C PRO A 93 6.97 14.61 -13.19
N SER A 94 7.61 15.66 -13.70
CA SER A 94 6.89 16.85 -14.13
C SER A 94 7.77 17.71 -15.05
N GLY A 95 7.14 18.33 -16.04
CA GLY A 95 7.87 19.17 -16.97
C GLY A 95 8.08 20.57 -16.45
N PRO A 96 8.57 21.47 -17.32
CA PRO A 96 8.82 22.87 -16.96
C PRO A 96 7.53 23.65 -16.71
N SER A 97 7.65 24.82 -16.11
CA SER A 97 6.51 25.66 -15.82
C SER A 97 6.13 26.52 -17.02
N SER A 98 4.88 26.41 -17.45
CA SER A 98 4.39 27.16 -18.60
C SER A 98 4.54 28.67 -18.37
N GLY A 99 5.55 29.26 -18.99
CA GLY A 99 5.79 30.68 -18.84
C GLY A 99 4.55 31.51 -19.15
N GLY A 1 8.96 -19.07 -20.17
CA GLY A 1 8.11 -18.39 -19.21
C GLY A 1 8.82 -17.25 -18.52
N SER A 2 8.76 -17.22 -17.20
CA SER A 2 9.40 -16.17 -16.41
C SER A 2 9.84 -16.69 -15.05
N SER A 3 10.97 -16.20 -14.57
CA SER A 3 11.51 -16.62 -13.28
C SER A 3 10.63 -16.12 -12.14
N GLY A 4 10.11 -17.06 -11.34
CA GLY A 4 9.25 -16.70 -10.23
C GLY A 4 8.52 -17.90 -9.65
N SER A 5 7.67 -17.65 -8.67
CA SER A 5 6.91 -18.71 -8.02
C SER A 5 5.44 -18.61 -8.39
N SER A 6 4.85 -17.44 -8.18
CA SER A 6 3.44 -17.21 -8.50
C SER A 6 3.22 -15.80 -9.03
N GLY A 7 2.25 -15.66 -9.94
CA GLY A 7 1.96 -14.36 -10.50
C GLY A 7 1.20 -13.47 -9.55
N VAL A 8 1.72 -12.25 -9.35
CA VAL A 8 1.08 -11.29 -8.45
C VAL A 8 1.08 -9.90 -9.06
N GLU A 9 0.19 -9.04 -8.55
CA GLU A 9 0.08 -7.67 -9.04
C GLU A 9 0.59 -6.68 -8.00
N VAL A 10 1.69 -6.00 -8.33
CA VAL A 10 2.29 -5.02 -7.43
C VAL A 10 2.02 -3.61 -7.91
N GLU A 11 0.93 -3.02 -7.43
CA GLU A 11 0.55 -1.66 -7.81
C GLU A 11 1.63 -0.67 -7.39
N SER A 12 2.27 -0.06 -8.39
CA SER A 12 3.34 0.91 -8.14
C SER A 12 2.75 2.29 -7.84
N PHE A 13 3.46 3.06 -7.04
CA PHE A 13 3.02 4.41 -6.68
C PHE A 13 4.20 5.36 -6.56
N LEU A 14 3.91 6.66 -6.51
CA LEU A 14 4.94 7.67 -6.40
C LEU A 14 4.39 8.95 -5.78
N VAL A 15 5.02 9.40 -4.70
CA VAL A 15 4.59 10.61 -4.01
C VAL A 15 5.79 11.36 -3.43
N HIS A 16 5.50 12.44 -2.69
CA HIS A 16 6.55 13.23 -2.08
C HIS A 16 6.26 13.49 -0.61
N PRO A 17 7.25 14.03 0.12
CA PRO A 17 7.12 14.33 1.54
C PRO A 17 6.15 15.49 1.81
N GLY A 18 4.90 15.15 2.09
CA GLY A 18 3.90 16.17 2.36
C GLY A 18 2.60 15.90 1.65
N ASP A 19 2.62 14.96 0.71
CA ASP A 19 1.42 14.62 -0.05
C ASP A 19 0.55 13.63 0.73
N LEU A 20 -0.52 13.17 0.10
CA LEU A 20 -1.43 12.22 0.73
C LEU A 20 -1.32 10.85 0.09
N LEU A 21 -0.77 9.90 0.84
CA LEU A 21 -0.60 8.53 0.35
C LEU A 21 -1.89 7.73 0.53
N GLN A 22 -2.59 7.52 -0.58
CA GLN A 22 -3.84 6.77 -0.54
C GLN A 22 -3.69 5.43 -1.27
N LEU A 23 -4.06 4.34 -0.59
CA LEU A 23 -3.97 3.01 -1.16
C LEU A 23 -5.33 2.32 -1.14
N ARG A 24 -5.43 1.20 -1.87
CA ARG A 24 -6.67 0.45 -1.93
C ARG A 24 -6.38 -1.04 -2.06
N CYS A 25 -7.21 -1.86 -1.41
CA CYS A 25 -7.05 -3.31 -1.46
C CYS A 25 -8.25 -3.98 -2.11
N ARG A 26 -7.99 -4.84 -3.08
CA ARG A 26 -9.06 -5.54 -3.80
C ARG A 26 -9.75 -6.54 -2.87
N LEU A 27 -11.01 -6.26 -2.55
CA LEU A 27 -11.79 -7.14 -1.69
C LEU A 27 -12.72 -8.03 -2.50
N ARG A 28 -13.34 -9.00 -1.83
CA ARG A 28 -14.26 -9.92 -2.49
C ARG A 28 -15.62 -9.91 -1.81
N ASP A 29 -16.54 -10.70 -2.34
CA ASP A 29 -17.89 -10.79 -1.78
C ASP A 29 -17.93 -11.78 -0.62
N ASP A 30 -16.81 -12.44 -0.37
CA ASP A 30 -16.71 -13.41 0.71
C ASP A 30 -15.80 -12.90 1.82
N VAL A 31 -14.82 -12.10 1.45
CA VAL A 31 -13.88 -11.55 2.42
C VAL A 31 -14.56 -11.28 3.76
N GLN A 32 -13.86 -11.55 4.85
CA GLN A 32 -14.40 -11.34 6.19
C GLN A 32 -13.59 -10.27 6.93
N SER A 33 -12.29 -10.27 6.71
CA SER A 33 -11.41 -9.31 7.36
C SER A 33 -10.26 -8.90 6.45
N ILE A 34 -9.42 -7.99 6.92
CA ILE A 34 -8.28 -7.52 6.14
C ILE A 34 -7.06 -7.32 7.03
N ASN A 35 -5.89 -7.66 6.49
CA ASN A 35 -4.64 -7.51 7.23
C ASN A 35 -3.62 -6.71 6.42
N TRP A 36 -3.45 -5.44 6.77
CA TRP A 36 -2.51 -4.57 6.09
C TRP A 36 -1.08 -4.85 6.54
N LEU A 37 -0.15 -4.86 5.58
CA LEU A 37 1.25 -5.11 5.89
C LEU A 37 2.16 -4.12 5.16
N ARG A 38 3.38 -3.96 5.66
CA ARG A 38 4.33 -3.05 5.05
C ARG A 38 5.77 -3.53 5.28
N ASP A 39 6.45 -3.85 4.19
CA ASP A 39 7.83 -4.32 4.27
C ASP A 39 7.90 -5.64 5.04
N GLY A 40 6.80 -6.38 5.05
CA GLY A 40 6.77 -7.66 5.76
C GLY A 40 6.47 -7.48 7.23
N VAL A 41 5.46 -6.69 7.55
CA VAL A 41 5.07 -6.45 8.93
C VAL A 41 3.70 -5.78 9.01
N GLN A 42 2.95 -6.12 10.06
CA GLN A 42 1.62 -5.54 10.25
C GLN A 42 1.68 -4.02 10.25
N LEU A 43 0.83 -3.41 9.43
CA LEU A 43 0.78 -1.95 9.33
C LEU A 43 0.01 -1.35 10.49
N ALA A 44 0.26 -0.07 10.77
CA ALA A 44 -0.41 0.62 11.86
C ALA A 44 -0.87 2.02 11.43
N GLU A 45 -1.95 2.48 12.03
CA GLU A 45 -2.49 3.80 11.71
C GLU A 45 -2.04 4.84 12.73
N SER A 46 -2.00 6.09 12.30
CA SER A 46 -1.58 7.18 13.18
C SER A 46 -2.15 8.52 12.71
N ASN A 47 -1.87 9.58 13.46
CA ASN A 47 -2.36 10.91 13.11
C ASN A 47 -2.35 11.11 11.60
N ARG A 48 -1.36 10.53 10.93
CA ARG A 48 -1.25 10.64 9.49
C ARG A 48 -1.84 9.42 8.79
N THR A 49 -1.28 8.25 9.07
CA THR A 49 -1.75 7.02 8.48
C THR A 49 -3.17 6.69 8.94
N ARG A 50 -4.00 6.24 7.99
CA ARG A 50 -5.38 5.89 8.30
C ARG A 50 -5.82 4.65 7.53
N ILE A 51 -6.01 3.55 8.25
CA ILE A 51 -6.42 2.30 7.64
C ILE A 51 -7.91 2.04 7.86
N THR A 52 -8.71 2.28 6.82
CA THR A 52 -10.15 2.08 6.90
C THR A 52 -10.52 0.63 6.57
N GLY A 53 -9.53 -0.24 6.63
CA GLY A 53 -9.77 -1.65 6.34
C GLY A 53 -9.17 -2.08 5.02
N GLU A 54 -9.70 -1.54 3.93
CA GLU A 54 -9.20 -1.88 2.60
C GLU A 54 -8.62 -0.65 1.91
N GLU A 55 -8.55 0.46 2.65
CA GLU A 55 -8.01 1.70 2.10
C GLU A 55 -7.13 2.40 3.12
N VAL A 56 -5.88 2.67 2.75
CA VAL A 56 -4.94 3.34 3.64
C VAL A 56 -4.70 4.78 3.20
N GLU A 57 -4.71 5.70 4.17
CA GLU A 57 -4.50 7.10 3.88
C GLU A 57 -3.51 7.72 4.87
N VAL A 58 -2.38 8.20 4.35
CA VAL A 58 -1.35 8.81 5.18
C VAL A 58 -1.12 10.26 4.80
N GLN A 59 -1.49 11.17 5.69
CA GLN A 59 -1.32 12.60 5.45
C GLN A 59 0.13 13.02 5.64
N ASP A 60 0.60 13.91 4.78
CA ASP A 60 1.98 14.39 4.85
C ASP A 60 2.97 13.24 4.73
N SER A 61 2.68 12.32 3.81
CA SER A 61 3.54 11.17 3.59
C SER A 61 5.01 11.57 3.67
N VAL A 62 5.87 10.58 3.90
CA VAL A 62 7.30 10.82 4.00
C VAL A 62 8.10 9.69 3.38
N PRO A 63 9.38 9.95 3.07
CA PRO A 63 10.27 8.96 2.46
C PRO A 63 10.65 7.84 3.44
N ALA A 64 10.08 7.90 4.63
CA ALA A 64 10.35 6.90 5.66
C ALA A 64 9.19 5.92 5.78
N ASP A 65 7.99 6.36 5.42
CA ASP A 65 6.81 5.52 5.49
C ASP A 65 6.69 4.64 4.24
N SER A 66 7.30 5.10 3.15
CA SER A 66 7.25 4.36 1.89
C SER A 66 7.65 2.90 2.11
N GLY A 67 7.41 2.08 1.09
CA GLY A 67 7.74 0.66 1.18
C GLY A 67 6.82 -0.20 0.34
N LEU A 68 6.75 -1.49 0.68
CA LEU A 68 5.91 -2.42 -0.05
C LEU A 68 4.71 -2.84 0.78
N TYR A 69 3.59 -2.16 0.59
CA TYR A 69 2.37 -2.46 1.32
C TYR A 69 1.70 -3.72 0.78
N ALA A 70 1.25 -4.58 1.68
CA ALA A 70 0.58 -5.83 1.29
C ALA A 70 -0.64 -6.09 2.16
N CYS A 71 -1.81 -6.13 1.52
CA CYS A 71 -3.06 -6.37 2.22
C CYS A 71 -3.50 -7.82 2.09
N VAL A 72 -3.82 -8.45 3.21
CA VAL A 72 -4.25 -9.84 3.21
C VAL A 72 -5.67 -9.98 3.75
N THR A 73 -6.58 -10.43 2.89
CA THR A 73 -7.98 -10.61 3.27
C THR A 73 -8.29 -12.07 3.58
N SER A 74 -8.93 -12.30 4.71
CA SER A 74 -9.30 -13.65 5.12
C SER A 74 -10.73 -13.98 4.75
N SER A 75 -10.90 -15.00 3.91
CA SER A 75 -12.23 -15.40 3.47
C SER A 75 -12.48 -16.88 3.79
N PRO A 76 -13.76 -17.25 3.92
CA PRO A 76 -14.17 -18.61 4.23
C PRO A 76 -13.92 -19.57 3.06
N SER A 77 -13.39 -19.03 1.96
CA SER A 77 -13.11 -19.83 0.78
C SER A 77 -11.62 -19.81 0.46
N GLY A 78 -10.89 -18.92 1.12
CA GLY A 78 -9.45 -18.81 0.89
C GLY A 78 -8.88 -17.50 1.40
N SER A 79 -7.87 -17.00 0.72
CA SER A 79 -7.22 -15.76 1.10
C SER A 79 -6.51 -15.12 -0.08
N ASP A 80 -6.50 -13.79 -0.13
CA ASP A 80 -5.85 -13.06 -1.20
C ASP A 80 -4.82 -12.09 -0.66
N THR A 81 -3.96 -11.58 -1.54
CA THR A 81 -2.91 -10.64 -1.14
C THR A 81 -2.65 -9.62 -2.24
N THR A 82 -2.68 -8.34 -1.86
CA THR A 82 -2.45 -7.26 -2.82
C THR A 82 -1.26 -6.39 -2.39
N TYR A 83 -0.26 -6.33 -3.24
CA TYR A 83 0.94 -5.54 -2.96
C TYR A 83 0.81 -4.13 -3.54
N PHE A 84 1.62 -3.22 -3.02
CA PHE A 84 1.61 -1.83 -3.49
C PHE A 84 2.96 -1.17 -3.26
N SER A 85 3.70 -0.97 -4.36
CA SER A 85 5.02 -0.35 -4.28
C SER A 85 4.90 1.17 -4.16
N VAL A 86 5.15 1.68 -2.95
CA VAL A 86 5.08 3.12 -2.71
C VAL A 86 6.47 3.74 -2.65
N ASN A 87 6.55 5.02 -3.01
CA ASN A 87 7.82 5.74 -3.00
C ASN A 87 7.60 7.23 -2.74
N VAL A 88 7.93 7.66 -1.54
CA VAL A 88 7.78 9.07 -1.16
C VAL A 88 9.11 9.81 -1.26
N SER A 89 9.16 10.83 -2.10
CA SER A 89 10.36 11.63 -2.28
C SER A 89 10.05 12.95 -2.98
N ASP A 90 10.68 14.02 -2.51
CA ASP A 90 10.48 15.34 -3.09
C ASP A 90 10.70 15.32 -4.60
N ALA A 91 11.47 14.34 -5.06
CA ALA A 91 11.77 14.20 -6.48
C ALA A 91 10.65 13.46 -7.20
N LEU A 92 10.18 14.04 -8.31
CA LEU A 92 9.11 13.43 -9.09
C LEU A 92 9.42 13.48 -10.58
N PRO A 93 8.96 12.47 -11.32
CA PRO A 93 9.18 12.38 -12.77
C PRO A 93 8.37 13.44 -13.54
N SER A 94 7.42 14.05 -12.86
CA SER A 94 6.58 15.07 -13.47
C SER A 94 6.70 16.41 -12.73
N GLY A 95 7.38 17.37 -13.35
CA GLY A 95 7.55 18.66 -12.73
C GLY A 95 6.68 19.73 -13.36
N PRO A 96 7.31 20.60 -14.17
CA PRO A 96 6.61 21.69 -14.86
C PRO A 96 5.69 21.18 -15.97
N SER A 97 4.49 21.74 -16.02
CA SER A 97 3.50 21.34 -17.04
C SER A 97 3.37 22.41 -18.11
N SER A 98 3.22 23.66 -17.69
CA SER A 98 3.08 24.77 -18.61
C SER A 98 4.41 25.50 -18.81
N GLY A 99 4.88 25.54 -20.05
CA GLY A 99 6.14 26.20 -20.34
C GLY A 99 7.28 25.23 -20.50
#